data_3JSC
# 
_entry.id   3JSC 
# 
_audit_conform.dict_name       mmcif_pdbx.dic 
_audit_conform.dict_version    5.380 
_audit_conform.dict_location   http://mmcif.pdb.org/dictionaries/ascii/mmcif_pdbx.dic 
# 
loop_
_database_2.database_id 
_database_2.database_code 
_database_2.pdbx_database_accession 
_database_2.pdbx_DOI 
PDB   3JSC         pdb_00003jsc 10.2210/pdb3jsc/pdb 
RCSB  RCSB055097   ?            ?                   
WWPDB D_1000055097 ?            ?                   
# 
loop_
_pdbx_database_related.db_name 
_pdbx_database_related.db_id 
_pdbx_database_related.details 
_pdbx_database_related.content_type 
PDB 1VUB 'CcdB dimer'        unspecified 
PDB 2VUB 'CcdB dimer'        unspecified 
PDB 3VUB 'CcdB dimer'        unspecified 
PDB 4VUB 'CcdB dimer'        unspecified 
PDB 3JRZ 'CcdBVfi structure' unspecified 
# 
_pdbx_database_status.status_code                     REL 
_pdbx_database_status.entry_id                        3JSC 
_pdbx_database_status.recvd_initial_deposition_date   2009-09-10 
_pdbx_database_status.deposit_site                    RCSB 
_pdbx_database_status.process_site                    PDBJ 
_pdbx_database_status.status_code_sf                  REL 
_pdbx_database_status.status_code_mr                  ? 
_pdbx_database_status.SG_entry                        ? 
_pdbx_database_status.pdb_format_compatible           Y 
_pdbx_database_status.status_code_cs                  ? 
_pdbx_database_status.status_code_nmr_data            ? 
_pdbx_database_status.methods_development_category    ? 
# 
loop_
_audit_author.name 
_audit_author.pdbx_ordinal 
'De Jonge, N.' 1 
'Buts, L.'     2 
'Loris, R.'    3 
# 
loop_
_citation.id 
_citation.title 
_citation.journal_abbrev 
_citation.journal_volume 
_citation.page_first 
_citation.page_last 
_citation.year 
_citation.journal_id_ASTM 
_citation.country 
_citation.journal_id_ISSN 
_citation.journal_id_CSD 
_citation.book_publisher 
_citation.pdbx_database_id_PubMed 
_citation.pdbx_database_id_DOI 
primary 'Structural and thermodynamic characterization of vibrio fischeri CCDB'                                        
J.Biol.Chem.               285 5606 5613 2010 JBCHA3 US 0021-9258 0071 ? 19959472 10.1074/jbc.M109.068429   
1       'Purification and crystallization of Vibrio fischeri CcdB and its complexes with fragments of gyrase and CcdA' 
'Acta Crystallogr.,Sect.F' 63  356  360  2007 ?      DK 1744-3091 ?    ? 17401216 10.1107/S1744309107012092 
# 
loop_
_citation_author.citation_id 
_citation_author.name 
_citation_author.ordinal 
_citation_author.identifier_ORCID 
primary 'De Jonge, N.'     1  ? 
primary 'Hohlweg, W.'      2  ? 
primary 'Garcia-Pino, A.'  3  ? 
primary 'Respondek, M.'    4  ? 
primary 'Buts, L.'         5  ? 
primary 'Haesaerts, S.'    6  ? 
primary 'Lah, J.'          7  ? 
primary 'Zangger, K.'      8  ? 
primary 'Loris, R.'        9  ? 
1       'De Jonge, N.'     10 ? 
1       'Buts, L.'         11 ? 
1       'Vangelooven, J.'  12 ? 
1       'Mine, N.'         13 ? 
1       'Van Melderen, L.' 14 ? 
1       'Wyns, L.'         15 ? 
1       'Loris, R.'        16 ? 
# 
_cell.entry_id           3JSC 
_cell.length_a           84.487 
_cell.length_b           84.487 
_cell.length_c           84.487 
_cell.angle_alpha        90.00 
_cell.angle_beta         90.00 
_cell.angle_gamma        90.00 
_cell.Z_PDB              24 
_cell.pdbx_unique_axis   ? 
_cell.length_a_esd       ? 
_cell.length_b_esd       ? 
_cell.length_c_esd       ? 
_cell.angle_alpha_esd    ? 
_cell.angle_beta_esd     ? 
_cell.angle_gamma_esd    ? 
# 
_symmetry.entry_id                         3JSC 
_symmetry.space_group_name_H-M             'I 21 3' 
_symmetry.pdbx_full_space_group_name_H-M   ? 
_symmetry.cell_setting                     ? 
_symmetry.Int_Tables_number                199 
_symmetry.space_group_name_Hall            ? 
# 
loop_
_entity.id 
_entity.type 
_entity.src_method 
_entity.pdbx_description 
_entity.formula_weight 
_entity.pdbx_number_of_molecules 
_entity.pdbx_ec 
_entity.pdbx_mutation 
_entity.pdbx_fragment 
_entity.details 
1 polymer     man CcdB          11879.721 1  ? ? ? ? 
2 non-polymer syn 'SULFATE ION' 96.063    1  ? ? ? ? 
3 water       nat water         18.015    72 ? ? ? ? 
# 
_entity_poly.entity_id                      1 
_entity_poly.type                           'polypeptide(L)' 
_entity_poly.nstd_linkage                   no 
_entity_poly.nstd_monomer                   no 
_entity_poly.pdbx_seq_one_letter_code       
;MSQFTLYKNKDKSSAKTYPYFVDVQSDLLDNLNTRLVIPLTPIELLDKKAPSHLCPTIHIDEGDFIMLTQQMTSVPVKIL
SEPVNELSTFRNEIIAAIDFLITGI
;
_entity_poly.pdbx_seq_one_letter_code_can   
;MSQFTLYKNKDKSSAKTYPYFVDVQSDLLDNLNTRLVIPLTPIELLDKKAPSHLCPTIHIDEGDFIMLTQQMTSVPVKIL
SEPVNELSTFRNEIIAAIDFLITGI
;
_entity_poly.pdbx_strand_id                 A 
_entity_poly.pdbx_target_identifier         ? 
# 
loop_
_entity_poly_seq.entity_id 
_entity_poly_seq.num 
_entity_poly_seq.mon_id 
_entity_poly_seq.hetero 
1 1   MET n 
1 2   SER n 
1 3   GLN n 
1 4   PHE n 
1 5   THR n 
1 6   LEU n 
1 7   TYR n 
1 8   LYS n 
1 9   ASN n 
1 10  LYS n 
1 11  ASP n 
1 12  LYS n 
1 13  SER n 
1 14  SER n 
1 15  ALA n 
1 16  LYS n 
1 17  THR n 
1 18  TYR n 
1 19  PRO n 
1 20  TYR n 
1 21  PHE n 
1 22  VAL n 
1 23  ASP n 
1 24  VAL n 
1 25  GLN n 
1 26  SER n 
1 27  ASP n 
1 28  LEU n 
1 29  LEU n 
1 30  ASP n 
1 31  ASN n 
1 32  LEU n 
1 33  ASN n 
1 34  THR n 
1 35  ARG n 
1 36  LEU n 
1 37  VAL n 
1 38  ILE n 
1 39  PRO n 
1 40  LEU n 
1 41  THR n 
1 42  PRO n 
1 43  ILE n 
1 44  GLU n 
1 45  LEU n 
1 46  LEU n 
1 47  ASP n 
1 48  LYS n 
1 49  LYS n 
1 50  ALA n 
1 51  PRO n 
1 52  SER n 
1 53  HIS n 
1 54  LEU n 
1 55  CYS n 
1 56  PRO n 
1 57  THR n 
1 58  ILE n 
1 59  HIS n 
1 60  ILE n 
1 61  ASP n 
1 62  GLU n 
1 63  GLY n 
1 64  ASP n 
1 65  PHE n 
1 66  ILE n 
1 67  MET n 
1 68  LEU n 
1 69  THR n 
1 70  GLN n 
1 71  GLN n 
1 72  MET n 
1 73  THR n 
1 74  SER n 
1 75  VAL n 
1 76  PRO n 
1 77  VAL n 
1 78  LYS n 
1 79  ILE n 
1 80  LEU n 
1 81  SER n 
1 82  GLU n 
1 83  PRO n 
1 84  VAL n 
1 85  ASN n 
1 86  GLU n 
1 87  LEU n 
1 88  SER n 
1 89  THR n 
1 90  PHE n 
1 91  ARG n 
1 92  ASN n 
1 93  GLU n 
1 94  ILE n 
1 95  ILE n 
1 96  ALA n 
1 97  ALA n 
1 98  ILE n 
1 99  ASP n 
1 100 PHE n 
1 101 LEU n 
1 102 ILE n 
1 103 THR n 
1 104 GLY n 
1 105 ILE n 
# 
_entity_src_gen.entity_id                          1 
_entity_src_gen.pdbx_src_id                        1 
_entity_src_gen.pdbx_alt_source_flag               sample 
_entity_src_gen.pdbx_seq_type                      ? 
_entity_src_gen.pdbx_beg_seq_num                   ? 
_entity_src_gen.pdbx_end_seq_num                   ? 
_entity_src_gen.gene_src_common_name               ? 
_entity_src_gen.gene_src_genus                     ? 
_entity_src_gen.pdbx_gene_src_gene                 ccdB 
_entity_src_gen.gene_src_species                   ? 
_entity_src_gen.gene_src_strain                    ? 
_entity_src_gen.gene_src_tissue                    ? 
_entity_src_gen.gene_src_tissue_fraction           ? 
_entity_src_gen.gene_src_details                   'tac promotor' 
_entity_src_gen.pdbx_gene_src_fragment             ? 
_entity_src_gen.pdbx_gene_src_scientific_name      'Vibrio fischeri' 
_entity_src_gen.pdbx_gene_src_ncbi_taxonomy_id     668 
_entity_src_gen.pdbx_gene_src_variant              ? 
_entity_src_gen.pdbx_gene_src_cell_line            ? 
_entity_src_gen.pdbx_gene_src_atcc                 ? 
_entity_src_gen.pdbx_gene_src_organ                ? 
_entity_src_gen.pdbx_gene_src_organelle            ? 
_entity_src_gen.pdbx_gene_src_cell                 ? 
_entity_src_gen.pdbx_gene_src_cellular_location    ? 
_entity_src_gen.host_org_common_name               ? 
_entity_src_gen.pdbx_host_org_scientific_name      'Escherichia coli' 
_entity_src_gen.pdbx_host_org_ncbi_taxonomy_id     562 
_entity_src_gen.host_org_genus                     ? 
_entity_src_gen.pdbx_host_org_gene                 ? 
_entity_src_gen.pdbx_host_org_organ                ? 
_entity_src_gen.host_org_species                   ? 
_entity_src_gen.pdbx_host_org_tissue               ? 
_entity_src_gen.pdbx_host_org_tissue_fraction      ? 
_entity_src_gen.pdbx_host_org_strain               B462 
_entity_src_gen.pdbx_host_org_variant              ? 
_entity_src_gen.pdbx_host_org_cell_line            ? 
_entity_src_gen.pdbx_host_org_atcc                 ? 
_entity_src_gen.pdbx_host_org_culture_collection   ? 
_entity_src_gen.pdbx_host_org_cell                 ? 
_entity_src_gen.pdbx_host_org_organelle            ? 
_entity_src_gen.pdbx_host_org_cellular_location    ? 
_entity_src_gen.pdbx_host_org_vector_type          plasmid 
_entity_src_gen.pdbx_host_org_vector               ? 
_entity_src_gen.host_org_details                   ? 
_entity_src_gen.expression_system_id               ? 
_entity_src_gen.plasmid_name                       pKK223-3 
_entity_src_gen.plasmid_details                    ? 
_entity_src_gen.pdbx_description                   ? 
# 
_struct_ref.id                         1 
_struct_ref.db_name                    UNP 
_struct_ref.db_code                    Q84B82_VIBFI 
_struct_ref.pdbx_db_accession          Q84B82 
_struct_ref.entity_id                  1 
_struct_ref.pdbx_seq_one_letter_code   
;MSQFTLYKNKDKSSAKTYPYFVDVQSDLLDNLNTRLVIPLTPIELLDKKAPSHLCPTIHIDEGDFIMLTQQMTSVPVKIL
SEPVNELSTFRNEIIAAIDFLITGI
;
_struct_ref.pdbx_align_begin           1 
_struct_ref.pdbx_db_isoform            ? 
# 
_struct_ref_seq.align_id                      1 
_struct_ref_seq.ref_id                        1 
_struct_ref_seq.pdbx_PDB_id_code              3JSC 
_struct_ref_seq.pdbx_strand_id                A 
_struct_ref_seq.seq_align_beg                 1 
_struct_ref_seq.pdbx_seq_align_beg_ins_code   ? 
_struct_ref_seq.seq_align_end                 105 
_struct_ref_seq.pdbx_seq_align_end_ins_code   ? 
_struct_ref_seq.pdbx_db_accession             Q84B82 
_struct_ref_seq.db_align_beg                  1 
_struct_ref_seq.pdbx_db_align_beg_ins_code    ? 
_struct_ref_seq.db_align_end                  105 
_struct_ref_seq.pdbx_db_align_end_ins_code    ? 
_struct_ref_seq.pdbx_auth_seq_align_beg       1 
_struct_ref_seq.pdbx_auth_seq_align_end       105 
# 
loop_
_chem_comp.id 
_chem_comp.type 
_chem_comp.mon_nstd_flag 
_chem_comp.name 
_chem_comp.pdbx_synonyms 
_chem_comp.formula 
_chem_comp.formula_weight 
ALA 'L-peptide linking' y ALANINE         ? 'C3 H7 N O2'     89.093  
ARG 'L-peptide linking' y ARGININE        ? 'C6 H15 N4 O2 1' 175.209 
ASN 'L-peptide linking' y ASPARAGINE      ? 'C4 H8 N2 O3'    132.118 
ASP 'L-peptide linking' y 'ASPARTIC ACID' ? 'C4 H7 N O4'     133.103 
CYS 'L-peptide linking' y CYSTEINE        ? 'C3 H7 N O2 S'   121.158 
GLN 'L-peptide linking' y GLUTAMINE       ? 'C5 H10 N2 O3'   146.144 
GLU 'L-peptide linking' y 'GLUTAMIC ACID' ? 'C5 H9 N O4'     147.129 
GLY 'peptide linking'   y GLYCINE         ? 'C2 H5 N O2'     75.067  
HIS 'L-peptide linking' y HISTIDINE       ? 'C6 H10 N3 O2 1' 156.162 
HOH non-polymer         . WATER           ? 'H2 O'           18.015  
ILE 'L-peptide linking' y ISOLEUCINE      ? 'C6 H13 N O2'    131.173 
LEU 'L-peptide linking' y LEUCINE         ? 'C6 H13 N O2'    131.173 
LYS 'L-peptide linking' y LYSINE          ? 'C6 H15 N2 O2 1' 147.195 
MET 'L-peptide linking' y METHIONINE      ? 'C5 H11 N O2 S'  149.211 
PHE 'L-peptide linking' y PHENYLALANINE   ? 'C9 H11 N O2'    165.189 
PRO 'L-peptide linking' y PROLINE         ? 'C5 H9 N O2'     115.130 
SER 'L-peptide linking' y SERINE          ? 'C3 H7 N O3'     105.093 
SO4 non-polymer         . 'SULFATE ION'   ? 'O4 S -2'        96.063  
THR 'L-peptide linking' y THREONINE       ? 'C4 H9 N O3'     119.119 
TYR 'L-peptide linking' y TYROSINE        ? 'C9 H11 N O3'    181.189 
VAL 'L-peptide linking' y VALINE          ? 'C5 H11 N O2'    117.146 
# 
_exptl.entry_id          3JSC 
_exptl.method            'X-RAY DIFFRACTION' 
_exptl.crystals_number   1 
# 
_exptl_crystal.id                    1 
_exptl_crystal.density_meas          ? 
_exptl_crystal.density_Matthews      2.12 
_exptl_crystal.density_percent_sol   41.85 
_exptl_crystal.description           ? 
_exptl_crystal.F_000                 ? 
_exptl_crystal.preparation           ? 
# 
_exptl_crystal_grow.crystal_id      1 
_exptl_crystal_grow.method          'VAPOR DIFFUSION, HANGING DROP' 
_exptl_crystal_grow.temp            293 
_exptl_crystal_grow.temp_details    ? 
_exptl_crystal_grow.pH              7.0 
_exptl_crystal_grow.pdbx_details    '50mM Tris pH 7.0, 35% PEG 400, 250mM LiSO4, VAPOR DIFFUSION, HANGING DROP, temperature 293K' 
_exptl_crystal_grow.pdbx_pH_range   . 
# 
_diffrn.id                     1 
_diffrn.ambient_temp           100 
_diffrn.ambient_temp_details   ? 
_diffrn.crystal_id             1 
# 
_diffrn_detector.diffrn_id              1 
_diffrn_detector.detector               CCD 
_diffrn_detector.type                   'MAR CCD 165 mm' 
_diffrn_detector.pdbx_collection_date   2006-10-12 
_diffrn_detector.details                ? 
# 
_diffrn_radiation.diffrn_id                        1 
_diffrn_radiation.wavelength_id                    1 
_diffrn_radiation.pdbx_monochromatic_or_laue_m_l   M 
_diffrn_radiation.monochromator                    ? 
_diffrn_radiation.pdbx_diffrn_protocol             'SINGLE WAVELENGTH' 
_diffrn_radiation.pdbx_scattering_type             x-ray 
# 
_diffrn_radiation_wavelength.id           1 
_diffrn_radiation_wavelength.wavelength   0.8162 
_diffrn_radiation_wavelength.wt           1.0 
# 
_diffrn_source.diffrn_id                   1 
_diffrn_source.source                      SYNCHROTRON 
_diffrn_source.type                        'EMBL/DESY, HAMBURG BEAMLINE X11' 
_diffrn_source.pdbx_synchrotron_site       'EMBL/DESY, HAMBURG' 
_diffrn_source.pdbx_synchrotron_beamline   X11 
_diffrn_source.pdbx_wavelength             ? 
_diffrn_source.pdbx_wavelength_list        0.8162 
# 
_reflns.entry_id                     3JSC 
_reflns.observed_criterion_sigma_I   -3 
_reflns.observed_criterion_sigma_F   0 
_reflns.d_resolution_low             19.914 
_reflns.d_resolution_high            1.5 
_reflns.number_obs                   16225 
_reflns.number_all                   16225 
_reflns.percent_possible_obs         100.0 
_reflns.pdbx_Rmerge_I_obs            0.047 
_reflns.pdbx_Rsym_value              0.047 
_reflns.pdbx_netI_over_sigmaI        34.2 
_reflns.B_iso_Wilson_estimate        14.550 
_reflns.pdbx_redundancy              18.89 
_reflns.R_free_details               ? 
_reflns.limit_h_max                  ? 
_reflns.limit_h_min                  ? 
_reflns.limit_k_max                  ? 
_reflns.limit_k_min                  ? 
_reflns.limit_l_max                  ? 
_reflns.limit_l_min                  ? 
_reflns.observed_criterion_F_max     ? 
_reflns.observed_criterion_F_min     ? 
_reflns.pdbx_chi_squared             ? 
_reflns.pdbx_scaling_rejects         ? 
_reflns.pdbx_diffrn_id               1 
_reflns.pdbx_ordinal                 1 
# 
_reflns_shell.d_res_high             1.50 
_reflns_shell.d_res_low              1.55 
_reflns_shell.percent_possible_all   100 
_reflns_shell.Rmerge_I_obs           0.176 
_reflns_shell.pdbx_Rsym_value        0.176 
_reflns_shell.meanI_over_sigI_obs    12.1 
_reflns_shell.pdbx_redundancy        18.9 
_reflns_shell.percent_possible_obs   ? 
_reflns_shell.number_unique_all      1589 
_reflns_shell.number_measured_all    ? 
_reflns_shell.number_measured_obs    ? 
_reflns_shell.number_unique_obs      ? 
_reflns_shell.pdbx_chi_squared       ? 
_reflns_shell.pdbx_diffrn_id         ? 
_reflns_shell.pdbx_ordinal           1 
# 
_refine.entry_id                                 3JSC 
_refine.ls_number_reflns_obs                     16224 
_refine.ls_number_reflns_all                     16224 
_refine.pdbx_ls_sigma_I                          0 
_refine.pdbx_ls_sigma_F                          1.35 
_refine.pdbx_data_cutoff_high_absF               ? 
_refine.pdbx_data_cutoff_low_absF                ? 
_refine.pdbx_data_cutoff_high_rms_absF           ? 
_refine.ls_d_res_low                             19.914 
_refine.ls_d_res_high                            1.500 
_refine.ls_percent_reflns_obs                    100.00 
_refine.ls_R_factor_obs                          0.1739 
_refine.ls_R_factor_all                          ? 
_refine.ls_R_factor_R_work                       0.1724 
_refine.ls_R_factor_R_free                       0.2022 
_refine.ls_R_factor_R_free_error                 ? 
_refine.ls_R_factor_R_free_error_details         ? 
_refine.ls_percent_reflns_R_free                 5.02 
_refine.ls_number_reflns_R_free                  815 
_refine.ls_number_reflns_R_work                  15409 
_refine.ls_number_parameters                     ? 
_refine.ls_number_restraints                     ? 
_refine.correlation_coeff_Fo_to_Fc               ? 
_refine.correlation_coeff_Fo_to_Fc_free          ? 
_refine.B_iso_mean                               17.692 
_refine.aniso_B[1][1]                            0.000 
_refine.aniso_B[2][2]                            0.000 
_refine.aniso_B[3][3]                            0.000 
_refine.aniso_B[1][2]                            0.000 
_refine.aniso_B[1][3]                            0.000 
_refine.aniso_B[2][3]                            -0.000 
_refine.solvent_model_details                    'FLAT BULK SOLVENT MODEL' 
_refine.solvent_model_param_ksol                 0.454 
_refine.solvent_model_param_bsol                 94.461 
_refine.pdbx_solvent_vdw_probe_radii             1.11 
_refine.pdbx_solvent_ion_probe_radii             ? 
_refine.pdbx_solvent_shrinkage_radii             0.90 
_refine.pdbx_ls_cross_valid_method               THROUGHOUT 
_refine.details                                  ? 
_refine.pdbx_starting_model                      'CcdB from monomer A (1VUB)' 
_refine.pdbx_method_to_determine_struct          'MOLECULAR REPLACEMENT' 
_refine.pdbx_isotropic_thermal_model             'individual atomic B factors' 
_refine.pdbx_stereochemistry_target_values       ML 
_refine.pdbx_stereochem_target_val_spec_case     ? 
_refine.pdbx_R_Free_selection_details            random 
_refine.pdbx_overall_ESU_R                       ? 
_refine.pdbx_overall_ESU_R_Free                  ? 
_refine.overall_SU_ML                            0.17 
_refine.overall_SU_B                             ? 
_refine.ls_redundancy_reflns_obs                 ? 
_refine.overall_SU_R_Cruickshank_DPI             ? 
_refine.overall_SU_R_free                        ? 
_refine.ls_wR_factor_R_free                      ? 
_refine.ls_wR_factor_R_work                      ? 
_refine.overall_FOM_free_R_set                   ? 
_refine.overall_FOM_work_R_set                   0.880 
_refine.B_iso_max                                48.82 
_refine.B_iso_min                                7.50 
_refine.pdbx_overall_phase_error                 18.650 
_refine.occupancy_max                            1.00 
_refine.occupancy_min                            0.29 
_refine.pdbx_refine_id                           'X-RAY DIFFRACTION' 
_refine.pdbx_diffrn_id                           1 
_refine.pdbx_TLS_residual_ADP_flag               ? 
_refine.pdbx_overall_SU_R_free_Cruickshank_DPI   ? 
_refine.pdbx_overall_SU_R_Blow_DPI               ? 
_refine.pdbx_overall_SU_R_free_Blow_DPI          ? 
# 
_refine_hist.pdbx_refine_id                   'X-RAY DIFFRACTION' 
_refine_hist.cycle_id                         LAST 
_refine_hist.pdbx_number_atoms_protein        774 
_refine_hist.pdbx_number_atoms_nucleic_acid   0 
_refine_hist.pdbx_number_atoms_ligand         5 
_refine_hist.number_atoms_solvent             72 
_refine_hist.number_atoms_total               851 
_refine_hist.d_res_high                       1.500 
_refine_hist.d_res_low                        19.914 
# 
loop_
_refine_ls_restr.type 
_refine_ls_restr.dev_ideal 
_refine_ls_restr.dev_ideal_target 
_refine_ls_restr.weight 
_refine_ls_restr.number 
_refine_ls_restr.pdbx_refine_id 
_refine_ls_restr.pdbx_restraint_function 
f_bond_d           0.009  ? ? 797  'X-RAY DIFFRACTION' ? 
f_angle_d          1.330  ? ? 1100 'X-RAY DIFFRACTION' ? 
f_dihedral_angle_d 15.107 ? ? 295  'X-RAY DIFFRACTION' ? 
f_chiral_restr     0.100  ? ? 141  'X-RAY DIFFRACTION' ? 
f_plane_restr      0.006  ? ? 138  'X-RAY DIFFRACTION' ? 
# 
loop_
_refine_ls_shell.pdbx_total_number_of_bins_used 
_refine_ls_shell.d_res_high 
_refine_ls_shell.d_res_low 
_refine_ls_shell.number_reflns_R_work 
_refine_ls_shell.R_factor_R_work 
_refine_ls_shell.percent_reflns_obs 
_refine_ls_shell.R_factor_R_free 
_refine_ls_shell.R_factor_R_free_error 
_refine_ls_shell.percent_reflns_R_free 
_refine_ls_shell.number_reflns_R_free 
_refine_ls_shell.number_reflns_all 
_refine_ls_shell.R_factor_all 
_refine_ls_shell.number_reflns_obs 
_refine_ls_shell.redundancy_reflns_obs 
_refine_ls_shell.pdbx_refine_id 
. 1.5001 1.5941  2541 0.1790 100.00 0.2383 . . 142 . . . . 'X-RAY DIFFRACTION' 
. 1.5941 1.7171  2537 0.1674 100.00 0.2141 . . 124 . . . . 'X-RAY DIFFRACTION' 
. 1.7171 1.8898  2540 0.1651 100.00 0.1898 . . 138 . . . . 'X-RAY DIFFRACTION' 
. 1.8898 2.1629  2581 0.1567 100.00 0.1862 . . 133 . . . . 'X-RAY DIFFRACTION' 
. 2.1629 2.7239  2561 0.1591 100.00 0.1937 . . 136 . . . . 'X-RAY DIFFRACTION' 
. 2.7239 19.9155 2649 0.1829 100.00 0.2054 . . 142 . . . . 'X-RAY DIFFRACTION' 
# 
_struct.entry_id                  3JSC 
_struct.title                     CcdBVfi-FormI-pH7.0 
_struct.pdbx_model_details        ? 
_struct.pdbx_CASP_flag            ? 
_struct.pdbx_model_type_details   ? 
# 
_struct_keywords.entry_id        3JSC 
_struct_keywords.pdbx_keywords   TOXIN 
_struct_keywords.text            'ALPHA+BETA, SH3 domain, Toxin' 
# 
loop_
_struct_asym.id 
_struct_asym.pdbx_blank_PDB_chainid_flag 
_struct_asym.pdbx_modified 
_struct_asym.entity_id 
_struct_asym.details 
A N N 1 ? 
B N N 2 ? 
C N N 3 ? 
# 
_struct_biol.id        1 
_struct_biol.details   ? 
# 
loop_
_struct_conf.conf_type_id 
_struct_conf.id 
_struct_conf.pdbx_PDB_helix_id 
_struct_conf.beg_label_comp_id 
_struct_conf.beg_label_asym_id 
_struct_conf.beg_label_seq_id 
_struct_conf.pdbx_beg_PDB_ins_code 
_struct_conf.end_label_comp_id 
_struct_conf.end_label_asym_id 
_struct_conf.end_label_seq_id 
_struct_conf.pdbx_end_PDB_ins_code 
_struct_conf.beg_auth_comp_id 
_struct_conf.beg_auth_asym_id 
_struct_conf.beg_auth_seq_id 
_struct_conf.end_auth_comp_id 
_struct_conf.end_auth_asym_id 
_struct_conf.end_auth_seq_id 
_struct_conf.pdbx_PDB_helix_class 
_struct_conf.details 
_struct_conf.pdbx_PDB_helix_length 
HELX_P HELX_P1 1 ASP A 11 ? LYS A 16  ? ASP A 11 LYS A 16  1 ? 6  
HELX_P HELX_P2 2 SER A 26 ? ASP A 30  ? SER A 26 ASP A 30  5 ? 5  
HELX_P HELX_P3 3 THR A 69 ? MET A 72  ? THR A 69 MET A 72  5 ? 4  
HELX_P HELX_P4 4 PHE A 90 ? GLY A 104 ? PHE A 90 GLY A 104 1 ? 15 
# 
_struct_conf_type.id          HELX_P 
_struct_conf_type.criteria    ? 
_struct_conf_type.reference   ? 
# 
loop_
_struct_sheet.id 
_struct_sheet.type 
_struct_sheet.number_strands 
_struct_sheet.details 
A ? 4 ? 
B ? 6 ? 
# 
loop_
_struct_sheet_order.sheet_id 
_struct_sheet_order.range_id_1 
_struct_sheet_order.range_id_2 
_struct_sheet_order.offset 
_struct_sheet_order.sense 
A 1 2 ? anti-parallel 
A 2 3 ? anti-parallel 
A 3 4 ? anti-parallel 
B 1 2 ? anti-parallel 
B 2 3 ? anti-parallel 
B 3 4 ? anti-parallel 
B 4 5 ? anti-parallel 
B 5 6 ? anti-parallel 
# 
loop_
_struct_sheet_range.sheet_id 
_struct_sheet_range.id 
_struct_sheet_range.beg_label_comp_id 
_struct_sheet_range.beg_label_asym_id 
_struct_sheet_range.beg_label_seq_id 
_struct_sheet_range.pdbx_beg_PDB_ins_code 
_struct_sheet_range.end_label_comp_id 
_struct_sheet_range.end_label_asym_id 
_struct_sheet_range.end_label_seq_id 
_struct_sheet_range.pdbx_end_PDB_ins_code 
_struct_sheet_range.beg_auth_comp_id 
_struct_sheet_range.beg_auth_asym_id 
_struct_sheet_range.beg_auth_seq_id 
_struct_sheet_range.end_auth_comp_id 
_struct_sheet_range.end_auth_asym_id 
_struct_sheet_range.end_auth_seq_id 
A 1 THR A 57 ? ILE A 60 ? THR A 57 ILE A 60 
A 2 GLY A 63 ? MET A 67 ? GLY A 63 MET A 67 
A 3 THR A 34 ? PRO A 42 ? THR A 34 PRO A 42 
A 4 THR A 73 ? PRO A 76 ? THR A 73 PRO A 76 
B 1 THR A 57 ? ILE A 60 ? THR A 57 ILE A 60 
B 2 GLY A 63 ? MET A 67 ? GLY A 63 MET A 67 
B 3 THR A 34 ? PRO A 42 ? THR A 34 PRO A 42 
B 4 TYR A 20 ? ASP A 23 ? TYR A 20 ASP A 23 
B 5 THR A 5  ? ASN A 9  ? THR A 5  ASN A 9  
B 6 LEU A 80 ? GLU A 86 ? LEU A 80 GLU A 86 
# 
loop_
_pdbx_struct_sheet_hbond.sheet_id 
_pdbx_struct_sheet_hbond.range_id_1 
_pdbx_struct_sheet_hbond.range_id_2 
_pdbx_struct_sheet_hbond.range_1_label_atom_id 
_pdbx_struct_sheet_hbond.range_1_label_comp_id 
_pdbx_struct_sheet_hbond.range_1_label_asym_id 
_pdbx_struct_sheet_hbond.range_1_label_seq_id 
_pdbx_struct_sheet_hbond.range_1_PDB_ins_code 
_pdbx_struct_sheet_hbond.range_1_auth_atom_id 
_pdbx_struct_sheet_hbond.range_1_auth_comp_id 
_pdbx_struct_sheet_hbond.range_1_auth_asym_id 
_pdbx_struct_sheet_hbond.range_1_auth_seq_id 
_pdbx_struct_sheet_hbond.range_2_label_atom_id 
_pdbx_struct_sheet_hbond.range_2_label_comp_id 
_pdbx_struct_sheet_hbond.range_2_label_asym_id 
_pdbx_struct_sheet_hbond.range_2_label_seq_id 
_pdbx_struct_sheet_hbond.range_2_PDB_ins_code 
_pdbx_struct_sheet_hbond.range_2_auth_atom_id 
_pdbx_struct_sheet_hbond.range_2_auth_comp_id 
_pdbx_struct_sheet_hbond.range_2_auth_asym_id 
_pdbx_struct_sheet_hbond.range_2_auth_seq_id 
A 1 2 N ILE A 58 ? N ILE A 58 O PHE A 65 ? O PHE A 65 
A 2 3 O ILE A 66 ? O ILE A 66 N THR A 41 ? N THR A 41 
A 3 4 N VAL A 37 ? N VAL A 37 O THR A 73 ? O THR A 73 
B 1 2 N ILE A 58 ? N ILE A 58 O PHE A 65 ? O PHE A 65 
B 2 3 O ILE A 66 ? O ILE A 66 N THR A 41 ? N THR A 41 
B 3 4 O ILE A 38 ? O ILE A 38 N VAL A 22 ? N VAL A 22 
B 4 5 O PHE A 21 ? O PHE A 21 N TYR A 7  ? N TYR A 7  
B 5 6 N LEU A 6  ? N LEU A 6  O VAL A 84 ? O VAL A 84 
# 
_struct_site.id                   AC1 
_struct_site.pdbx_evidence_code   Software 
_struct_site.pdbx_auth_asym_id    A 
_struct_site.pdbx_auth_comp_id    SO4 
_struct_site.pdbx_auth_seq_id     106 
_struct_site.pdbx_auth_ins_code   ? 
_struct_site.pdbx_num_residues    10 
_struct_site.details              'BINDING SITE FOR RESIDUE SO4 A 106' 
# 
loop_
_struct_site_gen.id 
_struct_site_gen.site_id 
_struct_site_gen.pdbx_num_res 
_struct_site_gen.label_comp_id 
_struct_site_gen.label_asym_id 
_struct_site_gen.label_seq_id 
_struct_site_gen.pdbx_auth_ins_code 
_struct_site_gen.auth_comp_id 
_struct_site_gen.auth_asym_id 
_struct_site_gen.auth_seq_id 
_struct_site_gen.label_atom_id 
_struct_site_gen.label_alt_id 
_struct_site_gen.symmetry 
_struct_site_gen.details 
1  AC1 10 SER A 2  ? SER A 2   . ? 1_555 ? 
2  AC1 10 TYR A 7  ? TYR A 7   . ? 1_555 ? 
3  AC1 10 ASP A 30 ? ASP A 30  . ? 1_555 ? 
4  AC1 10 ARG A 35 ? ARG A 35  . ? 1_555 ? 
5  AC1 10 ASN A 92 ? ASN A 92  . ? 9_555 ? 
6  AC1 10 HOH C .  ? HOH A 116 . ? 1_555 ? 
7  AC1 10 HOH C .  ? HOH A 132 . ? 9_555 ? 
8  AC1 10 HOH C .  ? HOH A 140 . ? 1_555 ? 
9  AC1 10 HOH C .  ? HOH A 161 . ? 1_555 ? 
10 AC1 10 HOH C .  ? HOH A 169 . ? 1_555 ? 
# 
_atom_sites.entry_id                    3JSC 
_atom_sites.fract_transf_matrix[1][1]   0.00779305 
_atom_sites.fract_transf_matrix[1][2]   0.00677064 
_atom_sites.fract_transf_matrix[1][3]   0.00578946 
_atom_sites.fract_transf_matrix[2][1]   -0.00252278 
_atom_sites.fract_transf_matrix[2][2]   -0.00569986 
_atom_sites.fract_transf_matrix[2][3]   0.01006171 
_atom_sites.fract_transf_matrix[3][1]   0.00854371 
_atom_sites.fract_transf_matrix[3][2]   -0.00785881 
_atom_sites.fract_transf_matrix[3][3]   -0.00230977 
_atom_sites.fract_transf_vector[1]      -0.132275 
_atom_sites.fract_transf_vector[2]      0.118774 
_atom_sites.fract_transf_vector[3]      0.040976 
# 
loop_
_atom_type.symbol 
C 
N 
O 
S 
# 
loop_
_atom_site.group_PDB 
_atom_site.id 
_atom_site.type_symbol 
_atom_site.label_atom_id 
_atom_site.label_alt_id 
_atom_site.label_comp_id 
_atom_site.label_asym_id 
_atom_site.label_entity_id 
_atom_site.label_seq_id 
_atom_site.pdbx_PDB_ins_code 
_atom_site.Cartn_x 
_atom_site.Cartn_y 
_atom_site.Cartn_z 
_atom_site.occupancy 
_atom_site.B_iso_or_equiv 
_atom_site.pdbx_formal_charge 
_atom_site.auth_seq_id 
_atom_site.auth_comp_id 
_atom_site.auth_asym_id 
_atom_site.auth_atom_id 
_atom_site.pdbx_PDB_model_num 
ATOM   1   N N   . SER A 1 2   ? -3.170  9.696   2.084   1.00 10.28 ? 2   SER A N   1 
ATOM   2   C CA  . SER A 1 2   ? -2.822  10.525  0.926   1.00 10.07 ? 2   SER A CA  1 
ATOM   3   C C   . SER A 1 2   ? -2.093  9.635   -0.077  1.00 9.39  ? 2   SER A C   1 
ATOM   4   O O   . SER A 1 2   ? -1.434  8.649   0.317   1.00 9.02  ? 2   SER A O   1 
ATOM   5   C CB  . SER A 1 2   ? -1.955  11.732  1.340   1.00 11.31 ? 2   SER A CB  1 
ATOM   6   O OG  . SER A 1 2   ? -0.805  11.280  2.025   1.00 11.39 ? 2   SER A OG  1 
ATOM   7   N N   . GLN A 1 3   ? -2.206  9.967   -1.356  1.00 9.62  ? 3   GLN A N   1 
ATOM   8   C CA  . GLN A 1 3   ? -1.854  8.991   -2.385  1.00 9.70  ? 3   GLN A CA  1 
ATOM   9   C C   . GLN A 1 3   ? -0.356  8.749   -2.445  1.00 9.73  ? 3   GLN A C   1 
ATOM   10  O O   . GLN A 1 3   ? 0.446   9.700   -2.549  1.00 10.25 ? 3   GLN A O   1 
ATOM   11  C CB  . GLN A 1 3   ? -2.366  9.431   -3.748  1.00 9.66  ? 3   GLN A CB  1 
ATOM   12  C CG  . GLN A 1 3   ? -2.448  8.256   -4.710  1.00 9.20  ? 3   GLN A CG  1 
ATOM   13  C CD  . GLN A 1 3   ? -3.118  8.624   -6.004  1.00 11.05 ? 3   GLN A CD  1 
ATOM   14  O OE1 . GLN A 1 3   ? -2.989  9.755   -6.474  1.00 12.33 ? 3   GLN A OE1 1 
ATOM   15  N NE2 . GLN A 1 3   ? -3.844  7.679   -6.594  1.00 12.93 ? 3   GLN A NE2 1 
ATOM   16  N N   . PHE A 1 4   ? -0.011  7.464   -2.437  1.00 8.15  ? 4   PHE A N   1 
ATOM   17  C CA  . PHE A 1 4   ? 1.369   6.946   -2.452  1.00 10.33 ? 4   PHE A CA  1 
ATOM   18  C C   . PHE A 1 4   ? 2.102   7.112   -1.130  1.00 9.78  ? 4   PHE A C   1 
ATOM   19  O O   . PHE A 1 4   ? 3.319   6.917   -1.065  1.00 11.34 ? 4   PHE A O   1 
ATOM   20  C CB  . PHE A 1 4   ? 2.183   7.451   -3.660  1.00 9.48  ? 4   PHE A CB  1 
ATOM   21  C CG  . PHE A 1 4   ? 1.437   7.339   -4.955  1.00 9.37  ? 4   PHE A CG  1 
ATOM   22  C CD1 . PHE A 1 4   ? 1.017   6.103   -5.427  1.00 12.43 ? 4   PHE A CD1 1 
ATOM   23  C CD2 . PHE A 1 4   ? 1.127   8.475   -5.686  1.00 12.09 ? 4   PHE A CD2 1 
ATOM   24  C CE1 . PHE A 1 4   ? 0.319   6.007   -6.622  1.00 11.44 ? 4   PHE A CE1 1 
ATOM   25  C CE2 . PHE A 1 4   ? 0.432   8.386   -6.898  1.00 13.49 ? 4   PHE A CE2 1 
ATOM   26  C CZ  . PHE A 1 4   ? 0.018   7.158   -7.352  1.00 12.14 ? 4   PHE A CZ  1 
ATOM   27  N N   . THR A 1 5   ? 1.374   7.441   -0.070  1.00 8.84  ? 5   THR A N   1 
ATOM   28  C CA  . THR A 1 5   ? 1.957   7.434   1.271   1.00 8.65  ? 5   THR A CA  1 
ATOM   29  C C   . THR A 1 5   ? 1.984   6.044   1.851   1.00 8.78  ? 5   THR A C   1 
ATOM   30  O O   . THR A 1 5   ? 1.062   5.247   1.627   1.00 9.89  ? 5   THR A O   1 
ATOM   31  C CB  . THR A 1 5   ? 1.174   8.379   2.184   1.00 10.56 ? 5   THR A CB  1 
ATOM   32  O OG1 . THR A 1 5   ? 1.270   9.703   1.627   1.00 12.50 ? 5   THR A OG1 1 
ATOM   33  C CG2 . THR A 1 5   ? 1.703   8.367   3.622   1.00 10.74 ? 5   THR A CG2 1 
ATOM   34  N N   . LEU A 1 6   ? 3.050   5.742   2.600   1.00 10.35 ? 6   LEU A N   1 
ATOM   35  C CA  . LEU A 1 6   ? 3.181   4.510   3.364   1.00 9.24  ? 6   LEU A CA  1 
ATOM   36  C C   . LEU A 1 6   ? 2.571   4.696   4.744   1.00 10.29 ? 6   LEU A C   1 
ATOM   37  O O   . LEU A 1 6   ? 2.877   5.682   5.436   1.00 11.27 ? 6   LEU A O   1 
ATOM   38  C CB  . LEU A 1 6   ? 4.659   4.146   3.515   1.00 12.04 ? 6   LEU A CB  1 
ATOM   39  C CG  . LEU A 1 6   ? 4.871   2.803   4.197   1.00 12.48 ? 6   LEU A CG  1 
ATOM   40  C CD1 . LEU A 1 6   ? 4.585   1.675   3.235   1.00 14.50 ? 6   LEU A CD1 1 
ATOM   41  C CD2 . LEU A 1 6   ? 6.311   2.728   4.724   1.00 18.20 ? 6   LEU A CD2 1 
ATOM   42  N N   . TYR A 1 7   ? 1.716   3.765   5.142   1.00 9.04  ? 7   TYR A N   1 
ATOM   43  C CA  . TYR A 1 7   ? 1.095   3.753   6.468   1.00 8.99  ? 7   TYR A CA  1 
ATOM   44  C C   . TYR A 1 7   ? 1.385   2.452   7.180   1.00 10.69 ? 7   TYR A C   1 
ATOM   45  O O   . TYR A 1 7   ? 1.405   1.393   6.548   1.00 10.58 ? 7   TYR A O   1 
ATOM   46  C CB  . TYR A 1 7   ? -0.429  3.905   6.330   1.00 11.57 ? 7   TYR A CB  1 
ATOM   47  C CG  . TYR A 1 7   ? -0.813  5.267   5.848   1.00 9.68  ? 7   TYR A CG  1 
ATOM   48  C CD1 . TYR A 1 7   ? -0.785  6.359   6.709   1.00 11.70 ? 7   TYR A CD1 1 
ATOM   49  C CD2 . TYR A 1 7   ? -1.157  5.479   4.524   1.00 11.24 ? 7   TYR A CD2 1 
ATOM   50  C CE1 . TYR A 1 7   ? -1.117  7.626   6.262   1.00 13.59 ? 7   TYR A CE1 1 
ATOM   51  C CE2 . TYR A 1 7   ? -1.498  6.768   4.061   1.00 11.95 ? 7   TYR A CE2 1 
ATOM   52  C CZ  . TYR A 1 7   ? -1.477  7.817   4.942   1.00 11.50 ? 7   TYR A CZ  1 
ATOM   53  O OH  . TYR A 1 7   ? -1.792  9.090   4.503   1.00 13.17 ? 7   TYR A OH  1 
ATOM   54  N N   . LYS A 1 8   ? 1.593   2.501   8.498   1.00 10.93 ? 8   LYS A N   1 
ATOM   55  C CA  . LYS A 1 8   ? 1.613   1.270   9.273   1.00 12.15 ? 8   LYS A CA  1 
ATOM   56  C C   . LYS A 1 8   ? 0.199   0.734   9.422   1.00 12.69 ? 8   LYS A C   1 
ATOM   57  O O   . LYS A 1 8   ? -0.754  1.498   9.581   1.00 13.24 ? 8   LYS A O   1 
ATOM   58  C CB  . LYS A 1 8   ? 2.223   1.505   10.663  1.00 14.30 ? 8   LYS A CB  1 
ATOM   59  C CG  . LYS A 1 8   ? 2.659   0.215   11.339  1.00 23.54 ? 8   LYS A CG  1 
ATOM   60  N N   . ASN A 1 9   ? 0.081   -0.590  9.369   1.00 11.26 ? 9   ASN A N   1 
ATOM   61  C CA  . ASN A 1 9   ? -1.184  -1.288  9.609   1.00 10.56 ? 9   ASN A CA  1 
ATOM   62  C C   . ASN A 1 9   ? -1.401  -1.425  11.104  1.00 13.54 ? 9   ASN A C   1 
ATOM   63  O O   . ASN A 1 9   ? -0.670  -2.167  11.763  1.00 14.47 ? 9   ASN A O   1 
ATOM   64  C CB  . ASN A 1 9   ? -1.065  -2.667  8.966   1.00 10.32 ? 9   ASN A CB  1 
ATOM   65  C CG  . ASN A 1 9   ? -2.283  -3.549  9.182   1.00 10.58 ? 9   ASN A CG  1 
ATOM   66  O OD1 . ASN A 1 9   ? -3.295  -3.101  9.718   1.00 12.01 ? 9   ASN A OD1 1 
ATOM   67  N ND2 . ASN A 1 9   ? -2.194  -4.797  8.737   1.00 13.24 ? 9   ASN A ND2 1 
ATOM   68  N N   . LYS A 1 10  ? -2.419  -0.730  11.610  1.00 12.89 ? 10  LYS A N   1 
ATOM   69  C CA  . LYS A 1 10  ? -2.702  -0.742  13.038  1.00 12.41 ? 10  LYS A CA  1 
ATOM   70  C C   . LYS A 1 10  ? -3.503  -1.944  13.489  1.00 16.12 ? 10  LYS A C   1 
ATOM   71  O O   . LYS A 1 10  ? -3.707  -2.108  14.686  1.00 18.48 ? 10  LYS A O   1 
ATOM   72  C CB  . LYS A 1 10  ? -3.434  0.540   13.453  1.00 16.44 ? 10  LYS A CB  1 
ATOM   73  C CG  . LYS A 1 10  ? -2.653  1.815   13.178  1.00 19.27 ? 10  LYS A CG  1 
ATOM   74  C CD  . LYS A 1 10  ? -3.315  3.020   13.844  1.00 27.06 ? 10  LYS A CD  1 
ATOM   75  C CE  . LYS A 1 10  ? -3.041  3.025   15.338  1.00 35.98 ? 10  LYS A CE  1 
ATOM   76  N N   . ASP A 1 11  ? -3.959  -2.773  12.560  1.00 14.53 ? 11  ASP A N   1 
ATOM   77  C CA  . ASP A 1 11  ? -4.637  -4.016  12.903  1.00 16.16 ? 11  ASP A CA  1 
ATOM   78  C C   . ASP A 1 11  ? -3.613  -5.046  13.325  1.00 20.48 ? 11  ASP A C   1 
ATOM   79  O O   . ASP A 1 11  ? -2.894  -5.621  12.492  1.00 18.92 ? 11  ASP A O   1 
ATOM   80  C CB  . ASP A 1 11  ? -5.469  -4.536  11.728  1.00 17.46 ? 11  ASP A CB  1 
ATOM   81  C CG  . ASP A 1 11  ? -6.178  -5.856  12.045  1.00 25.04 ? 11  ASP A CG  1 
ATOM   82  O OD1 . ASP A 1 11  ? -7.070  -5.864  12.911  1.00 26.86 ? 11  ASP A OD1 1 
ATOM   83  O OD2 . ASP A 1 11  ? -5.857  -6.882  11.415  1.00 25.76 ? 11  ASP A OD2 1 
ATOM   84  N N   . LYS A 1 12  ? -3.539  -5.268  14.635  1.00 18.97 ? 12  LYS A N   1 
ATOM   85  C CA  . LYS A 1 12  ? -2.487  -6.074  15.230  1.00 20.40 ? 12  LYS A CA  1 
ATOM   86  C C   . LYS A 1 12  ? -2.447  -7.519  14.724  1.00 20.62 ? 12  LYS A C   1 
ATOM   87  O O   . LYS A 1 12  ? -1.363  -8.066  14.548  1.00 27.92 ? 12  LYS A O   1 
ATOM   88  C CB  . LYS A 1 12  ? -2.566  -6.009  16.768  1.00 19.43 ? 12  LYS A CB  1 
ATOM   89  C CG  . LYS A 1 12  ? -2.146  -4.663  17.335  1.00 23.93 ? 12  LYS A CG  1 
ATOM   90  C CD  . LYS A 1 12  ? -2.240  -4.644  18.854  1.00 31.34 ? 12  LYS A CD  1 
ATOM   91  N N   . SER A 1 13  ? -3.606  -8.133  14.473  1.00 22.72 ? 13  SER A N   1 
ATOM   92  C CA  . SER A 1 13  ? -3.606  -9.497  13.934  1.00 30.29 ? 13  SER A CA  1 
ATOM   93  C C   . SER A 1 13  ? -2.906  -9.567  12.584  1.00 30.97 ? 13  SER A C   1 
ATOM   94  O O   . SER A 1 13  ? -2.020  -10.402 12.362  1.00 39.45 ? 13  SER A O   1 
ATOM   95  C CB  . SER A 1 13  ? -5.026  -10.086 13.830  1.00 33.17 ? 13  SER A CB  1 
ATOM   96  O OG  . SER A 1 13  ? -5.960  -9.151  13.310  1.00 40.06 ? 13  SER A OG  1 
ATOM   97  N N   . SER A 1 14  ? -3.274  -8.671  11.681  1.00 20.96 ? 14  SER A N   1 
ATOM   98  C CA  . SER A 1 14  ? -2.801  -8.809  10.315  1.00 20.02 ? 14  SER A CA  1 
ATOM   99  C C   . SER A 1 14  ? -1.463  -8.144  10.105  1.00 16.73 ? 14  SER A C   1 
ATOM   100 O O   . SER A 1 14  ? -0.883  -8.302  9.035   1.00 18.25 ? 14  SER A O   1 
ATOM   101 C CB  . SER A 1 14  ? -3.812  -8.262  9.317   1.00 24.41 ? 14  SER A CB  1 
ATOM   102 O OG  . SER A 1 14  ? -4.106  -6.906  9.575   1.00 19.01 ? 14  SER A OG  1 
ATOM   103 N N   . ALA A 1 15  ? -0.984  -7.414  11.108  1.00 17.55 ? 15  ALA A N   1 
ATOM   104 C CA  . ALA A 1 15  ? 0.239   -6.616  10.926  1.00 15.54 ? 15  ALA A CA  1 
ATOM   105 C C   . ALA A 1 15  ? 1.502   -7.445  10.822  1.00 20.97 ? 15  ALA A C   1 
ATOM   106 O O   . ALA A 1 15  ? 2.490   -6.986  10.269  1.00 17.83 ? 15  ALA A O   1 
ATOM   107 C CB  . ALA A 1 15  ? 0.388   -5.567  12.016  1.00 19.37 ? 15  ALA A CB  1 
ATOM   108 N N   . LYS A 1 16  ? 1.502   -8.656  11.368  1.00 21.00 ? 16  LYS A N   1 
ATOM   109 C CA  . LYS A 1 16  ? 2.685   -9.492  11.226  1.00 20.30 ? 16  LYS A CA  1 
ATOM   110 C C   . LYS A 1 16  ? 2.918   -9.862  9.751   1.00 21.98 ? 16  LYS A C   1 
ATOM   111 O O   . LYS A 1 16  ? 4.038   -9.779  9.247   1.00 28.42 ? 16  LYS A O   1 
ATOM   112 C CB  . LYS A 1 16  ? 2.578   -10.741 12.106  1.00 27.61 ? 16  LYS A CB  1 
ATOM   113 C CG  . LYS A 1 16  ? 2.534   -10.432 13.597  1.00 41.64 ? 16  LYS A CG  1 
ATOM   114 N N   . THR A 1 17  ? 1.847   -10.209 9.048   1.00 18.52 ? 17  THR A N   1 
ATOM   115 C CA  . THR A 1 17  ? 1.932   -10.538 7.631   1.00 17.50 ? 17  THR A CA  1 
ATOM   116 C C   . THR A 1 17  ? 1.935   -9.289  6.732   1.00 16.08 ? 17  THR A C   1 
ATOM   117 O O   . THR A 1 17  ? 2.643   -9.241  5.709   1.00 17.55 ? 17  THR A O   1 
ATOM   118 C CB  . THR A 1 17  ? 0.776   -11.453 7.221   1.00 20.06 ? 17  THR A CB  1 
ATOM   119 O OG1 . THR A 1 17  ? 0.854   -12.658 8.002   1.00 26.62 ? 17  THR A OG1 1 
ATOM   120 C CG2 . THR A 1 17  ? 0.868   -11.823 5.749   1.00 20.75 ? 17  THR A CG2 1 
ATOM   121 N N   . TYR A 1 18  ? 1.150   -8.288  7.126   1.00 13.54 ? 18  TYR A N   1 
ATOM   122 C CA  . TYR A 1 18  ? 0.991   -7.077  6.318   1.00 13.34 ? 18  TYR A CA  1 
ATOM   123 C C   . TYR A 1 18  ? 1.301   -5.862  7.181   1.00 10.87 ? 18  TYR A C   1 
ATOM   124 O O   . TYR A 1 18  ? 0.388   -5.155  7.634   1.00 12.10 ? 18  TYR A O   1 
ATOM   125 C CB  . TYR A 1 18  ? -0.431  -6.968  5.764   1.00 15.41 ? 18  TYR A CB  1 
ATOM   126 C CG  . TYR A 1 18  ? -0.929  -8.196  5.029   1.00 14.76 ? 18  TYR A CG  1 
ATOM   127 C CD1 . TYR A 1 18  ? -0.501  -8.478  3.752   1.00 16.24 ? 18  TYR A CD1 1 
ATOM   128 C CD2 . TYR A 1 18  ? -1.857  -9.057  5.621   1.00 18.75 ? 18  TYR A CD2 1 
ATOM   129 C CE1 . TYR A 1 18  ? -0.973  -9.579  3.063   1.00 18.68 ? 18  TYR A CE1 1 
ATOM   130 C CE2 . TYR A 1 18  ? -2.333  -10.168 4.947   1.00 22.26 ? 18  TYR A CE2 1 
ATOM   131 C CZ  . TYR A 1 18  ? -1.883  -10.423 3.666   1.00 25.05 ? 18  TYR A CZ  1 
ATOM   132 O OH  . TYR A 1 18  ? -2.345  -11.524 2.970   1.00 28.34 ? 18  TYR A OH  1 
ATOM   133 N N   . PRO A 1 19  ? 2.590   -5.612  7.434   1.00 11.66 ? 19  PRO A N   1 
ATOM   134 C CA  . PRO A 1 19  ? 2.946   -4.535  8.371   1.00 11.27 ? 19  PRO A CA  1 
ATOM   135 C C   . PRO A 1 19  ? 2.619   -3.116  7.879   1.00 8.85  ? 19  PRO A C   1 
ATOM   136 O O   . PRO A 1 19  ? 2.458   -2.222  8.712   1.00 12.34 ? 19  PRO A O   1 
ATOM   137 C CB  . PRO A 1 19  ? 4.471   -4.700  8.534   1.00 12.28 ? 19  PRO A CB  1 
ATOM   138 C CG  . PRO A 1 19  ? 4.894   -5.497  7.315   1.00 14.36 ? 19  PRO A CG  1 
ATOM   139 C CD  . PRO A 1 19  ? 3.758   -6.432  7.077   1.00 13.03 ? 19  PRO A CD  1 
ATOM   140 N N   . TYR A 1 20  ? 2.544   -2.930  6.560   1.00 10.22 ? 20  TYR A N   1 
ATOM   141 C CA  . TYR A 1 20  ? 2.349   -1.594  6.000   1.00 10.09 ? 20  TYR A CA  1 
ATOM   142 C C   . TYR A 1 20  ? 1.380   -1.666  4.848   1.00 9.02  ? 20  TYR A C   1 
ATOM   143 O O   . TYR A 1 20  ? 1.222   -2.715  4.209   1.00 10.41 ? 20  TYR A O   1 
ATOM   144 C CB  . TYR A 1 20  ? 3.675   -0.997  5.457   1.00 11.18 ? 20  TYR A CB  1 
ATOM   145 C CG  . TYR A 1 20  ? 4.726   -0.753  6.530   1.00 11.15 ? 20  TYR A CG  1 
ATOM   146 C CD1 . TYR A 1 20  ? 4.670   0.383   7.322   1.00 13.41 ? 20  TYR A CD1 1 
ATOM   147 C CD2 . TYR A 1 20  ? 5.760   -1.654  6.731   1.00 15.35 ? 20  TYR A CD2 1 
ATOM   148 C CE1 . TYR A 1 20  ? 5.628   0.616   8.305   1.00 16.97 ? 20  TYR A CE1 1 
ATOM   149 C CE2 . TYR A 1 20  ? 6.720   -1.430  7.721   1.00 16.89 ? 20  TYR A CE2 1 
ATOM   150 C CZ  . TYR A 1 20  ? 6.633   -0.300  8.496   1.00 18.48 ? 20  TYR A CZ  1 
ATOM   151 O OH  . TYR A 1 20  ? 7.582   -0.066  9.476   1.00 22.47 ? 20  TYR A OH  1 
ATOM   152 N N   . PHE A 1 21  ? 0.789   -0.525  4.550   1.00 8.40  ? 21  PHE A N   1 
ATOM   153 C CA  . PHE A 1 21  ? -0.050  -0.337  3.388   1.00 8.48  ? 21  PHE A CA  1 
ATOM   154 C C   . PHE A 1 21  ? 0.466   0.840   2.595   1.00 10.86 ? 21  PHE A C   1 
ATOM   155 O O   . PHE A 1 21  ? 0.899   1.841   3.187   1.00 11.22 ? 21  PHE A O   1 
ATOM   156 C CB  . PHE A 1 21  ? -1.488  0.053   3.809   1.00 10.16 ? 21  PHE A CB  1 
ATOM   157 C CG  . PHE A 1 21  ? -2.224  -1.000  4.606   1.00 11.40 ? 21  PHE A CG  1 
ATOM   158 C CD1 . PHE A 1 21  ? -2.712  -0.712  5.869   1.00 13.45 ? 21  PHE A CD1 1 
ATOM   159 C CD2 . PHE A 1 21  ? -2.459  -2.248  4.071   1.00 14.87 ? 21  PHE A CD2 1 
ATOM   160 C CE1 . PHE A 1 21  ? -3.408  -1.677  6.599   1.00 13.36 ? 21  PHE A CE1 1 
ATOM   161 C CE2 . PHE A 1 21  ? -3.166  -3.231  4.812   1.00 14.30 ? 21  PHE A CE2 1 
ATOM   162 C CZ  . PHE A 1 21  ? -3.635  -2.916  6.072   1.00 13.29 ? 21  PHE A CZ  1 
ATOM   163 N N   . VAL A 1 22  ? 0.425   0.751   1.267   1.00 8.80  ? 22  VAL A N   1 
ATOM   164 C CA  A VAL A 1 22  ? 0.609   1.911   0.396   0.56 9.47  ? 22  VAL A CA  1 
ATOM   165 C CA  B VAL A 1 22  ? 0.596   1.959   0.469   0.44 9.55  ? 22  VAL A CA  1 
ATOM   166 C C   . VAL A 1 22  ? -0.770  2.425   -0.021  1.00 8.63  ? 22  VAL A C   1 
ATOM   167 O O   . VAL A 1 22  ? -1.530  1.687   -0.649  1.00 9.64  ? 22  VAL A O   1 
ATOM   168 C CB  A VAL A 1 22  ? 1.385   1.527   -0.867  0.56 9.25  ? 22  VAL A CB  1 
ATOM   169 C CB  B VAL A 1 22  ? 1.596   1.807   -0.685  0.44 9.69  ? 22  VAL A CB  1 
ATOM   170 C CG1 A VAL A 1 22  ? 1.665   2.759   -1.724  0.56 11.48 ? 22  VAL A CG1 1 
ATOM   171 C CG1 B VAL A 1 22  ? 1.118   0.775   -1.664  0.44 11.07 ? 22  VAL A CG1 1 
ATOM   172 C CG2 A VAL A 1 22  ? 2.683   0.833   -0.492  0.56 11.03 ? 22  VAL A CG2 1 
ATOM   173 C CG2 B VAL A 1 22  ? 1.813   3.155   -1.378  0.44 11.19 ? 22  VAL A CG2 1 
ATOM   174 N N   . ASP A 1 23  ? -1.109  3.659   0.329   1.00 8.44  ? 23  ASP A N   1 
ATOM   175 C CA  . ASP A 1 23  ? -2.395  4.255   -0.034  1.00 8.34  ? 23  ASP A CA  1 
ATOM   176 C C   . ASP A 1 23  ? -2.357  4.588   -1.536  1.00 8.41  ? 23  ASP A C   1 
ATOM   177 O O   . ASP A 1 23  ? -1.402  5.219   -2.019  1.00 9.34  ? 23  ASP A O   1 
ATOM   178 C CB  . ASP A 1 23  ? -2.527  5.510   0.835   1.00 8.56  ? 23  ASP A CB  1 
ATOM   179 C CG  . ASP A 1 23  ? -3.780  6.303   0.602   1.00 11.01 ? 23  ASP A CG  1 
ATOM   180 O OD1 . ASP A 1 23  ? -4.487  6.143   -0.408  1.00 10.15 ? 23  ASP A OD1 1 
ATOM   181 O OD2 . ASP A 1 23  ? -4.041  7.149   1.499   1.00 11.47 ? 23  ASP A OD2 1 
ATOM   182 N N   . VAL A 1 24  ? -3.330  4.085   -2.295  1.00 7.50  ? 24  VAL A N   1 
ATOM   183 C CA  . VAL A 1 24  ? -3.379  4.348   -3.747  1.00 8.24  ? 24  VAL A CA  1 
ATOM   184 C C   . VAL A 1 24  ? -4.641  5.085   -4.202  1.00 10.19 ? 24  VAL A C   1 
ATOM   185 O O   . VAL A 1 24  ? -4.891  5.200   -5.397  1.00 10.32 ? 24  VAL A O   1 
ATOM   186 C CB  . VAL A 1 24  ? -3.162  3.052   -4.578  1.00 7.54  ? 24  VAL A CB  1 
ATOM   187 C CG1 . VAL A 1 24  ? -1.814  2.436   -4.255  1.00 10.06 ? 24  VAL A CG1 1 
ATOM   188 C CG2 . VAL A 1 24  ? -4.259  2.035   -4.286  1.00 11.16 ? 24  VAL A CG2 1 
ATOM   189 N N   . GLN A 1 25  ? -5.385  5.629   -3.243  1.00 8.97  ? 25  GLN A N   1 
ATOM   190 C CA  . GLN A 1 25  ? -6.627  6.324   -3.538  1.00 8.99  ? 25  GLN A CA  1 
ATOM   191 C C   . GLN A 1 25  ? -6.400  7.759   -3.965  1.00 9.46  ? 25  GLN A C   1 
ATOM   192 O O   . GLN A 1 25  ? -5.474  8.431   -3.484  1.00 11.09 ? 25  GLN A O   1 
ATOM   193 C CB  . GLN A 1 25  ? -7.486  6.310   -2.291  1.00 9.08  ? 25  GLN A CB  1 
ATOM   194 C CG  . GLN A 1 25  ? -8.929  6.803   -2.498  1.00 8.60  ? 25  GLN A CG  1 
ATOM   195 C CD  . GLN A 1 25  ? -9.818  6.228   -1.411  1.00 9.43  ? 25  GLN A CD  1 
ATOM   196 O OE1 . GLN A 1 25  ? -10.062 5.028   -1.383  1.00 10.04 ? 25  GLN A OE1 1 
ATOM   197 N NE2 . GLN A 1 25  ? -10.322 7.088   -0.510  1.00 11.61 ? 25  GLN A NE2 1 
ATOM   198 N N   . SER A 1 26  ? -7.268  8.267   -4.843  1.00 10.80 ? 26  SER A N   1 
ATOM   199 C CA  . SER A 1 26  ? -7.217  9.690   -5.178  1.00 9.64  ? 26  SER A CA  1 
ATOM   200 C C   . SER A 1 26  ? -7.372  10.567  -3.939  1.00 11.48 ? 26  SER A C   1 
ATOM   201 O O   . SER A 1 26  ? -8.265  10.342  -3.131  1.00 12.39 ? 26  SER A O   1 
ATOM   202 C CB  . SER A 1 26  ? -8.347  10.047  -6.155  1.00 13.04 ? 26  SER A CB  1 
ATOM   203 O OG  . SER A 1 26  ? -8.375  11.473  -6.327  1.00 15.03 ? 26  SER A OG  1 
ATOM   204 N N   . ASP A 1 27  ? -6.521  11.582  -3.809  1.00 10.80 ? 27  ASP A N   1 
ATOM   205 C CA  . ASP A 1 27  ? -6.630  12.504  -2.684  1.00 11.48 ? 27  ASP A CA  1 
ATOM   206 C C   . ASP A 1 27  ? -7.987  13.208  -2.665  1.00 13.66 ? 27  ASP A C   1 
ATOM   207 O O   . ASP A 1 27  ? -8.455  13.626  -1.616  1.00 16.72 ? 27  ASP A O   1 
ATOM   208 C CB  . ASP A 1 27  ? -5.501  13.536  -2.755  1.00 10.40 ? 27  ASP A CB  1 
ATOM   209 C CG  . ASP A 1 27  ? -4.149  12.905  -2.580  1.00 11.96 ? 27  ASP A CG  1 
ATOM   210 O OD1 . ASP A 1 27  ? -3.991  12.177  -1.591  1.00 11.76 ? 27  ASP A OD1 1 
ATOM   211 O OD2 . ASP A 1 27  ? -3.280  13.139  -3.447  1.00 17.12 ? 27  ASP A OD2 1 
ATOM   212 N N   . LEU A 1 28  ? -8.606  13.334  -3.830  1.00 13.33 ? 28  LEU A N   1 
ATOM   213 C CA  . LEU A 1 28  ? -9.902  14.015  -3.896  1.00 15.84 ? 28  LEU A CA  1 
ATOM   214 C C   . LEU A 1 28  ? -10.975 13.276  -3.122  1.00 18.87 ? 28  LEU A C   1 
ATOM   215 O O   . LEU A 1 28  ? -11.994 13.861  -2.767  1.00 18.02 ? 28  LEU A O   1 
ATOM   216 C CB  . LEU A 1 28  ? -10.321 14.202  -5.353  1.00 18.75 ? 28  LEU A CB  1 
ATOM   217 C CG  . LEU A 1 28  ? -9.317  15.055  -6.131  1.00 27.11 ? 28  LEU A CG  1 
ATOM   218 C CD1 . LEU A 1 28  ? -9.751  15.240  -7.575  1.00 32.70 ? 28  LEU A CD1 1 
ATOM   219 C CD2 . LEU A 1 28  ? -9.116  16.404  -5.447  1.00 31.89 ? 28  LEU A CD2 1 
ATOM   220 N N   . LEU A 1 29  ? -10.739 11.998  -2.850  1.00 13.34 ? 29  LEU A N   1 
ATOM   221 C CA  . LEU A 1 29  ? -11.723 11.140  -2.208  1.00 14.29 ? 29  LEU A CA  1 
ATOM   222 C C   . LEU A 1 29  ? -11.376 10.770  -0.783  1.00 15.38 ? 29  LEU A C   1 
ATOM   223 O O   . LEU A 1 29  ? -11.979 9.881   -0.206  1.00 15.00 ? 29  LEU A O   1 
ATOM   224 C CB  . LEU A 1 29  ? -11.911 9.856   -3.029  1.00 14.25 ? 29  LEU A CB  1 
ATOM   225 C CG  . LEU A 1 29  ? -12.517 10.086  -4.405  1.00 16.76 ? 29  LEU A CG  1 
ATOM   226 C CD1 . LEU A 1 29  ? -12.449 8.838   -5.210  1.00 19.51 ? 29  LEU A CD1 1 
ATOM   227 C CD2 . LEU A 1 29  ? -13.966 10.572  -4.272  1.00 22.33 ? 29  LEU A CD2 1 
ATOM   228 N N   . ASP A 1 30  ? -10.417 11.462  -0.177  1.00 15.93 ? 30  ASP A N   1 
ATOM   229 C CA  . ASP A 1 30  ? -9.935  10.967  1.107   1.00 15.69 ? 30  ASP A CA  1 
ATOM   230 C C   . ASP A 1 30  ? -10.744 11.414  2.335   1.00 19.44 ? 30  ASP A C   1 
ATOM   231 O O   . ASP A 1 30  ? -10.380 11.100  3.466   1.00 21.83 ? 30  ASP A O   1 
ATOM   232 C CB  . ASP A 1 30  ? -8.437  11.208  1.258   1.00 16.63 ? 30  ASP A CB  1 
ATOM   233 C CG  . ASP A 1 30  ? -7.610  10.235  0.441   1.00 18.24 ? 30  ASP A CG  1 
ATOM   234 O OD1 . ASP A 1 30  ? -8.174  9.282   -0.147  1.00 13.76 ? 30  ASP A OD1 1 
ATOM   235 O OD2 . ASP A 1 30  ? -6.390  10.425  0.387   1.00 17.39 ? 30  ASP A OD2 1 
ATOM   236 N N   . ASN A 1 31  ? -11.867 12.085  2.084   1.00 18.36 ? 31  ASN A N   1 
ATOM   237 C CA  . ASN A 1 31  ? -12.902 12.248  3.114   1.00 22.91 ? 31  ASN A CA  1 
ATOM   238 C C   . ASN A 1 31  ? -13.799 11.022  3.286   1.00 21.77 ? 31  ASN A C   1 
ATOM   239 O O   . ASN A 1 31  ? -14.590 10.958  4.225   1.00 21.21 ? 31  ASN A O   1 
ATOM   240 C CB  . ASN A 1 31  ? -13.745 13.492  2.856   1.00 27.40 ? 31  ASN A CB  1 
ATOM   241 C CG  . ASN A 1 31  ? -12.950 14.766  3.043   1.00 34.75 ? 31  ASN A CG  1 
ATOM   242 O OD1 . ASN A 1 31  ? -13.115 15.733  2.296   1.00 45.19 ? 31  ASN A OD1 1 
ATOM   243 N ND2 . ASN A 1 31  ? -12.064 14.765  4.035   1.00 37.22 ? 31  ASN A ND2 1 
ATOM   244 N N   . LEU A 1 32  ? -13.687 10.051  2.387   1.00 15.64 ? 32  LEU A N   1 
ATOM   245 C CA  . LEU A 1 32  ? -14.344 8.771   2.632   1.00 14.95 ? 32  LEU A CA  1 
ATOM   246 C C   . LEU A 1 32  ? -13.806 8.105   3.897   1.00 15.33 ? 32  LEU A C   1 
ATOM   247 O O   . LEU A 1 32  ? -12.671 8.377   4.332   1.00 16.57 ? 32  LEU A O   1 
ATOM   248 C CB  . LEU A 1 32  ? -14.162 7.823   1.445   1.00 16.39 ? 32  LEU A CB  1 
ATOM   249 C CG  . LEU A 1 32  ? -14.704 8.303   0.102   1.00 18.83 ? 32  LEU A CG  1 
ATOM   250 C CD1 . LEU A 1 32  ? -14.311 7.306   -0.980  1.00 18.20 ? 32  LEU A CD1 1 
ATOM   251 C CD2 . LEU A 1 32  ? -16.215 8.461   0.183   1.00 26.30 ? 32  LEU A CD2 1 
ATOM   252 N N   . ASN A 1 33  ? -14.601 7.202   4.455   1.00 16.39 ? 33  ASN A N   1 
ATOM   253 C CA  . ASN A 1 33  ? -14.183 6.454   5.642   1.00 17.38 ? 33  ASN A CA  1 
ATOM   254 C C   . ASN A 1 33  ? -13.342 5.223   5.343   1.00 16.71 ? 33  ASN A C   1 
ATOM   255 O O   . ASN A 1 33  ? -12.918 4.536   6.260   1.00 16.42 ? 33  ASN A O   1 
ATOM   256 C CB  . ASN A 1 33  ? -15.386 6.055   6.490   1.00 22.16 ? 33  ASN A CB  1 
ATOM   257 C CG  . ASN A 1 33  ? -16.121 7.254   7.051   1.00 40.02 ? 33  ASN A CG  1 
ATOM   258 O OD1 . ASN A 1 33  ? -15.506 8.252   7.435   1.00 41.20 ? 33  ASN A OD1 1 
ATOM   259 N ND2 . ASN A 1 33  ? -17.444 7.165   7.099   1.00 39.34 ? 33  ASN A ND2 1 
ATOM   260 N N   . THR A 1 34  ? -13.126 4.936   4.061   1.00 14.90 ? 34  THR A N   1 
ATOM   261 C CA  . THR A 1 34  ? -12.274 3.814   3.636   1.00 13.32 ? 34  THR A CA  1 
ATOM   262 C C   . THR A 1 34  ? -11.177 4.320   2.706   1.00 13.28 ? 34  THR A C   1 
ATOM   263 O O   . THR A 1 34  ? -11.264 5.408   2.139   1.00 13.20 ? 34  THR A O   1 
ATOM   264 C CB  . THR A 1 34  ? -13.064 2.756   2.882   1.00 16.91 ? 34  THR A CB  1 
ATOM   265 O OG1 . THR A 1 34  ? -13.770 3.392   1.821   1.00 17.77 ? 34  THR A OG1 1 
ATOM   266 C CG2 . THR A 1 34  ? -14.045 2.041   3.821   1.00 19.11 ? 34  THR A CG2 1 
ATOM   267 N N   . ARG A 1 35  ? -10.132 3.521   2.561   1.00 11.74 ? 35  ARG A N   1 
ATOM   268 C CA  . ARG A 1 35  ? -9.008  3.907   1.718   1.00 10.85 ? 35  ARG A CA  1 
ATOM   269 C C   . ARG A 1 35  ? -8.551  2.699   0.928   1.00 8.05  ? 35  ARG A C   1 
ATOM   270 O O   . ARG A 1 35  ? -8.275  1.644   1.502   1.00 9.51  ? 35  ARG A O   1 
ATOM   271 C CB  . ARG A 1 35  ? -7.867  4.347   2.624   1.00 13.75 ? 35  ARG A CB  1 
ATOM   272 C CG  . ARG A 1 35  ? -6.767  5.108   1.918   1.00 13.49 ? 35  ARG A CG  1 
ATOM   273 C CD  . ARG A 1 35  ? -7.205  6.523   1.424   1.00 13.57 ? 35  ARG A CD  1 
ATOM   274 N NE  . ARG A 1 35  ? -7.847  7.382   2.425   1.00 13.29 ? 35  ARG A NE  1 
ATOM   275 C CZ  . ARG A 1 35  ? -7.202  8.087   3.341   1.00 11.93 ? 35  ARG A CZ  1 
ATOM   276 N NH1 . ARG A 1 35  ? -7.869  8.845   4.220   1.00 18.00 ? 35  ARG A NH1 1 
ATOM   277 N NH2 . ARG A 1 35  ? -5.881  7.971   3.435   1.00 14.53 ? 35  ARG A NH2 1 
ATOM   278 N N   . LEU A 1 36  ? -8.461  2.851   -0.392  1.00 9.41  ? 36  LEU A N   1 
ATOM   279 C CA  . LEU A 1 36  ? -7.897  1.793   -1.246  1.00 8.54  ? 36  LEU A CA  1 
ATOM   280 C C   . LEU A 1 36  ? -6.382  1.731   -1.017  1.00 9.08  ? 36  LEU A C   1 
ATOM   281 O O   . LEU A 1 36  ? -5.678  2.750   -1.156  1.00 8.90  ? 36  LEU A O   1 
ATOM   282 C CB  . LEU A 1 36  ? -8.195  2.116   -2.725  1.00 8.80  ? 36  LEU A CB  1 
ATOM   283 C CG  . LEU A 1 36  ? -7.819  1.007   -3.710  1.00 8.13  ? 36  LEU A CG  1 
ATOM   284 C CD1 . LEU A 1 36  ? -8.786  -0.201  -3.571  1.00 11.21 ? 36  LEU A CD1 1 
ATOM   285 C CD2 . LEU A 1 36  ? -7.885  1.527   -5.148  1.00 12.16 ? 36  LEU A CD2 1 
ATOM   286 N N   . VAL A 1 37  ? -5.888  0.544   -0.683  1.00 8.30  ? 37  VAL A N   1 
ATOM   287 C CA  . VAL A 1 37  ? -4.469  0.376   -0.341  1.00 8.30  ? 37  VAL A CA  1 
ATOM   288 C C   . VAL A 1 37  ? -3.912  -0.893  -0.976  1.00 10.44 ? 37  VAL A C   1 
ATOM   289 O O   . VAL A 1 37  ? -4.652  -1.820  -1.313  1.00 10.37 ? 37  VAL A O   1 
ATOM   290 C CB  . VAL A 1 37  ? -4.220  0.274   1.185   1.00 9.09  ? 37  VAL A CB  1 
ATOM   291 C CG1 . VAL A 1 37  ? -4.674  1.565   1.927   1.00 9.41  ? 37  VAL A CG1 1 
ATOM   292 C CG2 . VAL A 1 37  ? -4.902  -0.969  1.758   1.00 10.91 ? 37  VAL A CG2 1 
ATOM   293 N N   . ILE A 1 38  ? -2.600  -0.931  -1.182  1.00 8.82  ? 38  ILE A N   1 
ATOM   294 C CA  . ILE A 1 38  ? -1.911  -2.182  -1.533  1.00 8.41  ? 38  ILE A CA  1 
ATOM   295 C C   . ILE A 1 38  ? -1.090  -2.606  -0.316  1.00 9.41  ? 38  ILE A C   1 
ATOM   296 O O   . ILE A 1 38  ? -0.275  -1.830  0.195   1.00 9.37  ? 38  ILE A O   1 
ATOM   297 C CB  . ILE A 1 38  ? -0.983  -1.985  -2.741  1.00 8.44  ? 38  ILE A CB  1 
ATOM   298 C CG1 . ILE A 1 38  ? -1.793  -1.610  -3.991  1.00 10.63 ? 38  ILE A CG1 1 
ATOM   299 C CG2 . ILE A 1 38  ? -0.171  -3.266  -2.969  1.00 10.76 ? 38  ILE A CG2 1 
ATOM   300 C CD1 . ILE A 1 38  ? -0.907  -1.252  -5.174  1.00 12.87 ? 38  ILE A CD1 1 
ATOM   301 N N   . PRO A 1 39  ? -1.318  -3.814  0.204   1.00 8.17  ? 39  PRO A N   1 
ATOM   302 C CA  . PRO A 1 39  ? -0.507  -4.294  1.337   1.00 8.47  ? 39  PRO A CA  1 
ATOM   303 C C   . PRO A 1 39  ? 0.930   -4.667  0.959   1.00 9.40  ? 39  PRO A C   1 
ATOM   304 O O   . PRO A 1 39  ? 1.175   -5.116  -0.169  1.00 10.14 ? 39  PRO A O   1 
ATOM   305 C CB  . PRO A 1 39  ? -1.236  -5.556  1.817   1.00 11.69 ? 39  PRO A CB  1 
ATOM   306 C CG  . PRO A 1 39  ? -2.389  -5.747  0.899   1.00 17.42 ? 39  PRO A CG  1 
ATOM   307 C CD  . PRO A 1 39  ? -2.315  -4.793  -0.249  1.00 10.47 ? 39  PRO A CD  1 
ATOM   308 N N   . LEU A 1 40  ? 1.846   -4.453  1.904   1.00 10.03 ? 40  LEU A N   1 
ATOM   309 C CA  . LEU A 1 40  ? 3.222   -4.910  1.789   1.00 10.51 ? 40  LEU A CA  1 
ATOM   310 C C   . LEU A 1 40  ? 3.456   -6.064  2.744   1.00 10.29 ? 40  LEU A C   1 
ATOM   311 O O   . LEU A 1 40  ? 3.026   -6.029  3.889   1.00 12.37 ? 40  LEU A O   1 
ATOM   312 C CB  . LEU A 1 40  ? 4.206   -3.786  2.159   1.00 10.40 ? 40  LEU A CB  1 
ATOM   313 C CG  . LEU A 1 40  ? 4.156   -2.519  1.324   1.00 10.90 ? 40  LEU A CG  1 
ATOM   314 C CD1 . LEU A 1 40  ? 5.333   -1.626  1.673   1.00 14.87 ? 40  LEU A CD1 1 
ATOM   315 C CD2 . LEU A 1 40  ? 4.173   -2.818  -0.151  1.00 15.72 ? 40  LEU A CD2 1 
ATOM   316 N N   . THR A 1 41  ? 4.131   -7.092  2.262   1.00 10.84 ? 41  THR A N   1 
ATOM   317 C CA  . THR A 1 41  ? 4.561   -8.186  3.120   1.00 13.58 ? 41  THR A CA  1 
ATOM   318 C C   . THR A 1 41  ? 6.092   -8.308  3.065   1.00 13.42 ? 41  THR A C   1 
ATOM   319 O O   . THR A 1 41  ? 6.697   -8.092  2.020   1.00 13.82 ? 41  THR A O   1 
ATOM   320 C CB  . THR A 1 41  ? 3.873   -9.502  2.720   1.00 16.16 ? 41  THR A CB  1 
ATOM   321 O OG1 . THR A 1 41  ? 4.124   -10.496 3.725   1.00 18.99 ? 41  THR A OG1 1 
ATOM   322 C CG2 . THR A 1 41  ? 4.368   -9.992  1.367   1.00 19.15 ? 41  THR A CG2 1 
ATOM   323 N N   . PRO A 1 42  ? 6.738   -8.617  4.202   1.00 13.38 ? 42  PRO A N   1 
ATOM   324 C CA  . PRO A 1 42  ? 8.205   -8.709  4.187   1.00 15.05 ? 42  PRO A CA  1 
ATOM   325 C C   . PRO A 1 42  ? 8.690   -9.817  3.263   1.00 16.72 ? 42  PRO A C   1 
ATOM   326 O O   . PRO A 1 42  ? 8.066   -10.869 3.189   1.00 17.50 ? 42  PRO A O   1 
ATOM   327 C CB  . PRO A 1 42  ? 8.548   -9.090  5.633   1.00 20.05 ? 42  PRO A CB  1 
ATOM   328 C CG  . PRO A 1 42  ? 7.354   -8.708  6.436   1.00 20.50 ? 42  PRO A CG  1 
ATOM   329 C CD  . PRO A 1 42  ? 6.167   -8.857  5.542   1.00 15.01 ? 42  PRO A CD  1 
ATOM   330 N N   . ILE A 1 43  ? 9.801   -9.590  2.572   1.00 15.12 ? 43  ILE A N   1 
ATOM   331 C CA  . ILE A 1 43  ? 10.313  -10.628 1.685   1.00 17.25 ? 43  ILE A CA  1 
ATOM   332 C C   . ILE A 1 43  ? 10.606  -11.930 2.433   1.00 26.91 ? 43  ILE A C   1 
ATOM   333 O O   . ILE A 1 43  ? 10.487  -13.008 1.861   1.00 28.94 ? 43  ILE A O   1 
ATOM   334 C CB  . ILE A 1 43  ? 11.550  -10.162 0.874   1.00 21.15 ? 43  ILE A CB  1 
ATOM   335 C CG1 . ILE A 1 43  ? 12.703  -9.755  1.783   1.00 21.31 ? 43  ILE A CG1 1 
ATOM   336 C CG2 . ILE A 1 43  ? 11.168  -9.015  -0.059  1.00 19.68 ? 43  ILE A CG2 1 
ATOM   337 C CD1 . ILE A 1 43  ? 14.007  -9.592  1.058   1.00 26.07 ? 43  ILE A CD1 1 
ATOM   338 N N   . GLU A 1 44  ? 10.972  -11.819 3.708   1.00 21.68 ? 44  GLU A N   1 
ATOM   339 C CA  . GLU A 1 44  ? 11.244  -12.999 4.539   1.00 27.14 ? 44  GLU A CA  1 
ATOM   340 C C   . GLU A 1 44  ? 10.041  -13.938 4.661   1.00 34.19 ? 44  GLU A C   1 
ATOM   341 O O   . GLU A 1 44  ? 10.207  -15.133 4.893   1.00 37.63 ? 44  GLU A O   1 
ATOM   342 C CB  . GLU A 1 44  ? 11.719  -12.579 5.930   1.00 30.99 ? 44  GLU A CB  1 
ATOM   343 C CG  . GLU A 1 44  ? 13.092  -11.937 5.956   1.00 29.85 ? 44  GLU A CG  1 
ATOM   344 C CD  . GLU A 1 44  ? 13.094  -10.493 5.478   1.00 35.55 ? 44  GLU A CD  1 
ATOM   345 O OE1 . GLU A 1 44  ? 12.003  -9.880  5.389   1.00 31.33 ? 44  GLU A OE1 1 
ATOM   346 O OE2 . GLU A 1 44  ? 14.192  -9.968  5.194   1.00 31.69 ? 44  GLU A OE2 1 
ATOM   347 N N   . LEU A 1 45  ? 8.834   -13.401 4.508   1.00 28.95 ? 45  LEU A N   1 
ATOM   348 C CA  . LEU A 1 45  ? 7.625   -14.219 4.557   1.00 33.18 ? 45  LEU A CA  1 
ATOM   349 C C   . LEU A 1 45  ? 7.244   -14.713 3.170   1.00 37.05 ? 45  LEU A C   1 
ATOM   350 O O   . LEU A 1 45  ? 6.216   -15.365 3.002   1.00 48.82 ? 45  LEU A O   1 
ATOM   351 C CB  . LEU A 1 45  ? 6.461   -13.446 5.185   1.00 30.03 ? 45  LEU A CB  1 
ATOM   352 C CG  . LEU A 1 45  ? 6.702   -12.895 6.589   1.00 29.82 ? 45  LEU A CG  1 
ATOM   353 C CD1 . LEU A 1 45  ? 5.411   -12.302 7.137   1.00 32.66 ? 45  LEU A CD1 1 
ATOM   354 C CD2 . LEU A 1 45  ? 7.222   -13.987 7.512   1.00 38.45 ? 45  LEU A CD2 1 
ATOM   355 N N   . LEU A 1 54  ? 3.754   -7.945  -11.422 1.00 25.32 ? 54  LEU A N   1 
ATOM   356 C CA  . LEU A 1 54  ? 2.507   -7.666  -10.714 1.00 20.21 ? 54  LEU A CA  1 
ATOM   357 C C   . LEU A 1 54  ? 2.780   -7.277  -9.261  1.00 20.44 ? 54  LEU A C   1 
ATOM   358 O O   . LEU A 1 54  ? 2.154   -6.351  -8.737  1.00 18.38 ? 54  LEU A O   1 
ATOM   359 C CB  . LEU A 1 54  ? 1.556   -8.867  -10.767 1.00 20.31 ? 54  LEU A CB  1 
ATOM   360 C CG  . LEU A 1 54  ? 0.196   -8.758  -10.057 1.00 21.72 ? 54  LEU A CG  1 
ATOM   361 C CD1 . LEU A 1 54  ? -0.651  -7.605  -10.609 1.00 21.16 ? 54  LEU A CD1 1 
ATOM   362 C CD2 . LEU A 1 54  ? -0.573  -10.089 -10.142 1.00 24.39 ? 54  LEU A CD2 1 
ATOM   363 N N   . CYS A 1 55  ? 3.722   -7.990  -8.637  1.00 22.15 ? 55  CYS A N   1 
ATOM   364 C CA  . CYS A 1 55  ? 4.064   -7.818  -7.215  1.00 17.27 ? 55  CYS A CA  1 
ATOM   365 C C   . CYS A 1 55  ? 5.551   -7.526  -7.056  1.00 18.14 ? 55  CYS A C   1 
ATOM   366 O O   . CYS A 1 55  ? 6.306   -8.396  -6.613  1.00 23.41 ? 55  CYS A O   1 
ATOM   367 C CB  . CYS A 1 55  ? 3.747   -9.077  -6.429  1.00 20.30 ? 55  CYS A CB  1 
ATOM   368 S SG  . CYS A 1 55  ? 2.057   -9.634  -6.536  1.00 25.24 ? 55  CYS A SG  1 
ATOM   369 N N   . PRO A 1 56  ? 5.953   -6.305  -7.391  1.00 19.66 ? 56  PRO A N   1 
ATOM   370 C CA  . PRO A 1 56  ? 7.388   -5.995  -7.379  1.00 24.10 ? 56  PRO A CA  1 
ATOM   371 C C   . PRO A 1 56  ? 7.936   -6.026  -5.977  1.00 24.20 ? 56  PRO A C   1 
ATOM   372 O O   . PRO A 1 56  ? 7.215   -5.778  -5.012  1.00 19.19 ? 56  PRO A O   1 
ATOM   373 C CB  . PRO A 1 56  ? 7.461   -4.543  -7.844  1.00 26.23 ? 56  PRO A CB  1 
ATOM   374 C CG  . PRO A 1 56  ? 6.079   -4.050  -8.006  1.00 30.96 ? 56  PRO A CG  1 
ATOM   375 C CD  . PRO A 1 56  ? 5.111   -5.120  -7.616  1.00 21.39 ? 56  PRO A CD  1 
ATOM   376 N N   . THR A 1 57  ? 9.229   -6.295  -5.882  1.00 21.24 ? 57  THR A N   1 
ATOM   377 C CA  . THR A 1 57  ? 9.949   -6.145  -4.633  1.00 18.04 ? 57  THR A CA  1 
ATOM   378 C C   . THR A 1 57  ? 10.394  -4.702  -4.492  1.00 15.95 ? 57  THR A C   1 
ATOM   379 O O   . THR A 1 57  ? 10.965  -4.128  -5.438  1.00 22.84 ? 57  THR A O   1 
ATOM   380 C CB  . THR A 1 57  ? 11.201  -7.012  -4.635  1.00 23.40 ? 57  THR A CB  1 
ATOM   381 O OG1 . THR A 1 57  ? 10.825  -8.385  -4.785  1.00 28.02 ? 57  THR A OG1 1 
ATOM   382 C CG2 . THR A 1 57  ? 11.963  -6.826  -3.329  1.00 25.32 ? 57  THR A CG2 1 
ATOM   383 N N   . ILE A 1 58  ? 10.164  -4.117  -3.327  1.00 14.64 ? 58  ILE A N   1 
ATOM   384 C CA  . ILE A 1 58  ? 10.632  -2.770  -3.063  1.00 17.16 ? 58  ILE A CA  1 
ATOM   385 C C   . ILE A 1 58  ? 11.517  -2.679  -1.817  1.00 19.68 ? 58  ILE A C   1 
ATOM   386 O O   . ILE A 1 58  ? 11.343  -3.401  -0.829  1.00 18.12 ? 58  ILE A O   1 
ATOM   387 C CB  . ILE A 1 58  ? 9.465   -1.755  -2.991  1.00 21.95 ? 58  ILE A CB  1 
ATOM   388 C CG1 . ILE A 1 58  ? 8.574   -2.083  -1.793  1.00 19.08 ? 58  ILE A CG1 1 
ATOM   389 C CG2 . ILE A 1 58  ? 8.657   -1.770  -4.299  1.00 19.36 ? 58  ILE A CG2 1 
ATOM   390 C CD1 . ILE A 1 58  ? 7.515   -1.013  -1.514  1.00 22.34 ? 58  ILE A CD1 1 
ATOM   391 N N   . HIS A 1 59  ? 12.485  -1.773  -1.882  1.00 16.57 ? 59  HIS A N   1 
ATOM   392 C CA  . HIS A 1 59  ? 13.432  -1.587  -0.815  1.00 17.11 ? 59  HIS A CA  1 
ATOM   393 C C   . HIS A 1 59  ? 13.332  -0.156  -0.333  1.00 16.69 ? 59  HIS A C   1 
ATOM   394 O O   . HIS A 1 59  ? 13.729  0.789   -1.041  1.00 20.84 ? 59  HIS A O   1 
ATOM   395 C CB  . HIS A 1 59  ? 14.842  -1.876  -1.335  1.00 20.44 ? 59  HIS A CB  1 
ATOM   396 C CG  . HIS A 1 59  ? 15.022  -3.284  -1.796  1.00 17.32 ? 59  HIS A CG  1 
ATOM   397 N ND1 . HIS A 1 59  ? 15.005  -3.642  -3.125  1.00 19.09 ? 59  HIS A ND1 1 
ATOM   398 C CD2 . HIS A 1 59  ? 15.194  -4.428  -1.099  1.00 13.58 ? 59  HIS A CD2 1 
ATOM   399 C CE1 . HIS A 1 59  ? 15.167  -4.951  -3.225  1.00 15.49 ? 59  HIS A CE1 1 
ATOM   400 N NE2 . HIS A 1 59  ? 15.277  -5.450  -2.011  1.00 19.87 ? 59  HIS A NE2 1 
ATOM   401 N N   . ILE A 1 60  ? 12.786  -0.004  0.859   1.00 17.68 ? 60  ILE A N   1 
ATOM   402 C CA  . ILE A 1 60  ? 12.517  1.309   1.397   1.00 18.10 ? 60  ILE A CA  1 
ATOM   403 C C   . ILE A 1 60  ? 13.140  1.411   2.778   1.00 18.36 ? 60  ILE A C   1 
ATOM   404 O O   . ILE A 1 60  ? 13.671  0.429   3.312   1.00 21.41 ? 60  ILE A O   1 
ATOM   405 C CB  . ILE A 1 60  ? 10.987  1.605   1.431   1.00 17.10 ? 60  ILE A CB  1 
ATOM   406 C CG1 . ILE A 1 60  ? 10.258  0.519   2.225   1.00 15.97 ? 60  ILE A CG1 1 
ATOM   407 C CG2 . ILE A 1 60  ? 10.436  1.638   0.013   1.00 21.89 ? 60  ILE A CG2 1 
ATOM   408 C CD1 . ILE A 1 60  ? 8.729   0.768   2.365   1.00 15.36 ? 60  ILE A CD1 1 
ATOM   409 N N   . ASP A 1 61  ? 13.096  2.598   3.367   1.00 21.16 ? 61  ASP A N   1 
ATOM   410 C CA  . ASP A 1 61  ? 13.724  2.783   4.665   1.00 21.75 ? 61  ASP A CA  1 
ATOM   411 C C   . ASP A 1 61  ? 13.234  1.791   5.715   1.00 21.59 ? 61  ASP A C   1 
ATOM   412 O O   . ASP A 1 61  ? 13.978  1.390   6.606   1.00 23.76 ? 61  ASP A O   1 
ATOM   413 C CB  . ASP A 1 61  ? 13.524  4.225   5.144   1.00 28.69 ? 61  ASP A CB  1 
ATOM   414 C CG  . ASP A 1 61  ? 14.146  5.240   4.207   1.00 38.35 ? 61  ASP A CG  1 
ATOM   415 O OD1 . ASP A 1 61  ? 15.125  4.893   3.509   1.00 36.43 ? 61  ASP A OD1 1 
ATOM   416 O OD2 . ASP A 1 61  ? 13.654  6.388   4.167   1.00 46.27 ? 61  ASP A OD2 1 
ATOM   417 N N   . GLU A 1 62  ? 11.976  1.370   5.596   1.00 18.47 ? 62  GLU A N   1 
ATOM   418 C CA  . GLU A 1 62  ? 11.343  0.522   6.591   1.00 18.29 ? 62  GLU A CA  1 
ATOM   419 C C   . GLU A 1 62  ? 11.640  -0.962  6.406   1.00 18.22 ? 62  GLU A C   1 
ATOM   420 O O   . GLU A 1 62  ? 11.260  -1.777  7.246   1.00 21.35 ? 62  GLU A O   1 
ATOM   421 C CB  . GLU A 1 62  ? 9.826   0.719   6.539   1.00 19.69 ? 62  GLU A CB  1 
ATOM   422 C CG  . GLU A 1 62  ? 9.380   2.087   7.059   1.00 21.09 ? 62  GLU A CG  1 
ATOM   423 C CD  . GLU A 1 62  ? 9.735   3.239   6.136   1.00 19.39 ? 62  GLU A CD  1 
ATOM   424 O OE1 . GLU A 1 62  ? 9.816   3.058   4.897   1.00 20.01 ? 62  GLU A OE1 1 
ATOM   425 O OE2 . GLU A 1 62  ? 9.911   4.366   6.653   1.00 25.60 ? 62  GLU A OE2 1 
ATOM   426 N N   . GLY A 1 63  ? 12.261  -1.301  5.283   1.00 16.68 ? 63  GLY A N   1 
ATOM   427 C CA  . GLY A 1 63  ? 12.616  -2.684  5.018   1.00 21.44 ? 63  GLY A CA  1 
ATOM   428 C C   . GLY A 1 63  ? 12.412  -3.110  3.584   1.00 15.73 ? 63  GLY A C   1 
ATOM   429 O O   . GLY A 1 63  ? 12.317  -2.287  2.670   1.00 17.33 ? 63  GLY A O   1 
ATOM   430 N N   . ASP A 1 64  ? 12.360  -4.425  3.393   1.00 15.16 ? 64  ASP A N   1 
ATOM   431 C CA  . ASP A 1 64  ? 12.294  -5.027  2.065   1.00 14.31 ? 64  ASP A CA  1 
ATOM   432 C C   . ASP A 1 64  ? 10.996  -5.811  1.947   1.00 13.63 ? 64  ASP A C   1 
ATOM   433 O O   . ASP A 1 64  ? 10.734  -6.732  2.740   1.00 13.18 ? 64  ASP A O   1 
ATOM   434 C CB  . ASP A 1 64  ? 13.493  -5.955  1.894   1.00 17.29 ? 64  ASP A CB  1 
ATOM   435 C CG  . ASP A 1 64  ? 14.750  -5.303  2.370   1.00 19.06 ? 64  ASP A CG  1 
ATOM   436 O OD1 . ASP A 1 64  ? 15.187  -4.346  1.689   1.00 18.13 ? 64  ASP A OD1 1 
ATOM   437 O OD2 . ASP A 1 64  ? 15.244  -5.715  3.439   1.00 18.91 ? 64  ASP A OD2 1 
ATOM   438 N N   . PHE A 1 65  ? 10.181  -5.448  0.952   1.00 13.22 ? 65  PHE A N   1 
ATOM   439 C CA  . PHE A 1 65  ? 8.801   -5.924  0.911   1.00 13.60 ? 65  PHE A CA  1 
ATOM   440 C C   . PHE A 1 65  ? 8.412   -6.346  -0.486  1.00 14.57 ? 65  PHE A C   1 
ATOM   441 O O   . PHE A 1 65  ? 8.969   -5.859  -1.470  1.00 13.98 ? 65  PHE A O   1 
ATOM   442 C CB  . PHE A 1 65  ? 7.852   -4.805  1.363   1.00 10.47 ? 65  PHE A CB  1 
ATOM   443 C CG  . PHE A 1 65  ? 8.123   -4.315  2.749   1.00 10.66 ? 65  PHE A CG  1 
ATOM   444 C CD1 . PHE A 1 65  ? 7.619   -4.984  3.849   1.00 12.95 ? 65  PHE A CD1 1 
ATOM   445 C CD2 . PHE A 1 65  ? 8.909   -3.190  2.942   1.00 13.33 ? 65  PHE A CD2 1 
ATOM   446 C CE1 . PHE A 1 65  ? 7.888   -4.542  5.131   1.00 14.68 ? 65  PHE A CE1 1 
ATOM   447 C CE2 . PHE A 1 65  ? 9.191   -2.732  4.212   1.00 15.22 ? 65  PHE A CE2 1 
ATOM   448 C CZ  . PHE A 1 65  ? 8.675   -3.401  5.319   1.00 13.62 ? 65  PHE A CZ  1 
ATOM   449 N N   . ILE A 1 66  ? 7.448   -7.255  -0.554  1.00 11.77 ? 66  ILE A N   1 
ATOM   450 C CA  . ILE A 1 66  ? 6.716   -7.498  -1.778  1.00 12.43 ? 66  ILE A CA  1 
ATOM   451 C C   . ILE A 1 66  ? 5.487   -6.615  -1.722  1.00 11.81 ? 66  ILE A C   1 
ATOM   452 O O   . ILE A 1 66  ? 4.744   -6.617  -0.728  1.00 11.83 ? 66  ILE A O   1 
ATOM   453 C CB  . ILE A 1 66  ? 6.271   -8.963  -1.892  1.00 14.02 ? 66  ILE A CB  1 
ATOM   454 C CG1 . ILE A 1 66  ? 7.477   -9.910  -1.835  1.00 17.85 ? 66  ILE A CG1 1 
ATOM   455 C CG2 . ILE A 1 66  ? 5.510   -9.161  -3.201  1.00 18.60 ? 66  ILE A CG2 1 
ATOM   456 C CD1 . ILE A 1 66  ? 8.564   -9.572  -2.808  1.00 23.88 ? 66  ILE A CD1 1 
ATOM   457 N N   . MET A 1 67  ? 5.289   -5.844  -2.787  1.00 11.66 ? 67  MET A N   1 
ATOM   458 C CA  A MET A 1 67  ? 4.085   -5.036  -2.966  0.51 12.51 ? 67  MET A CA  1 
ATOM   459 C CA  B MET A 1 67  ? 4.079   -5.051  -2.936  0.49 12.51 ? 67  MET A CA  1 
ATOM   460 C C   . MET A 1 67  ? 2.992   -5.925  -3.546  1.00 12.77 ? 67  MET A C   1 
ATOM   461 O O   . MET A 1 67  ? 3.036   -6.287  -4.734  1.00 13.03 ? 67  MET A O   1 
ATOM   462 C CB  A MET A 1 67  ? 4.385   -3.887  -3.923  0.51 16.57 ? 67  MET A CB  1 
ATOM   463 C CB  B MET A 1 67  ? 4.335   -3.835  -3.810  0.49 16.63 ? 67  MET A CB  1 
ATOM   464 C CG  A MET A 1 67  ? 3.169   -3.134  -4.391  0.51 12.80 ? 67  MET A CG  1 
ATOM   465 C CG  B MET A 1 67  ? 3.250   -2.816  -3.659  0.49 16.57 ? 67  MET A CG  1 
ATOM   466 S SD  A MET A 1 67  ? 3.690   -1.677  -5.308  0.51 25.35 ? 67  MET A SD  1 
ATOM   467 S SD  B MET A 1 67  ? 3.504   -1.416  -4.743  0.49 19.33 ? 67  MET A SD  1 
ATOM   468 C CE  A MET A 1 67  ? 4.631   -0.834  -4.049  0.51 8.78  ? 67  MET A CE  1 
ATOM   469 C CE  B MET A 1 67  ? 3.551   -2.227  -6.343  0.49 12.24 ? 67  MET A CE  1 
ATOM   470 N N   . LEU A 1 68  ? 2.015   -6.277  -2.725  1.00 10.06 ? 68  LEU A N   1 
ATOM   471 C CA  . LEU A 1 68  ? 1.032   -7.297  -3.097  1.00 11.71 ? 68  LEU A CA  1 
ATOM   472 C C   . LEU A 1 68  ? -0.164  -6.711  -3.807  1.00 9.99  ? 68  LEU A C   1 
ATOM   473 O O   . LEU A 1 68  ? -1.284  -6.679  -3.281  1.00 10.53 ? 68  LEU A O   1 
ATOM   474 C CB  . LEU A 1 68  ? 0.585   -8.093  -1.875  1.00 13.26 ? 68  LEU A CB  1 
ATOM   475 C CG  . LEU A 1 68  ? 1.640   -8.935  -1.170  1.00 16.15 ? 68  LEU A CG  1 
ATOM   476 C CD1 . LEU A 1 68  ? 1.043   -9.433  0.137   1.00 20.58 ? 68  LEU A CD1 1 
ATOM   477 C CD2 . LEU A 1 68  ? 2.068   -10.089 -2.046  1.00 17.34 ? 68  LEU A CD2 1 
ATOM   478 N N   . THR A 1 69  ? 0.090   -6.269  -5.025  1.00 10.21 ? 69  THR A N   1 
ATOM   479 C CA  . THR A 1 69  ? -0.936  -5.638  -5.837  1.00 11.02 ? 69  THR A CA  1 
ATOM   480 C C   . THR A 1 69  ? -2.167  -6.527  -5.986  1.00 10.70 ? 69  THR A C   1 
ATOM   481 O O   . THR A 1 69  ? -3.300  -6.012  -6.012  1.00 13.18 ? 69  THR A O   1 
ATOM   482 C CB  . THR A 1 69  ? -0.396  -5.282  -7.215  1.00 12.43 ? 69  THR A CB  1 
ATOM   483 O OG1 . THR A 1 69  ? 0.871   -4.633  -7.058  1.00 13.37 ? 69  THR A OG1 1 
ATOM   484 C CG2 . THR A 1 69  ? -1.354  -4.332  -7.932  1.00 12.85 ? 69  THR A CG2 1 
ATOM   485 N N   . GLN A 1 70  ? -1.972  -7.838  -6.079  1.00 14.24 ? 70  GLN A N   1 
ATOM   486 C CA  . GLN A 1 70  ? -3.149  -8.672  -6.291  1.00 17.22 ? 70  GLN A CA  1 
ATOM   487 C C   . GLN A 1 70  ? -4.037  -8.735  -5.054  1.00 15.84 ? 70  GLN A C   1 
ATOM   488 O O   . GLN A 1 70  ? -5.194  -9.173  -5.146  1.00 16.74 ? 70  GLN A O   1 
ATOM   489 C CB  . GLN A 1 70  ? -2.788  -10.055 -6.809  1.00 22.61 ? 70  GLN A CB  1 
ATOM   490 C CG  . GLN A 1 70  ? -2.326  -11.009 -5.761  1.00 21.64 ? 70  GLN A CG  1 
ATOM   491 C CD  . GLN A 1 70  ? -0.871  -10.856 -5.418  1.00 31.25 ? 70  GLN A CD  1 
ATOM   492 N NE2 . GLN A 1 70  ? -0.290  -11.922 -4.871  1.00 32.76 ? 70  GLN A NE2 1 
ATOM   493 N N   . GLN A 1 71  ? -3.508  -8.287  -3.908  1.00 12.33 ? 71  GLN A N   1 
ATOM   494 C CA  A GLN A 1 71  ? -4.262  -8.226  -2.659  0.40 12.30 ? 71  GLN A CA  1 
ATOM   495 C CA  B GLN A 1 71  ? -4.290  -8.229  -2.680  0.60 12.26 ? 71  GLN A CA  1 
ATOM   496 C C   . GLN A 1 71  ? -4.724  -6.799  -2.334  1.00 10.98 ? 71  GLN A C   1 
ATOM   497 O O   . GLN A 1 71  ? -5.050  -6.496  -1.172  1.00 11.82 ? 71  GLN A O   1 
ATOM   498 C CB  A GLN A 1 71  ? -3.435  -8.790  -1.500  0.40 13.90 ? 71  GLN A CB  1 
ATOM   499 C CB  B GLN A 1 71  ? -3.525  -8.884  -1.536  0.60 14.00 ? 71  GLN A CB  1 
ATOM   500 C CG  A GLN A 1 71  ? -3.396  -10.320 -1.446  0.40 17.67 ? 71  GLN A CG  1 
ATOM   501 C CG  B GLN A 1 71  ? -3.141  -10.335 -1.855  0.60 15.03 ? 71  GLN A CG  1 
ATOM   502 C CD  A GLN A 1 71  ? -4.552  -10.905 -0.655  0.40 24.53 ? 71  GLN A CD  1 
ATOM   503 C CD  B GLN A 1 71  ? -2.562  -11.047 -0.661  0.60 18.37 ? 71  GLN A CD  1 
ATOM   504 O OE1 A GLN A 1 71  ? -5.721  -10.724 -1.005  0.40 24.34 ? 71  GLN A OE1 1 
ATOM   505 O OE1 B GLN A 1 71  ? -3.003  -10.839 0.462   0.60 23.18 ? 71  GLN A OE1 1 
ATOM   506 N NE2 A GLN A 1 71  ? -4.228  -11.618 0.420   0.40 25.23 ? 71  GLN A NE2 1 
ATOM   507 N NE2 B GLN A 1 71  ? -1.563  -11.889 -0.894  0.60 29.59 ? 71  GLN A NE2 1 
ATOM   508 N N   . MET A 1 72  ? -4.743  -5.934  -3.350  1.00 9.94  ? 72  MET A N   1 
ATOM   509 C CA  . MET A 1 72  ? -5.262  -4.572  -3.199  1.00 10.77 ? 72  MET A CA  1 
ATOM   510 C C   . MET A 1 72  ? -6.640  -4.624  -2.555  1.00 10.76 ? 72  MET A C   1 
ATOM   511 O O   . MET A 1 72  ? -7.453  -5.485  -2.906  1.00 12.78 ? 72  MET A O   1 
ATOM   512 C CB  . MET A 1 72  ? -5.316  -3.848  -4.562  1.00 12.11 ? 72  MET A CB  1 
ATOM   513 C CG  . MET A 1 72  ? -5.796  -2.412  -4.480  1.00 12.81 ? 72  MET A CG  1 
ATOM   514 S SD  . MET A 1 72  ? -5.462  -1.500  -6.016  1.00 14.03 ? 72  MET A SD  1 
ATOM   515 C CE  . MET A 1 72  ? -6.417  -2.499  -7.152  1.00 15.13 ? 72  MET A CE  1 
ATOM   516 N N   . THR A 1 73  ? -6.917  -3.714  -1.623  1.00 10.25 ? 73  THR A N   1 
ATOM   517 C CA  . THR A 1 73  ? -8.170  -3.754  -0.897  1.00 9.11  ? 73  THR A CA  1 
ATOM   518 C C   . THR A 1 73  ? -8.498  -2.406  -0.301  1.00 12.52 ? 73  THR A C   1 
ATOM   519 O O   . THR A 1 73  ? -7.645  -1.559  -0.170  1.00 13.07 ? 73  THR A O   1 
ATOM   520 C CB  . THR A 1 73  ? -8.114  -4.832  0.211   1.00 12.46 ? 73  THR A CB  1 
ATOM   521 O OG1 . THR A 1 73  ? -9.408  -4.960  0.815   1.00 14.54 ? 73  THR A OG1 1 
ATOM   522 C CG2 . THR A 1 73  ? -7.059  -4.498  1.272   1.00 13.08 ? 73  THR A CG2 1 
ATOM   523 N N   . SER A 1 74  ? -9.745  -2.225  0.083   1.00 14.46 ? 74  SER A N   1 
ATOM   524 C CA  . SER A 1 74  ? -10.188 -1.054  0.797   1.00 11.49 ? 74  SER A CA  1 
ATOM   525 C C   . SER A 1 74  ? -10.111 -1.361  2.282   1.00 13.97 ? 74  SER A C   1 
ATOM   526 O O   . SER A 1 74  ? -10.467 -2.465  2.706   1.00 19.80 ? 74  SER A O   1 
ATOM   527 C CB  . SER A 1 74  ? -11.628 -0.792  0.361   1.00 16.22 ? 74  SER A CB  1 
ATOM   528 O OG  . SER A 1 74  ? -12.227 0.237   1.087   1.00 22.56 ? 74  SER A OG  1 
ATOM   529 N N   . VAL A 1 75  ? -9.591  -0.431  3.075   1.00 9.91  ? 75  VAL A N   1 
ATOM   530 C CA  . VAL A 1 75  ? -9.537  -0.613  4.520   1.00 12.76 ? 75  VAL A CA  1 
ATOM   531 C C   . VAL A 1 75  ? -10.139 0.590   5.224   1.00 12.73 ? 75  VAL A C   1 
ATOM   532 O O   . VAL A 1 75  ? -10.185 1.671   4.676   1.00 13.58 ? 75  VAL A O   1 
ATOM   533 C CB  . VAL A 1 75  ? -8.096  -0.868  5.046   1.00 11.00 ? 75  VAL A CB  1 
ATOM   534 C CG1 . VAL A 1 75  ? -7.476  -2.105  4.406   1.00 13.03 ? 75  VAL A CG1 1 
ATOM   535 C CG2 . VAL A 1 75  ? -7.171  0.349   4.872   1.00 11.22 ? 75  VAL A CG2 1 
ATOM   536 N N   . PRO A 1 76  ? -10.607 0.400   6.466   1.00 13.26 ? 76  PRO A N   1 
ATOM   537 C CA  . PRO A 1 76  ? -11.085 1.554   7.218   1.00 13.20 ? 76  PRO A CA  1 
ATOM   538 C C   . PRO A 1 76  ? -9.935  2.506   7.464   1.00 11.97 ? 76  PRO A C   1 
ATOM   539 O O   . PRO A 1 76  ? -8.818  2.075   7.741   1.00 14.49 ? 76  PRO A O   1 
ATOM   540 C CB  . PRO A 1 76  ? -11.539 0.938   8.559   1.00 16.20 ? 76  PRO A CB  1 
ATOM   541 C CG  . PRO A 1 76  ? -11.791 -0.490  8.274   1.00 17.98 ? 76  PRO A CG  1 
ATOM   542 C CD  . PRO A 1 76  ? -10.829 -0.872  7.173   1.00 17.15 ? 76  PRO A CD  1 
ATOM   543 N N   . VAL A 1 77  ? -10.194 3.803   7.338   1.00 12.85 ? 77  VAL A N   1 
ATOM   544 C CA  A VAL A 1 77  ? -9.159  4.799   7.566   0.36 14.11 ? 77  VAL A CA  1 
ATOM   545 C CA  B VAL A 1 77  ? -9.167  4.801   7.570   0.64 14.06 ? 77  VAL A CA  1 
ATOM   546 C C   . VAL A 1 77  ? -8.597  4.679   8.982   1.00 15.46 ? 77  VAL A C   1 
ATOM   547 O O   . VAL A 1 77  ? -7.424  4.955   9.214   1.00 15.64 ? 77  VAL A O   1 
ATOM   548 C CB  A VAL A 1 77  ? -9.674  6.240   7.302   0.36 15.82 ? 77  VAL A CB  1 
ATOM   549 C CB  B VAL A 1 77  ? -9.723  6.218   7.327   0.64 15.83 ? 77  VAL A CB  1 
ATOM   550 C CG1 A VAL A 1 77  ? -10.819 6.592   8.242   0.36 14.72 ? 77  VAL A CG1 1 
ATOM   551 C CG1 B VAL A 1 77  ? -8.830  7.264   7.948   0.64 19.44 ? 77  VAL A CG1 1 
ATOM   552 C CG2 A VAL A 1 77  ? -8.542  7.246   7.420   0.36 22.85 ? 77  VAL A CG2 1 
ATOM   553 C CG2 B VAL A 1 77  ? -9.899  6.452   5.835   0.64 11.48 ? 77  VAL A CG2 1 
ATOM   554 N N   . LYS A 1 78  ? -9.429  4.245   9.925   1.00 14.57 ? 78  LYS A N   1 
ATOM   555 C CA  . LYS A 1 78  ? -8.965  4.095   11.309  1.00 15.85 ? 78  LYS A CA  1 
ATOM   556 C C   . LYS A 1 78  ? -7.951  2.972   11.544  1.00 16.89 ? 78  LYS A C   1 
ATOM   557 O O   . LYS A 1 78  ? -7.409  2.863   12.642  1.00 19.91 ? 78  LYS A O   1 
ATOM   558 C CB  . LYS A 1 78  ? -10.145 3.958   12.294  1.00 19.02 ? 78  LYS A CB  1 
ATOM   559 C CG  . LYS A 1 78  ? -11.037 5.197   12.373  1.00 23.22 ? 78  LYS A CG  1 
ATOM   560 C CD  . LYS A 1 78  ? -12.171 4.988   13.368  1.00 33.31 ? 78  LYS A CD  1 
ATOM   561 N N   . ILE A 1 79  ? -7.654  2.139   10.545  1.00 13.66 ? 79  ILE A N   1 
ATOM   562 C CA  . ILE A 1 79  ? -6.527  1.213   10.744  1.00 14.05 ? 79  ILE A CA  1 
ATOM   563 C C   . ILE A 1 79  ? -5.211  1.708   10.152  1.00 14.26 ? 79  ILE A C   1 
ATOM   564 O O   . ILE A 1 79  ? -4.208  0.985   10.187  1.00 16.01 ? 79  ILE A O   1 
ATOM   565 C CB  . ILE A 1 79  ? -6.780  -0.260  10.345  1.00 18.10 ? 79  ILE A CB  1 
ATOM   566 C CG1 . ILE A 1 79  ? -6.812  -0.445  8.829   1.00 16.79 ? 79  ILE A CG1 1 
ATOM   567 C CG2 . ILE A 1 79  ? -8.023  -0.819  11.047  1.00 21.67 ? 79  ILE A CG2 1 
ATOM   568 C CD1 . ILE A 1 79  ? -6.764  -1.939  8.449   1.00 18.31 ? 79  ILE A CD1 1 
ATOM   569 N N   . LEU A 1 80  ? -5.205  2.950   9.669   1.00 13.31 ? 80  LEU A N   1 
ATOM   570 C CA  . LEU A 1 80  ? -3.981  3.565   9.168   1.00 12.86 ? 80  LEU A CA  1 
ATOM   571 C C   . LEU A 1 80  ? -3.320  4.417   10.244  1.00 14.95 ? 80  LEU A C   1 
ATOM   572 O O   . LEU A 1 80  ? -3.977  5.224   10.912  1.00 16.11 ? 80  LEU A O   1 
ATOM   573 C CB  . LEU A 1 80  ? -4.282  4.456   7.949   1.00 14.06 ? 80  LEU A CB  1 
ATOM   574 C CG  . LEU A 1 80  ? -5.039  3.865   6.754   1.00 14.90 ? 80  LEU A CG  1 
ATOM   575 C CD1 . LEU A 1 80  ? -5.307  4.992   5.732   1.00 15.57 ? 80  LEU A CD1 1 
ATOM   576 C CD2 . LEU A 1 80  ? -4.229  2.751   6.140   1.00 16.24 ? 80  LEU A CD2 1 
ATOM   577 N N   . SER A 1 81  ? -2.019  4.244   10.397  1.00 13.13 ? 81  SER A N   1 
ATOM   578 C CA  . SER A 1 81  ? -1.218  5.122   11.253  1.00 13.58 ? 81  SER A CA  1 
ATOM   579 C C   . SER A 1 81  ? -1.116  6.524   10.673  1.00 15.61 ? 81  SER A C   1 
ATOM   580 O O   . SER A 1 81  ? -1.664  6.825   9.619   1.00 15.63 ? 81  SER A O   1 
ATOM   581 C CB  . SER A 1 81  ? 0.185   4.542   11.369  1.00 15.18 ? 81  SER A CB  1 
ATOM   582 O OG  . SER A 1 81  ? 0.904   4.668   10.133  1.00 13.71 ? 81  SER A OG  1 
ATOM   583 N N   . GLU A 1 82  ? -0.386  7.398   11.355  1.00 15.08 ? 82  GLU A N   1 
ATOM   584 C CA  . GLU A 1 82  ? 0.050   8.620   10.710  1.00 16.45 ? 82  GLU A CA  1 
ATOM   585 C C   . GLU A 1 82  ? 1.050   8.263   9.598   1.00 13.02 ? 82  GLU A C   1 
ATOM   586 O O   . GLU A 1 82  ? 1.595   7.155   9.575   1.00 13.84 ? 82  GLU A O   1 
ATOM   587 C CB  . GLU A 1 82  ? 0.689   9.558   11.736  1.00 26.49 ? 82  GLU A CB  1 
ATOM   588 N N   . PRO A 1 83  ? 1.274   9.183   8.664   1.00 14.78 ? 83  PRO A N   1 
ATOM   589 C CA  . PRO A 1 83  ? 2.211   8.857   7.579   1.00 14.03 ? 83  PRO A CA  1 
ATOM   590 C C   . PRO A 1 83  ? 3.562   8.383   8.092   1.00 15.82 ? 83  PRO A C   1 
ATOM   591 O O   . PRO A 1 83  ? 4.141   8.973   9.031   1.00 16.58 ? 83  PRO A O   1 
ATOM   592 C CB  . PRO A 1 83  ? 2.377   10.192  6.861   1.00 15.87 ? 83  PRO A CB  1 
ATOM   593 C CG  . PRO A 1 83  ? 1.075   10.900  7.100   1.00 17.12 ? 83  PRO A CG  1 
ATOM   594 C CD  . PRO A 1 83  ? 0.634   10.495  8.474   1.00 18.93 ? 83  PRO A CD  1 
ATOM   595 N N   . VAL A 1 84  ? 4.089   7.330   7.483   1.00 13.23 ? 84  VAL A N   1 
ATOM   596 C CA  A VAL A 1 84  ? 5.401   6.848   7.892   0.29 14.47 ? 84  VAL A CA  1 
ATOM   597 C CA  B VAL A 1 84  ? 5.384   6.777   7.861   0.71 14.41 ? 84  VAL A CA  1 
ATOM   598 C C   . VAL A 1 84  ? 6.491   7.133   6.862   1.00 17.16 ? 84  VAL A C   1 
ATOM   599 O O   . VAL A 1 84  ? 7.652   7.345   7.244   1.00 20.93 ? 84  VAL A O   1 
ATOM   600 C CB  A VAL A 1 84  ? 5.412   5.343   8.296   0.29 19.25 ? 84  VAL A CB  1 
ATOM   601 C CB  B VAL A 1 84  ? 5.308   5.241   7.961   0.71 17.64 ? 84  VAL A CB  1 
ATOM   602 C CG1 A VAL A 1 84  ? 4.724   5.141   9.638   0.29 21.51 ? 84  VAL A CG1 1 
ATOM   603 C CG1 B VAL A 1 84  ? 6.653   4.667   8.416   0.71 15.18 ? 84  VAL A CG1 1 
ATOM   604 C CG2 A VAL A 1 84  ? 4.777   4.482   7.232   0.29 18.56 ? 84  VAL A CG2 1 
ATOM   605 C CG2 B VAL A 1 84  ? 4.169   4.830   8.891   0.71 17.63 ? 84  VAL A CG2 1 
ATOM   606 N N   . ASN A 1 85  ? 6.141   7.168   5.571   1.00 13.85 ? 85  ASN A N   1 
ATOM   607 C CA  . ASN A 1 85  ? 7.126   7.380   4.519   1.00 16.42 ? 85  ASN A CA  1 
ATOM   608 C C   . ASN A 1 85  ? 6.408   7.799   3.238   1.00 15.97 ? 85  ASN A C   1 
ATOM   609 O O   . ASN A 1 85  ? 5.192   7.637   3.115   1.00 13.42 ? 85  ASN A O   1 
ATOM   610 C CB  . ASN A 1 85  ? 7.939   6.091   4.301   1.00 18.41 ? 85  ASN A CB  1 
ATOM   611 C CG  . ASN A 1 85  ? 9.282   6.330   3.612   1.00 23.55 ? 85  ASN A CG  1 
ATOM   612 O OD1 . ASN A 1 85  ? 9.601   7.435   3.171   1.00 22.75 ? 85  ASN A OD1 1 
ATOM   613 N ND2 . ASN A 1 85  ? 10.079  5.271   3.527   1.00 23.75 ? 85  ASN A ND2 1 
ATOM   614 N N   . GLU A 1 86  ? 7.167   8.371   2.311   1.00 15.87 ? 86  GLU A N   1 
ATOM   615 C CA  . GLU A 1 86  ? 6.662   8.869   1.032   1.00 16.15 ? 86  GLU A CA  1 
ATOM   616 C C   . GLU A 1 86  ? 7.081   7.853   -0.015  1.00 19.50 ? 86  GLU A C   1 
ATOM   617 O O   . GLU A 1 86  ? 8.277   7.657   -0.219  1.00 23.74 ? 86  GLU A O   1 
ATOM   618 C CB  . GLU A 1 86  ? 7.282   10.248  0.747   1.00 19.78 ? 86  GLU A CB  1 
ATOM   619 C CG  . GLU A 1 86  ? 6.962   10.932  -0.586  1.00 23.56 ? 86  GLU A CG  1 
ATOM   620 C CD  . GLU A 1 86  ? 5.476   11.158  -0.792  1.00 22.14 ? 86  GLU A CD  1 
ATOM   621 O OE1 . GLU A 1 86  ? 5.006   12.320  -0.736  1.00 23.41 ? 86  GLU A OE1 1 
ATOM   622 O OE2 . GLU A 1 86  ? 4.765   10.153  -0.997  1.00 18.76 ? 86  GLU A OE2 1 
ATOM   623 N N   . LEU A 1 87  ? 6.111   7.210   -0.673  1.00 11.68 ? 87  LEU A N   1 
ATOM   624 C CA  . LEU A 1 87  ? 6.389   6.287   -1.771  1.00 10.90 ? 87  LEU A CA  1 
ATOM   625 C C   . LEU A 1 87  ? 5.943   6.817   -3.116  1.00 11.01 ? 87  LEU A C   1 
ATOM   626 O O   . LEU A 1 87  ? 5.792   6.073   -4.092  1.00 10.96 ? 87  LEU A O   1 
ATOM   627 C CB  . LEU A 1 87  ? 5.787   4.892   -1.507  1.00 14.08 ? 87  LEU A CB  1 
ATOM   628 C CG  . LEU A 1 87  ? 6.438   4.178   -0.315  1.00 21.09 ? 87  LEU A CG  1 
ATOM   629 C CD1 . LEU A 1 87  ? 6.079   2.716   -0.366  1.00 22.22 ? 87  LEU A CD1 1 
ATOM   630 C CD2 . LEU A 1 87  ? 7.937   4.361   -0.284  1.00 23.99 ? 87  LEU A CD2 1 
ATOM   631 N N   . SER A 1 88  ? 5.790   8.126   -3.192  1.00 11.35 ? 88  SER A N   1 
ATOM   632 C CA  A SER A 1 88  ? 5.456   8.760   -4.460  0.45 11.72 ? 88  SER A CA  1 
ATOM   633 C CA  B SER A 1 88  ? 5.449   8.750   -4.465  0.55 11.71 ? 88  SER A CA  1 
ATOM   634 C C   . SER A 1 88  ? 6.505   8.482   -5.535  1.00 10.64 ? 88  SER A C   1 
ATOM   635 O O   . SER A 1 88  ? 6.201   8.508   -6.729  1.00 11.71 ? 88  SER A O   1 
ATOM   636 C CB  A SER A 1 88  ? 5.233   10.263  -4.280  0.45 15.53 ? 88  SER A CB  1 
ATOM   637 C CB  B SER A 1 88  ? 5.227   10.248  -4.297  0.55 15.53 ? 88  SER A CB  1 
ATOM   638 O OG  A SER A 1 88  ? 3.994   10.505  -3.632  0.45 16.95 ? 88  SER A OG  1 
ATOM   639 O OG  B SER A 1 88  ? 6.284   10.803  -3.550  0.55 16.62 ? 88  SER A OG  1 
ATOM   640 N N   . THR A 1 89  ? 7.737   8.206   -5.113  1.00 10.82 ? 89  THR A N   1 
ATOM   641 C CA  . THR A 1 89  ? 8.793   7.871   -6.083  1.00 12.32 ? 89  THR A CA  1 
ATOM   642 C C   . THR A 1 89  ? 8.460   6.592   -6.870  1.00 11.06 ? 89  THR A C   1 
ATOM   643 O O   . THR A 1 89  ? 8.902   6.429   -8.021  1.00 12.68 ? 89  THR A O   1 
ATOM   644 C CB  . THR A 1 89  ? 10.121  7.687   -5.394  1.00 13.16 ? 89  THR A CB  1 
ATOM   645 O OG1 . THR A 1 89  ? 9.936   6.732   -4.342  1.00 14.27 ? 89  THR A OG1 1 
ATOM   646 C CG2 . THR A 1 89  ? 10.625  9.028   -4.777  1.00 12.99 ? 89  THR A CG2 1 
ATOM   647 N N   . PHE A 1 90  ? 7.687   5.688   -6.263  1.00 10.03 ? 90  PHE A N   1 
ATOM   648 C CA  . PHE A 1 90  ? 7.251   4.457   -6.912  1.00 10.16 ? 90  PHE A CA  1 
ATOM   649 C C   . PHE A 1 90  ? 5.922   4.614   -7.645  1.00 10.21 ? 90  PHE A C   1 
ATOM   650 O O   . PHE A 1 90  ? 5.378   3.620   -8.118  1.00 10.57 ? 90  PHE A O   1 
ATOM   651 C CB  . PHE A 1 90  ? 7.099   3.354   -5.855  1.00 11.52 ? 90  PHE A CB  1 
ATOM   652 C CG  . PHE A 1 90  ? 8.396   2.916   -5.254  1.00 10.95 ? 90  PHE A CG  1 
ATOM   653 C CD1 . PHE A 1 90  ? 9.076   1.820   -5.768  1.00 12.48 ? 90  PHE A CD1 1 
ATOM   654 C CD2 . PHE A 1 90  ? 8.929   3.590   -4.181  1.00 14.09 ? 90  PHE A CD2 1 
ATOM   655 C CE1 . PHE A 1 90  ? 10.283  1.397   -5.216  1.00 13.38 ? 90  PHE A CE1 1 
ATOM   656 C CE2 . PHE A 1 90  ? 10.146  3.187   -3.620  1.00 16.56 ? 90  PHE A CE2 1 
ATOM   657 C CZ  . PHE A 1 90  ? 10.812  2.092   -4.133  1.00 13.53 ? 90  PHE A CZ  1 
ATOM   658 N N   . ARG A 1 91  ? 5.428   5.838   -7.805  1.00 9.41  ? 91  ARG A N   1 
ATOM   659 C CA  . ARG A 1 91  ? 4.055   5.994   -8.323  1.00 11.62 ? 91  ARG A CA  1 
ATOM   660 C C   . ARG A 1 91  ? 3.811   5.390   -9.707  1.00 11.94 ? 91  ARG A C   1 
ATOM   661 O O   . ARG A 1 91  ? 2.745   4.836   -9.965  1.00 11.44 ? 91  ARG A O   1 
ATOM   662 C CB  . ARG A 1 91  ? 3.599   7.445   -8.282  1.00 11.97 ? 91  ARG A CB  1 
ATOM   663 C CG  . ARG A 1 91  ? 4.371   8.379   -9.219  1.00 10.19 ? 91  ARG A CG  1 
ATOM   664 C CD  . ARG A 1 91  ? 4.028   9.820   -8.833  1.00 12.11 ? 91  ARG A CD  1 
ATOM   665 N NE  . ARG A 1 91  ? 4.760   10.833  -9.614  1.00 12.06 ? 91  ARG A NE  1 
ATOM   666 C CZ  . ARG A 1 91  ? 5.941   11.339  -9.252  1.00 13.65 ? 91  ARG A CZ  1 
ATOM   667 N NH1 . ARG A 1 91  ? 6.558   10.930  -8.155  1.00 13.95 ? 91  ARG A NH1 1 
ATOM   668 N NH2 . ARG A 1 91  ? 6.506   12.282  -9.986  1.00 12.14 ? 91  ARG A NH2 1 
ATOM   669 N N   . ASN A 1 92  ? 4.775   5.493   -10.609 1.00 10.64 ? 92  ASN A N   1 
ATOM   670 C CA  . ASN A 1 92  ? 4.544   4.935   -11.932 1.00 10.53 ? 92  ASN A CA  1 
ATOM   671 C C   . ASN A 1 92  ? 4.607   3.417   -11.913 1.00 10.82 ? 92  ASN A C   1 
ATOM   672 O O   . ASN A 1 92  ? 3.858   2.764   -12.652 1.00 13.37 ? 92  ASN A O   1 
ATOM   673 C CB  . ASN A 1 92  ? 5.536   5.508   -12.943 1.00 10.47 ? 92  ASN A CB  1 
ATOM   674 C CG  . ASN A 1 92  ? 5.355   6.991   -13.137 1.00 13.91 ? 92  ASN A CG  1 
ATOM   675 O OD1 . ASN A 1 92  ? 4.269   7.529   -12.925 1.00 15.46 ? 92  ASN A OD1 1 
ATOM   676 N ND2 . ASN A 1 92  ? 6.423   7.666   -13.558 1.00 13.21 ? 92  ASN A ND2 1 
ATOM   677 N N   . GLU A 1 93  ? 5.480   2.855   -11.088 1.00 10.25 ? 93  GLU A N   1 
ATOM   678 C CA  . GLU A 1 93  ? 5.532   1.408   -10.908 1.00 10.40 ? 93  GLU A CA  1 
ATOM   679 C C   . GLU A 1 93  ? 4.217   0.905   -10.307 1.00 11.58 ? 93  GLU A C   1 
ATOM   680 O O   . GLU A 1 93  ? 3.708   -0.156  -10.694 1.00 11.38 ? 93  GLU A O   1 
ATOM   681 C CB  . GLU A 1 93  ? 6.664   1.038   -9.972  1.00 12.86 ? 93  GLU A CB  1 
ATOM   682 C CG  . GLU A 1 93  ? 6.849   -0.448  -9.816  1.00 19.32 ? 93  GLU A CG  1 
ATOM   683 C CD  . GLU A 1 93  ? 8.184   -0.823  -9.209  1.00 33.41 ? 93  GLU A CD  1 
ATOM   684 O OE1 . GLU A 1 93  ? 9.023   0.075   -8.989  1.00 21.34 ? 93  GLU A OE1 1 
ATOM   685 O OE2 . GLU A 1 93  ? 8.395   -2.025  -8.965  1.00 39.25 ? 93  GLU A OE2 1 
ATOM   686 N N   . ILE A 1 94  ? 3.683   1.647   -9.347  1.00 10.13 ? 94  ILE A N   1 
ATOM   687 C CA  . ILE A 1 94  ? 2.434   1.266   -8.681  1.00 10.80 ? 94  ILE A CA  1 
ATOM   688 C C   . ILE A 1 94  ? 1.273   1.315   -9.675  1.00 11.51 ? 94  ILE A C   1 
ATOM   689 O O   . ILE A 1 94  ? 0.481   0.357   -9.788  1.00 11.56 ? 94  ILE A O   1 
ATOM   690 C CB  . ILE A 1 94  ? 2.189   2.181   -7.466  1.00 9.07  ? 94  ILE A CB  1 
ATOM   691 C CG1 . ILE A 1 94  ? 3.193   1.839   -6.378  1.00 9.82  ? 94  ILE A CG1 1 
ATOM   692 C CG2 . ILE A 1 94  ? 0.742   1.996   -6.914  1.00 11.88 ? 94  ILE A CG2 1 
ATOM   693 C CD1 . ILE A 1 94  ? 3.268   2.875   -5.249  1.00 12.48 ? 94  ILE A CD1 1 
ATOM   694 N N   . ILE A 1 95  ? 1.152   2.418   -10.411 1.00 10.81 ? 95  ILE A N   1 
ATOM   695 C CA  . ILE A 1 95  ? 0.077   2.539   -11.382 1.00 10.60 ? 95  ILE A CA  1 
ATOM   696 C C   . ILE A 1 95  ? 0.241   1.481   -12.475 1.00 11.98 ? 95  ILE A C   1 
ATOM   697 O O   . ILE A 1 95  ? -0.744  0.885   -12.890 1.00 12.66 ? 95  ILE A O   1 
ATOM   698 C CB  . ILE A 1 95  ? -0.005  3.977   -11.956 1.00 11.83 ? 95  ILE A CB  1 
ATOM   699 C CG1 . ILE A 1 95  ? -0.434  4.956   -10.862 1.00 13.81 ? 95  ILE A CG1 1 
ATOM   700 C CG2 . ILE A 1 95  ? -0.954  4.016   -13.169 1.00 16.30 ? 95  ILE A CG2 1 
ATOM   701 C CD1 . ILE A 1 95  ? -1.797  4.672   -10.209 1.00 17.41 ? 95  ILE A CD1 1 
ATOM   702 N N   . ALA A 1 96  ? 1.469   1.193   -12.896 1.00 12.03 ? 96  ALA A N   1 
ATOM   703 C CA  . ALA A 1 96  ? 1.660   0.133   -13.892 1.00 12.85 ? 96  ALA A CA  1 
ATOM   704 C C   . ALA A 1 96  ? 1.208   -1.239  -13.372 1.00 12.32 ? 96  ALA A C   1 
ATOM   705 O O   . ALA A 1 96  ? 0.648   -2.043  -14.136 1.00 13.06 ? 96  ALA A O   1 
ATOM   706 C CB  . ALA A 1 96  ? 3.119   0.075   -14.351 1.00 13.61 ? 96  ALA A CB  1 
ATOM   707 N N   . ALA A 1 97  ? 1.470   -1.524  -12.096 1.00 10.88 ? 97  ALA A N   1 
ATOM   708 C CA  . ALA A 1 97  ? 1.072   -2.792  -11.496 1.00 9.35  ? 97  ALA A CA  1 
ATOM   709 C C   . ALA A 1 97  ? -0.451  -2.888  -11.435 1.00 10.89 ? 97  ALA A C   1 
ATOM   710 O O   . ALA A 1 97  ? -1.023  -3.941  -11.766 1.00 11.61 ? 97  ALA A O   1 
ATOM   711 C CB  . ALA A 1 97  ? 1.692   -2.953  -10.100 1.00 11.43 ? 97  ALA A CB  1 
ATOM   712 N N   . ILE A 1 98  ? -1.109  -1.800  -11.023 1.00 10.47 ? 98  ILE A N   1 
ATOM   713 C CA  . ILE A 1 98  ? -2.564  -1.776  -10.979 1.00 11.70 ? 98  ILE A CA  1 
ATOM   714 C C   . ILE A 1 98  ? -3.154  -1.936  -12.380 1.00 11.12 ? 98  ILE A C   1 
ATOM   715 O O   . ILE A 1 98  ? -4.092  -2.711  -12.580 1.00 11.19 ? 98  ILE A O   1 
ATOM   716 C CB  . ILE A 1 98  ? -3.069  -0.491  -10.314 1.00 10.11 ? 98  ILE A CB  1 
ATOM   717 C CG1 . ILE A 1 98  ? -2.689  -0.487  -8.824  1.00 10.44 ? 98  ILE A CG1 1 
ATOM   718 C CG2 . ILE A 1 98  ? -4.580  -0.391  -10.462 1.00 11.70 ? 98  ILE A CG2 1 
ATOM   719 C CD1 . ILE A 1 98  ? -2.936  0.879   -8.135  1.00 10.67 ? 98  ILE A CD1 1 
ATOM   720 N N   . ASP A 1 99  ? -2.577  -1.249  -13.353 1.00 11.93 ? 99  ASP A N   1 
ATOM   721 C CA  . ASP A 1 99  ? -3.047  -1.369  -14.738 1.00 10.75 ? 99  ASP A CA  1 
ATOM   722 C C   . ASP A 1 99  ? -2.874  -2.805  -15.229 1.00 12.76 ? 99  ASP A C   1 
ATOM   723 O O   . ASP A 1 99  ? -3.734  -3.318  -15.953 1.00 15.27 ? 99  ASP A O   1 
ATOM   724 C CB  . ASP A 1 99  ? -2.270  -0.402  -15.641 1.00 12.73 ? 99  ASP A CB  1 
ATOM   725 C CG  . ASP A 1 99  ? -2.689  1.044   -15.466 1.00 21.15 ? 99  ASP A CG  1 
ATOM   726 O OD1 . ASP A 1 99  ? -3.720  1.315   -14.822 1.00 23.66 ? 99  ASP A OD1 1 
ATOM   727 O OD2 . ASP A 1 99  ? -1.952  1.934   -15.953 1.00 21.78 ? 99  ASP A OD2 1 
ATOM   728 N N   . PHE A 1 100 ? -1.788  -3.460  -14.851 1.00 10.94 ? 100 PHE A N   1 
ATOM   729 C CA  . PHE A 1 100 ? -1.559  -4.860  -15.240 1.00 12.86 ? 100 PHE A CA  1 
ATOM   730 C C   . PHE A 1 100 ? -2.617  -5.781  -14.623 1.00 13.49 ? 100 PHE A C   1 
ATOM   731 O O   . PHE A 1 100 ? -3.192  -6.652  -15.303 1.00 14.54 ? 100 PHE A O   1 
ATOM   732 C CB  . PHE A 1 100 ? -0.133  -5.285  -14.865 1.00 14.80 ? 100 PHE A CB  1 
ATOM   733 C CG  . PHE A 1 100 ? 0.233   -6.678  -15.296 1.00 18.01 ? 100 PHE A CG  1 
ATOM   734 C CD1 . PHE A 1 100 ? 0.165   -7.050  -16.628 1.00 21.63 ? 100 PHE A CD1 1 
ATOM   735 C CD2 . PHE A 1 100 ? 0.682   -7.595  -14.372 1.00 19.78 ? 100 PHE A CD2 1 
ATOM   736 C CE1 . PHE A 1 100 ? 0.522   -8.331  -17.019 1.00 23.84 ? 100 PHE A CE1 1 
ATOM   737 C CE2 . PHE A 1 100 ? 1.037   -8.874  -14.755 1.00 24.78 ? 100 PHE A CE2 1 
ATOM   738 C CZ  . PHE A 1 100 ? 0.956   -9.235  -16.084 1.00 23.17 ? 100 PHE A CZ  1 
ATOM   739 N N   . LEU A 1 101 ? -2.907  -5.561  -13.348 1.00 11.34 ? 101 LEU A N   1 
ATOM   740 C CA  . LEU A 1 101 ? -3.899  -6.380  -12.650 1.00 11.87 ? 101 LEU A CA  1 
ATOM   741 C C   . LEU A 1 101 ? -5.271  -6.312  -13.333 1.00 11.74 ? 101 LEU A C   1 
ATOM   742 O O   . LEU A 1 101 ? -5.983  -7.321  -13.396 1.00 11.96 ? 101 LEU A O   1 
ATOM   743 C CB  . LEU A 1 101 ? -3.998  -5.913  -11.211 1.00 10.85 ? 101 LEU A CB  1 
ATOM   744 C CG  . LEU A 1 101 ? -5.033  -6.620  -10.342 1.00 10.42 ? 101 LEU A CG  1 
ATOM   745 C CD1 . LEU A 1 101 ? -4.716  -8.076  -10.242 1.00 12.80 ? 101 LEU A CD1 1 
ATOM   746 C CD2 . LEU A 1 101 ? -5.004  -5.925  -8.975  1.00 13.41 ? 101 LEU A CD2 1 
ATOM   747 N N   . ILE A 1 102 ? -5.626  -5.133  -13.842 1.00 10.84 ? 102 ILE A N   1 
ATOM   748 C CA  . ILE A 1 102 ? -6.932  -4.913  -14.438 1.00 13.23 ? 102 ILE A CA  1 
ATOM   749 C C   . ILE A 1 102 ? -6.950  -5.151  -15.945 1.00 17.05 ? 102 ILE A C   1 
ATOM   750 O O   . ILE A 1 102 ? -7.918  -5.705  -16.463 1.00 16.02 ? 102 ILE A O   1 
ATOM   751 C CB  . ILE A 1 102 ? -7.483  -3.548  -14.028 1.00 13.11 ? 102 ILE A CB  1 
ATOM   752 C CG1 . ILE A 1 102 ? -7.685  -3.520  -12.514 1.00 14.29 ? 102 ILE A CG1 1 
ATOM   753 C CG2 . ILE A 1 102 ? -8.777  -3.242  -14.775 1.00 17.51 ? 102 ILE A CG2 1 
ATOM   754 C CD1 . ILE A 1 102 ? -7.898  -2.119  -11.954 1.00 17.90 ? 102 ILE A CD1 1 
ATOM   755 N N   . THR A 1 103 ? -5.876  -4.799  -16.649 1.00 16.54 ? 103 THR A N   1 
ATOM   756 C CA  . THR A 1 103 ? -5.882  -4.875  -18.116 1.00 16.89 ? 103 THR A CA  1 
ATOM   757 C C   . THR A 1 103 ? -5.029  -5.974  -18.731 1.00 18.74 ? 103 THR A C   1 
ATOM   758 O O   . THR A 1 103 ? -5.190  -6.285  -19.925 1.00 24.14 ? 103 THR A O   1 
ATOM   759 C CB  . THR A 1 103 ? -5.423  -3.549  -18.757 1.00 21.31 ? 103 THR A CB  1 
ATOM   760 O OG1 . THR A 1 103 ? -3.999  -3.419  -18.611 1.00 20.23 ? 103 THR A OG1 1 
ATOM   761 C CG2 . THR A 1 103 ? -6.131  -2.368  -18.131 1.00 23.54 ? 103 THR A CG2 1 
ATOM   762 N N   . GLY A 1 104 ? -4.104  -6.543  -17.973 1.00 16.91 ? 104 GLY A N   1 
ATOM   763 C CA  . GLY A 1 104 ? -3.213  -7.556  -18.499 1.00 18.69 ? 104 GLY A CA  1 
ATOM   764 C C   . GLY A 1 104 ? -2.081  -6.957  -19.318 1.00 21.50 ? 104 GLY A C   1 
ATOM   765 O O   . GLY A 1 104 ? -1.255  -7.695  -19.856 1.00 23.06 ? 104 GLY A O   1 
ATOM   766 N N   . ILE A 1 105 ? -2.056  -5.629  -19.403 1.00 20.17 ? 105 ILE A N   1 
ATOM   767 C CA  . ILE A 1 105 ? -1.015  -4.903  -20.136 1.00 25.51 ? 105 ILE A CA  1 
ATOM   768 C C   . ILE A 1 105 ? -0.141  -4.107  -19.177 1.00 28.44 ? 105 ILE A C   1 
ATOM   769 O O   . ILE A 1 105 ? -0.650  -3.472  -18.253 1.00 20.85 ? 105 ILE A O   1 
ATOM   770 C CB  . ILE A 1 105 ? -1.618  -3.934  -21.161 1.00 27.42 ? 105 ILE A CB  1 
ATOM   771 C CG1 . ILE A 1 105 ? -2.360  -4.719  -22.240 1.00 34.61 ? 105 ILE A CG1 1 
ATOM   772 C CG2 . ILE A 1 105 ? -0.520  -3.075  -21.791 1.00 30.69 ? 105 ILE A CG2 1 
ATOM   773 C CD1 . ILE A 1 105 ? -1.537  -5.865  -22.804 1.00 33.98 ? 105 ILE A CD1 1 
ATOM   774 O OXT . ILE A 1 105 ? 1.085   -4.081  -19.312 1.00 30.14 ? 105 ILE A OXT 1 
HETATM 775 S S   . SO4 B 2 .   ? -5.318  11.393  4.662   1.00 14.57 ? 106 SO4 A S   1 
HETATM 776 O O1  . SO4 B 2 .   ? -4.542  12.360  5.466   1.00 15.97 ? 106 SO4 A O1  1 
HETATM 777 O O2  . SO4 B 2 .   ? -6.710  11.836  4.661   1.00 20.81 ? 106 SO4 A O2  1 
HETATM 778 O O3  . SO4 B 2 .   ? -4.889  11.435  3.294   1.00 15.41 ? 106 SO4 A O3  1 
HETATM 779 O O4  . SO4 B 2 .   ? -5.167  10.088  5.279   1.00 19.66 ? 106 SO4 A O4  1 
HETATM 780 O O   . HOH C 3 .   ? -6.479  12.664  -7.533  1.00 22.91 ? 107 HOH A O   1 
HETATM 781 O O   . HOH C 3 .   ? 2.269   10.629  -0.790  1.00 13.20 ? 108 HOH A O   1 
HETATM 782 O O   . HOH C 3 .   ? -5.031  8.790   -0.904  1.00 12.44 ? 109 HOH A O   1 
HETATM 783 O O   . HOH C 3 .   ? -12.128 3.488   -0.305  1.00 16.65 ? 110 HOH A O   1 
HETATM 784 O O   . HOH C 3 .   ? -5.985  -5.040  15.913  1.00 25.84 ? 111 HOH A O   1 
HETATM 785 O O   . HOH C 3 .   ? -0.518  -11.514 10.349  1.00 29.40 ? 112 HOH A O   1 
HETATM 786 O O   . HOH C 3 .   ? 0.977   -1.981  -16.896 1.00 20.05 ? 113 HOH A O   1 
HETATM 787 O O   . HOH C 3 .   ? 13.173  -0.597  -4.391  1.00 23.18 ? 114 HOH A O   1 
HETATM 788 O O   . HOH C 3 .   ? -12.451 4.368   9.451   1.00 24.33 ? 115 HOH A O   1 
HETATM 789 O O   . HOH C 3 .   ? -2.394  10.807  6.397   1.00 19.81 ? 116 HOH A O   1 
HETATM 790 O O   . HOH C 3 .   ? 9.798   -1.720  9.468   1.00 28.58 ? 117 HOH A O   1 
HETATM 791 O O   . HOH C 3 .   ? 15.465  -1.122  5.691   1.00 30.70 ? 118 HOH A O   1 
HETATM 792 O O   . HOH C 3 .   ? -0.675  11.972  -6.424  1.00 31.82 ? 119 HOH A O   1 
HETATM 793 O O   . HOH C 3 .   ? -6.112  7.431   10.134  1.00 32.97 ? 120 HOH A O   1 
HETATM 794 O O   . HOH C 3 .   ? 10.468  -2.622  -7.681  1.00 29.70 ? 121 HOH A O   1 
HETATM 795 O O   . HOH C 3 .   ? 8.896   -9.355  -6.735  1.00 34.69 ? 122 HOH A O   1 
HETATM 796 O O   . HOH C 3 .   ? 6.594   -7.698  10.234  1.00 35.41 ? 123 HOH A O   1 
HETATM 797 O O   . HOH C 3 .   ? -1.740  -1.023  16.365  1.00 26.46 ? 124 HOH A O   1 
HETATM 798 O O   . HOH C 3 .   ? -2.959  4.361   -16.214 1.00 31.35 ? 125 HOH A O   1 
HETATM 799 O O   . HOH C 3 .   ? 7.362   2.436   11.288  1.00 42.73 ? 126 HOH A O   1 
HETATM 800 O O   . HOH C 3 .   ? -11.381 10.256  6.524   1.00 36.43 ? 127 HOH A O   1 
HETATM 801 O O   . HOH C 3 .   ? 1.944   1.680   16.964  1.00 46.55 ? 128 HOH A O   1 
HETATM 802 O O   . HOH C 3 .   ? 6.594   -8.409  -11.615 1.00 41.93 ? 129 HOH A O   1 
HETATM 803 O O   . HOH C 3 .   ? -7.942  -12.160 -0.825  1.00 32.66 ? 130 HOH A O   1 
HETATM 804 O O   . HOH C 3 .   ? -10.531 8.057   2.657   1.00 16.38 ? 131 HOH A O   1 
HETATM 805 O O   . HOH C 3 .   ? 7.660   5.038   -10.257 1.00 12.32 ? 132 HOH A O   1 
HETATM 806 O O   . HOH C 3 .   ? -4.329  12.029  -5.856  1.00 16.05 ? 133 HOH A O   1 
HETATM 807 O O   . HOH C 3 .   ? 10.443  9.217   -0.711  1.00 28.89 ? 134 HOH A O   1 
HETATM 808 O O   . HOH C 3 .   ? 11.958  -0.214  -8.625  1.00 40.73 ? 135 HOH A O   1 
HETATM 809 O O   . HOH C 3 .   ? 11.891  6.812   -2.568  1.00 26.57 ? 136 HOH A O   1 
HETATM 810 O O   . HOH C 3 .   ? -13.389 13.354  -0.253  1.00 26.55 ? 137 HOH A O   1 
HETATM 811 O O   . HOH C 3 .   ? 10.851  -6.757  -8.389  1.00 36.01 ? 138 HOH A O   1 
HETATM 812 O O   . HOH C 3 .   ? 2.697   9.840   -11.859 1.00 28.53 ? 139 HOH A O   1 
HETATM 813 O O   . HOH C 3 .   ? -8.864  11.300  6.476   1.00 39.72 ? 140 HOH A O   1 
HETATM 814 O O   . HOH C 3 .   ? 15.528  -1.398  1.216   1.00 31.40 ? 141 HOH A O   1 
HETATM 815 O O   . HOH C 3 .   ? -5.925  5.768   12.988  1.00 34.90 ? 142 HOH A O   1 
HETATM 816 O O   . HOH C 3 .   ? 2.545   3.984   -15.118 1.00 32.56 ? 143 HOH A O   1 
HETATM 817 O O   . HOH C 3 .   ? 5.492   -9.837  -9.814  1.00 40.12 ? 144 HOH A O   1 
HETATM 818 O O   . HOH C 3 .   ? -3.796  7.680   12.741  1.00 38.62 ? 145 HOH A O   1 
HETATM 819 O O   . HOH C 3 .   ? 0.363   9.600   -10.567 1.00 39.52 ? 146 HOH A O   1 
HETATM 820 O O   . HOH C 3 .   ? -3.867  -12.008 8.043   1.00 40.48 ? 147 HOH A O   1 
HETATM 821 O O   . HOH C 3 .   ? -3.116  9.212   8.925   1.00 33.38 ? 148 HOH A O   1 
HETATM 822 O O   . HOH C 3 .   ? 1.106   -7.178  15.684  1.00 40.28 ? 149 HOH A O   1 
HETATM 823 O O   . HOH C 3 .   ? 1.553   -4.498  15.482  1.00 32.40 ? 150 HOH A O   1 
HETATM 824 O O   . HOH C 3 .   ? 10.553  -5.719  7.798   1.00 43.44 ? 151 HOH A O   1 
HETATM 825 O O   . HOH C 3 .   ? 6.880   -0.447  -13.871 1.00 35.55 ? 152 HOH A O   1 
HETATM 826 O O   . HOH C 3 .   ? 3.626   -12.859 -5.218  1.00 44.62 ? 153 HOH A O   1 
HETATM 827 O O   . HOH C 3 .   ? 13.752  -2.160  9.528   1.00 42.91 ? 154 HOH A O   1 
HETATM 828 O O   . HOH C 3 .   ? 16.893  2.003   -1.794  1.00 35.97 ? 155 HOH A O   1 
HETATM 829 O O   . HOH C 3 .   ? 3.690   9.142   13.684  1.00 31.23 ? 156 HOH A O   1 
HETATM 830 O O   . HOH C 3 .   ? -3.238  -13.428 -3.893  1.00 31.27 ? 157 HOH A O   1 
HETATM 831 O O   . HOH C 3 .   ? 11.820  -6.401  5.628   1.00 27.20 ? 158 HOH A O   1 
HETATM 832 O O   . HOH C 3 .   ? 12.414  4.946   1.963   1.00 27.86 ? 159 HOH A O   1 
HETATM 833 O O   . HOH C 3 .   ? -17.310 6.605   3.346   1.00 27.08 ? 160 HOH A O   1 
HETATM 834 O O   . HOH C 3 .   ? -5.631  8.975   7.777   1.00 41.18 ? 161 HOH A O   1 
HETATM 835 O O   . HOH C 3 .   ? 0.434   6.743   14.151  1.00 24.55 ? 162 HOH A O   1 
HETATM 836 O O   . HOH C 3 .   ? 7.880   -2.991  -11.814 1.00 47.65 ? 163 HOH A O   1 
HETATM 837 O O   . HOH C 3 .   ? 6.559   2.091   -14.541 1.00 35.83 ? 164 HOH A O   1 
HETATM 838 O O   . HOH C 3 .   ? -10.223 14.431  0.848   1.00 32.63 ? 165 HOH A O   1 
HETATM 839 O O   . HOH C 3 .   ? 10.931  6.897   6.297   1.00 39.24 ? 166 HOH A O   1 
HETATM 840 O O   . HOH C 3 .   ? 5.118   -2.383  -11.990 1.00 35.00 ? 167 HOH A O   1 
HETATM 841 O O   . HOH C 3 .   ? -6.832  4.636   15.098  1.00 35.31 ? 168 HOH A O   1 
HETATM 842 O O   . HOH C 3 .   ? -5.841  13.450  7.719   1.00 39.35 ? 169 HOH A O   1 
HETATM 843 O O   . HOH C 3 .   ? -7.429  0.920   -15.730 1.00 44.91 ? 170 HOH A O   1 
HETATM 844 O O   . HOH C 3 .   ? 4.253   -3.750  -14.160 1.00 36.61 ? 171 HOH A O   1 
HETATM 845 O O   . HOH C 3 .   ? -7.881  6.767   16.404  1.00 44.22 ? 172 HOH A O   1 
HETATM 846 O O   . HOH C 3 .   ? 3.276   13.488  -4.704  1.00 37.35 ? 173 HOH A O   1 
HETATM 847 O O   . HOH C 3 .   ? 1.027   2.599   -16.638 1.00 41.40 ? 174 HOH A O   1 
HETATM 848 O O   . HOH C 3 .   ? -0.077  -13.504 1.449   1.00 42.39 ? 175 HOH A O   1 
HETATM 849 O O   . HOH C 3 .   ? 4.746   -6.378  12.105  1.00 41.06 ? 176 HOH A O   1 
HETATM 850 O O   . HOH C 3 .   ? -0.175  -2.922  14.466  1.00 33.55 ? 177 HOH A O   1 
HETATM 851 O O   . HOH C 3 .   ? 3.851   7.231   11.660  1.00 35.10 ? 178 HOH A O   1 
# 
loop_
_pdbx_poly_seq_scheme.asym_id 
_pdbx_poly_seq_scheme.entity_id 
_pdbx_poly_seq_scheme.seq_id 
_pdbx_poly_seq_scheme.mon_id 
_pdbx_poly_seq_scheme.ndb_seq_num 
_pdbx_poly_seq_scheme.pdb_seq_num 
_pdbx_poly_seq_scheme.auth_seq_num 
_pdbx_poly_seq_scheme.pdb_mon_id 
_pdbx_poly_seq_scheme.auth_mon_id 
_pdbx_poly_seq_scheme.pdb_strand_id 
_pdbx_poly_seq_scheme.pdb_ins_code 
_pdbx_poly_seq_scheme.hetero 
A 1 1   MET 1   1   ?   ?   ?   A . n 
A 1 2   SER 2   2   2   SER SER A . n 
A 1 3   GLN 3   3   3   GLN GLN A . n 
A 1 4   PHE 4   4   4   PHE PHE A . n 
A 1 5   THR 5   5   5   THR THR A . n 
A 1 6   LEU 6   6   6   LEU LEU A . n 
A 1 7   TYR 7   7   7   TYR TYR A . n 
A 1 8   LYS 8   8   8   LYS LYS A . n 
A 1 9   ASN 9   9   9   ASN ASN A . n 
A 1 10  LYS 10  10  10  LYS LYS A . n 
A 1 11  ASP 11  11  11  ASP ASP A . n 
A 1 12  LYS 12  12  12  LYS LYS A . n 
A 1 13  SER 13  13  13  SER SER A . n 
A 1 14  SER 14  14  14  SER SER A . n 
A 1 15  ALA 15  15  15  ALA ALA A . n 
A 1 16  LYS 16  16  16  LYS LYS A . n 
A 1 17  THR 17  17  17  THR THR A . n 
A 1 18  TYR 18  18  18  TYR TYR A . n 
A 1 19  PRO 19  19  19  PRO PRO A . n 
A 1 20  TYR 20  20  20  TYR TYR A . n 
A 1 21  PHE 21  21  21  PHE PHE A . n 
A 1 22  VAL 22  22  22  VAL VAL A . n 
A 1 23  ASP 23  23  23  ASP ASP A . n 
A 1 24  VAL 24  24  24  VAL VAL A . n 
A 1 25  GLN 25  25  25  GLN GLN A . n 
A 1 26  SER 26  26  26  SER SER A . n 
A 1 27  ASP 27  27  27  ASP ASP A . n 
A 1 28  LEU 28  28  28  LEU LEU A . n 
A 1 29  LEU 29  29  29  LEU LEU A . n 
A 1 30  ASP 30  30  30  ASP ASP A . n 
A 1 31  ASN 31  31  31  ASN ASN A . n 
A 1 32  LEU 32  32  32  LEU LEU A . n 
A 1 33  ASN 33  33  33  ASN ASN A . n 
A 1 34  THR 34  34  34  THR THR A . n 
A 1 35  ARG 35  35  35  ARG ARG A . n 
A 1 36  LEU 36  36  36  LEU LEU A . n 
A 1 37  VAL 37  37  37  VAL VAL A . n 
A 1 38  ILE 38  38  38  ILE ILE A . n 
A 1 39  PRO 39  39  39  PRO PRO A . n 
A 1 40  LEU 40  40  40  LEU LEU A . n 
A 1 41  THR 41  41  41  THR THR A . n 
A 1 42  PRO 42  42  42  PRO PRO A . n 
A 1 43  ILE 43  43  43  ILE ILE A . n 
A 1 44  GLU 44  44  44  GLU GLU A . n 
A 1 45  LEU 45  45  45  LEU LEU A . n 
A 1 46  LEU 46  46  ?   ?   ?   A . n 
A 1 47  ASP 47  47  ?   ?   ?   A . n 
A 1 48  LYS 48  48  ?   ?   ?   A . n 
A 1 49  LYS 49  49  ?   ?   ?   A . n 
A 1 50  ALA 50  50  ?   ?   ?   A . n 
A 1 51  PRO 51  51  ?   ?   ?   A . n 
A 1 52  SER 52  52  ?   ?   ?   A . n 
A 1 53  HIS 53  53  ?   ?   ?   A . n 
A 1 54  LEU 54  54  54  LEU LEU A . n 
A 1 55  CYS 55  55  55  CYS CYS A . n 
A 1 56  PRO 56  56  56  PRO PRO A . n 
A 1 57  THR 57  57  57  THR THR A . n 
A 1 58  ILE 58  58  58  ILE ILE A . n 
A 1 59  HIS 59  59  59  HIS HIS A . n 
A 1 60  ILE 60  60  60  ILE ILE A . n 
A 1 61  ASP 61  61  61  ASP ASP A . n 
A 1 62  GLU 62  62  62  GLU GLU A . n 
A 1 63  GLY 63  63  63  GLY GLY A . n 
A 1 64  ASP 64  64  64  ASP ASP A . n 
A 1 65  PHE 65  65  65  PHE PHE A . n 
A 1 66  ILE 66  66  66  ILE ILE A . n 
A 1 67  MET 67  67  67  MET MET A . n 
A 1 68  LEU 68  68  68  LEU LEU A . n 
A 1 69  THR 69  69  69  THR THR A . n 
A 1 70  GLN 70  70  70  GLN GLN A . n 
A 1 71  GLN 71  71  71  GLN GLN A . n 
A 1 72  MET 72  72  72  MET MET A . n 
A 1 73  THR 73  73  73  THR THR A . n 
A 1 74  SER 74  74  74  SER SER A . n 
A 1 75  VAL 75  75  75  VAL VAL A . n 
A 1 76  PRO 76  76  76  PRO PRO A . n 
A 1 77  VAL 77  77  77  VAL VAL A . n 
A 1 78  LYS 78  78  78  LYS LYS A . n 
A 1 79  ILE 79  79  79  ILE ILE A . n 
A 1 80  LEU 80  80  80  LEU LEU A . n 
A 1 81  SER 81  81  81  SER SER A . n 
A 1 82  GLU 82  82  82  GLU GLU A . n 
A 1 83  PRO 83  83  83  PRO PRO A . n 
A 1 84  VAL 84  84  84  VAL VAL A . n 
A 1 85  ASN 85  85  85  ASN ASN A . n 
A 1 86  GLU 86  86  86  GLU GLU A . n 
A 1 87  LEU 87  87  87  LEU LEU A . n 
A 1 88  SER 88  88  88  SER SER A . n 
A 1 89  THR 89  89  89  THR THR A . n 
A 1 90  PHE 90  90  90  PHE PHE A . n 
A 1 91  ARG 91  91  91  ARG ARG A . n 
A 1 92  ASN 92  92  92  ASN ASN A . n 
A 1 93  GLU 93  93  93  GLU GLU A . n 
A 1 94  ILE 94  94  94  ILE ILE A . n 
A 1 95  ILE 95  95  95  ILE ILE A . n 
A 1 96  ALA 96  96  96  ALA ALA A . n 
A 1 97  ALA 97  97  97  ALA ALA A . n 
A 1 98  ILE 98  98  98  ILE ILE A . n 
A 1 99  ASP 99  99  99  ASP ASP A . n 
A 1 100 PHE 100 100 100 PHE PHE A . n 
A 1 101 LEU 101 101 101 LEU LEU A . n 
A 1 102 ILE 102 102 102 ILE ILE A . n 
A 1 103 THR 103 103 103 THR THR A . n 
A 1 104 GLY 104 104 104 GLY GLY A . n 
A 1 105 ILE 105 105 105 ILE ILE A . n 
# 
loop_
_pdbx_nonpoly_scheme.asym_id 
_pdbx_nonpoly_scheme.entity_id 
_pdbx_nonpoly_scheme.mon_id 
_pdbx_nonpoly_scheme.ndb_seq_num 
_pdbx_nonpoly_scheme.pdb_seq_num 
_pdbx_nonpoly_scheme.auth_seq_num 
_pdbx_nonpoly_scheme.pdb_mon_id 
_pdbx_nonpoly_scheme.auth_mon_id 
_pdbx_nonpoly_scheme.pdb_strand_id 
_pdbx_nonpoly_scheme.pdb_ins_code 
B 2 SO4 1  106 1  SO4 SO4 A . 
C 3 HOH 1  107 1  HOH HOH A . 
C 3 HOH 2  108 2  HOH HOH A . 
C 3 HOH 3  109 3  HOH HOH A . 
C 3 HOH 4  110 4  HOH HOH A . 
C 3 HOH 5  111 5  HOH HOH A . 
C 3 HOH 6  112 6  HOH HOH A . 
C 3 HOH 7  113 7  HOH HOH A . 
C 3 HOH 8  114 8  HOH HOH A . 
C 3 HOH 9  115 9  HOH HOH A . 
C 3 HOH 10 116 10 HOH HOH A . 
C 3 HOH 11 117 11 HOH HOH A . 
C 3 HOH 12 118 12 HOH HOH A . 
C 3 HOH 13 119 13 HOH HOH A . 
C 3 HOH 14 120 14 HOH HOH A . 
C 3 HOH 15 121 15 HOH HOH A . 
C 3 HOH 16 122 16 HOH HOH A . 
C 3 HOH 17 123 17 HOH HOH A . 
C 3 HOH 18 124 18 HOH HOH A . 
C 3 HOH 19 125 19 HOH HOH A . 
C 3 HOH 20 126 20 HOH HOH A . 
C 3 HOH 21 127 22 HOH HOH A . 
C 3 HOH 22 128 24 HOH HOH A . 
C 3 HOH 23 129 26 HOH HOH A . 
C 3 HOH 24 130 27 HOH HOH A . 
C 3 HOH 25 131 28 HOH HOH A . 
C 3 HOH 26 132 29 HOH HOH A . 
C 3 HOH 27 133 30 HOH HOH A . 
C 3 HOH 28 134 31 HOH HOH A . 
C 3 HOH 29 135 32 HOH HOH A . 
C 3 HOH 30 136 33 HOH HOH A . 
C 3 HOH 31 137 34 HOH HOH A . 
C 3 HOH 32 138 35 HOH HOH A . 
C 3 HOH 33 139 36 HOH HOH A . 
C 3 HOH 34 140 37 HOH HOH A . 
C 3 HOH 35 141 38 HOH HOH A . 
C 3 HOH 36 142 39 HOH HOH A . 
C 3 HOH 37 143 40 HOH HOH A . 
C 3 HOH 38 144 41 HOH HOH A . 
C 3 HOH 39 145 42 HOH HOH A . 
C 3 HOH 40 146 43 HOH HOH A . 
C 3 HOH 41 147 44 HOH HOH A . 
C 3 HOH 42 148 45 HOH HOH A . 
C 3 HOH 43 149 46 HOH HOH A . 
C 3 HOH 44 150 47 HOH HOH A . 
C 3 HOH 45 151 48 HOH HOH A . 
C 3 HOH 46 152 49 HOH HOH A . 
C 3 HOH 47 153 50 HOH HOH A . 
C 3 HOH 48 154 51 HOH HOH A . 
C 3 HOH 49 155 52 HOH HOH A . 
C 3 HOH 50 156 53 HOH HOH A . 
C 3 HOH 51 157 54 HOH HOH A . 
C 3 HOH 52 158 55 HOH HOH A . 
C 3 HOH 53 159 56 HOH HOH A . 
C 3 HOH 54 160 57 HOH HOH A . 
C 3 HOH 55 161 58 HOH HOH A . 
C 3 HOH 56 162 59 HOH HOH A . 
C 3 HOH 57 163 60 HOH HOH A . 
C 3 HOH 58 164 61 HOH HOH A . 
C 3 HOH 59 165 62 HOH HOH A . 
C 3 HOH 60 166 63 HOH HOH A . 
C 3 HOH 61 167 64 HOH HOH A . 
C 3 HOH 62 168 65 HOH HOH A . 
C 3 HOH 63 169 66 HOH HOH A . 
C 3 HOH 64 170 67 HOH HOH A . 
C 3 HOH 65 171 68 HOH HOH A . 
C 3 HOH 66 172 69 HOH HOH A . 
C 3 HOH 67 173 70 HOH HOH A . 
C 3 HOH 68 174 71 HOH HOH A . 
C 3 HOH 69 175 72 HOH HOH A . 
C 3 HOH 70 176 73 HOH HOH A . 
C 3 HOH 71 177 74 HOH HOH A . 
C 3 HOH 72 178 75 HOH HOH A . 
# 
_pdbx_struct_assembly.id                   1 
_pdbx_struct_assembly.details              author_and_software_defined_assembly 
_pdbx_struct_assembly.method_details       PISA 
_pdbx_struct_assembly.oligomeric_details   dimeric 
_pdbx_struct_assembly.oligomeric_count     2 
# 
_pdbx_struct_assembly_gen.assembly_id       1 
_pdbx_struct_assembly_gen.oper_expression   1,2 
_pdbx_struct_assembly_gen.asym_id_list      A,B,C 
# 
loop_
_pdbx_struct_assembly_prop.biol_id 
_pdbx_struct_assembly_prop.type 
_pdbx_struct_assembly_prop.value 
_pdbx_struct_assembly_prop.details 
1 'ABSA (A^2)' 2010 ? 
1 MORE         -38  ? 
1 'SSA (A^2)'  9190 ? 
# 
loop_
_pdbx_struct_oper_list.id 
_pdbx_struct_oper_list.type 
_pdbx_struct_oper_list.name 
_pdbx_struct_oper_list.symmetry_operation 
_pdbx_struct_oper_list.matrix[1][1] 
_pdbx_struct_oper_list.matrix[1][2] 
_pdbx_struct_oper_list.matrix[1][3] 
_pdbx_struct_oper_list.vector[1] 
_pdbx_struct_oper_list.matrix[2][1] 
_pdbx_struct_oper_list.matrix[2][2] 
_pdbx_struct_oper_list.matrix[2][3] 
_pdbx_struct_oper_list.vector[2] 
_pdbx_struct_oper_list.matrix[3][1] 
_pdbx_struct_oper_list.matrix[3][2] 
_pdbx_struct_oper_list.matrix[3][3] 
_pdbx_struct_oper_list.vector[3] 
1 'identity operation'         1_555  x,y,z       1.0000000000  0.0000000000 0.0000000000  0.0000000000   0.0000000000 1.0000000000  0.0000000000  0.0000000000  0.0000000000  0.0000000000  1.0000000000 0.0000000000  
2 'crystal symmetry operation' 15_455 -x-1/2,y,-z -0.9091388255 0.2052880093 -0.3623857464 -18.0954548172 0.2052880093 -0.5361806956 -0.8187594854 -6.7817704792 -0.3623857464 -0.8187594854 0.4453195211 -8.3788903637 
# 
loop_
_pdbx_audit_revision_history.ordinal 
_pdbx_audit_revision_history.data_content_type 
_pdbx_audit_revision_history.major_revision 
_pdbx_audit_revision_history.minor_revision 
_pdbx_audit_revision_history.revision_date 
1 'Structure model' 1 0 2009-12-01 
2 'Structure model' 1 1 2011-07-13 
3 'Structure model' 1 2 2023-11-01 
# 
_pdbx_audit_revision_details.ordinal             1 
_pdbx_audit_revision_details.revision_ordinal    1 
_pdbx_audit_revision_details.data_content_type   'Structure model' 
_pdbx_audit_revision_details.provider            repository 
_pdbx_audit_revision_details.type                'Initial release' 
_pdbx_audit_revision_details.description         ? 
_pdbx_audit_revision_details.details             ? 
# 
loop_
_pdbx_audit_revision_group.ordinal 
_pdbx_audit_revision_group.revision_ordinal 
_pdbx_audit_revision_group.data_content_type 
_pdbx_audit_revision_group.group 
1 2 'Structure model' 'Version format compliance' 
2 3 'Structure model' 'Data collection'           
3 3 'Structure model' 'Database references'       
4 3 'Structure model' 'Derived calculations'      
5 3 'Structure model' 'Refinement description'    
# 
loop_
_pdbx_audit_revision_category.ordinal 
_pdbx_audit_revision_category.revision_ordinal 
_pdbx_audit_revision_category.data_content_type 
_pdbx_audit_revision_category.category 
1 3 'Structure model' chem_comp_atom                
2 3 'Structure model' chem_comp_bond                
3 3 'Structure model' database_2                    
4 3 'Structure model' diffrn_source                 
5 3 'Structure model' pdbx_initial_refinement_model 
6 3 'Structure model' struct_site                   
# 
loop_
_pdbx_audit_revision_item.ordinal 
_pdbx_audit_revision_item.revision_ordinal 
_pdbx_audit_revision_item.data_content_type 
_pdbx_audit_revision_item.item 
1 3 'Structure model' '_database_2.pdbx_DOI'                 
2 3 'Structure model' '_database_2.pdbx_database_accession'  
3 3 'Structure model' '_diffrn_source.pdbx_synchrotron_site' 
4 3 'Structure model' '_struct_site.pdbx_auth_asym_id'       
5 3 'Structure model' '_struct_site.pdbx_auth_comp_id'       
6 3 'Structure model' '_struct_site.pdbx_auth_seq_id'        
# 
loop_
_software.name 
_software.classification 
_software.version 
_software.citation_id 
_software.pdbx_ordinal 
MAR345dtb 'data collection' .                 ? 1 
PHASER    phasing           .                 ? 2 
PHENIX    refinement        '(phenix.refine)' ? 3 
DENZO     'data reduction'  .                 ? 4 
SCALEPACK 'data scaling'    .                 ? 5 
# 
_pdbx_validate_symm_contact.id                1 
_pdbx_validate_symm_contact.PDB_model_num     1 
_pdbx_validate_symm_contact.auth_atom_id_1    O 
_pdbx_validate_symm_contact.auth_asym_id_1    A 
_pdbx_validate_symm_contact.auth_comp_id_1    HOH 
_pdbx_validate_symm_contact.auth_seq_id_1     111 
_pdbx_validate_symm_contact.PDB_ins_code_1    ? 
_pdbx_validate_symm_contact.label_alt_id_1    ? 
_pdbx_validate_symm_contact.site_symmetry_1   1_555 
_pdbx_validate_symm_contact.auth_atom_id_2    O 
_pdbx_validate_symm_contact.auth_asym_id_2    A 
_pdbx_validate_symm_contact.auth_comp_id_2    HOH 
_pdbx_validate_symm_contact.auth_seq_id_2     141 
_pdbx_validate_symm_contact.PDB_ins_code_2    ? 
_pdbx_validate_symm_contact.label_alt_id_2    ? 
_pdbx_validate_symm_contact.site_symmetry_2   24_555 
_pdbx_validate_symm_contact.dist              1.90 
# 
_pdbx_validate_torsion.id              1 
_pdbx_validate_torsion.PDB_model_num   1 
_pdbx_validate_torsion.auth_comp_id    SER 
_pdbx_validate_torsion.auth_asym_id    A 
_pdbx_validate_torsion.auth_seq_id     81 
_pdbx_validate_torsion.PDB_ins_code    ? 
_pdbx_validate_torsion.label_alt_id    ? 
_pdbx_validate_torsion.phi             -68.31 
_pdbx_validate_torsion.psi             -178.60 
# 
loop_
_pdbx_unobs_or_zero_occ_atoms.id 
_pdbx_unobs_or_zero_occ_atoms.PDB_model_num 
_pdbx_unobs_or_zero_occ_atoms.polymer_flag 
_pdbx_unobs_or_zero_occ_atoms.occupancy_flag 
_pdbx_unobs_or_zero_occ_atoms.auth_asym_id 
_pdbx_unobs_or_zero_occ_atoms.auth_comp_id 
_pdbx_unobs_or_zero_occ_atoms.auth_seq_id 
_pdbx_unobs_or_zero_occ_atoms.PDB_ins_code 
_pdbx_unobs_or_zero_occ_atoms.auth_atom_id 
_pdbx_unobs_or_zero_occ_atoms.label_alt_id 
_pdbx_unobs_or_zero_occ_atoms.label_asym_id 
_pdbx_unobs_or_zero_occ_atoms.label_comp_id 
_pdbx_unobs_or_zero_occ_atoms.label_seq_id 
_pdbx_unobs_or_zero_occ_atoms.label_atom_id 
1  1 Y 1 A LYS 8  ? CD  ? A LYS 8  CD  
2  1 Y 1 A LYS 8  ? CE  ? A LYS 8  CE  
3  1 Y 1 A LYS 8  ? NZ  ? A LYS 8  NZ  
4  1 Y 1 A LYS 10 ? NZ  ? A LYS 10 NZ  
5  1 Y 1 A LYS 12 ? CE  ? A LYS 12 CE  
6  1 Y 1 A LYS 12 ? NZ  ? A LYS 12 NZ  
7  1 Y 1 A LYS 16 ? CD  ? A LYS 16 CD  
8  1 Y 1 A LYS 16 ? CE  ? A LYS 16 CE  
9  1 Y 1 A LYS 16 ? NZ  ? A LYS 16 NZ  
10 1 Y 1 A GLN 70 ? OE1 ? A GLN 70 OE1 
11 1 Y 1 A LYS 78 ? CE  ? A LYS 78 CE  
12 1 Y 1 A LYS 78 ? NZ  ? A LYS 78 NZ  
13 1 Y 1 A GLU 82 ? CG  ? A GLU 82 CG  
14 1 Y 1 A GLU 82 ? CD  ? A GLU 82 CD  
15 1 Y 1 A GLU 82 ? OE1 ? A GLU 82 OE1 
16 1 Y 1 A GLU 82 ? OE2 ? A GLU 82 OE2 
# 
loop_
_pdbx_unobs_or_zero_occ_residues.id 
_pdbx_unobs_or_zero_occ_residues.PDB_model_num 
_pdbx_unobs_or_zero_occ_residues.polymer_flag 
_pdbx_unobs_or_zero_occ_residues.occupancy_flag 
_pdbx_unobs_or_zero_occ_residues.auth_asym_id 
_pdbx_unobs_or_zero_occ_residues.auth_comp_id 
_pdbx_unobs_or_zero_occ_residues.auth_seq_id 
_pdbx_unobs_or_zero_occ_residues.PDB_ins_code 
_pdbx_unobs_or_zero_occ_residues.label_asym_id 
_pdbx_unobs_or_zero_occ_residues.label_comp_id 
_pdbx_unobs_or_zero_occ_residues.label_seq_id 
1 1 Y 1 A MET 1  ? A MET 1  
2 1 Y 1 A LEU 46 ? A LEU 46 
3 1 Y 1 A ASP 47 ? A ASP 47 
4 1 Y 1 A LYS 48 ? A LYS 48 
5 1 Y 1 A LYS 49 ? A LYS 49 
6 1 Y 1 A ALA 50 ? A ALA 50 
7 1 Y 1 A PRO 51 ? A PRO 51 
8 1 Y 1 A SER 52 ? A SER 52 
9 1 Y 1 A HIS 53 ? A HIS 53 
# 
loop_
_chem_comp_atom.comp_id 
_chem_comp_atom.atom_id 
_chem_comp_atom.type_symbol 
_chem_comp_atom.pdbx_aromatic_flag 
_chem_comp_atom.pdbx_stereo_config 
_chem_comp_atom.pdbx_ordinal 
ALA N    N N N 1   
ALA CA   C N S 2   
ALA C    C N N 3   
ALA O    O N N 4   
ALA CB   C N N 5   
ALA OXT  O N N 6   
ALA H    H N N 7   
ALA H2   H N N 8   
ALA HA   H N N 9   
ALA HB1  H N N 10  
ALA HB2  H N N 11  
ALA HB3  H N N 12  
ALA HXT  H N N 13  
ARG N    N N N 14  
ARG CA   C N S 15  
ARG C    C N N 16  
ARG O    O N N 17  
ARG CB   C N N 18  
ARG CG   C N N 19  
ARG CD   C N N 20  
ARG NE   N N N 21  
ARG CZ   C N N 22  
ARG NH1  N N N 23  
ARG NH2  N N N 24  
ARG OXT  O N N 25  
ARG H    H N N 26  
ARG H2   H N N 27  
ARG HA   H N N 28  
ARG HB2  H N N 29  
ARG HB3  H N N 30  
ARG HG2  H N N 31  
ARG HG3  H N N 32  
ARG HD2  H N N 33  
ARG HD3  H N N 34  
ARG HE   H N N 35  
ARG HH11 H N N 36  
ARG HH12 H N N 37  
ARG HH21 H N N 38  
ARG HH22 H N N 39  
ARG HXT  H N N 40  
ASN N    N N N 41  
ASN CA   C N S 42  
ASN C    C N N 43  
ASN O    O N N 44  
ASN CB   C N N 45  
ASN CG   C N N 46  
ASN OD1  O N N 47  
ASN ND2  N N N 48  
ASN OXT  O N N 49  
ASN H    H N N 50  
ASN H2   H N N 51  
ASN HA   H N N 52  
ASN HB2  H N N 53  
ASN HB3  H N N 54  
ASN HD21 H N N 55  
ASN HD22 H N N 56  
ASN HXT  H N N 57  
ASP N    N N N 58  
ASP CA   C N S 59  
ASP C    C N N 60  
ASP O    O N N 61  
ASP CB   C N N 62  
ASP CG   C N N 63  
ASP OD1  O N N 64  
ASP OD2  O N N 65  
ASP OXT  O N N 66  
ASP H    H N N 67  
ASP H2   H N N 68  
ASP HA   H N N 69  
ASP HB2  H N N 70  
ASP HB3  H N N 71  
ASP HD2  H N N 72  
ASP HXT  H N N 73  
CYS N    N N N 74  
CYS CA   C N R 75  
CYS C    C N N 76  
CYS O    O N N 77  
CYS CB   C N N 78  
CYS SG   S N N 79  
CYS OXT  O N N 80  
CYS H    H N N 81  
CYS H2   H N N 82  
CYS HA   H N N 83  
CYS HB2  H N N 84  
CYS HB3  H N N 85  
CYS HG   H N N 86  
CYS HXT  H N N 87  
GLN N    N N N 88  
GLN CA   C N S 89  
GLN C    C N N 90  
GLN O    O N N 91  
GLN CB   C N N 92  
GLN CG   C N N 93  
GLN CD   C N N 94  
GLN OE1  O N N 95  
GLN NE2  N N N 96  
GLN OXT  O N N 97  
GLN H    H N N 98  
GLN H2   H N N 99  
GLN HA   H N N 100 
GLN HB2  H N N 101 
GLN HB3  H N N 102 
GLN HG2  H N N 103 
GLN HG3  H N N 104 
GLN HE21 H N N 105 
GLN HE22 H N N 106 
GLN HXT  H N N 107 
GLU N    N N N 108 
GLU CA   C N S 109 
GLU C    C N N 110 
GLU O    O N N 111 
GLU CB   C N N 112 
GLU CG   C N N 113 
GLU CD   C N N 114 
GLU OE1  O N N 115 
GLU OE2  O N N 116 
GLU OXT  O N N 117 
GLU H    H N N 118 
GLU H2   H N N 119 
GLU HA   H N N 120 
GLU HB2  H N N 121 
GLU HB3  H N N 122 
GLU HG2  H N N 123 
GLU HG3  H N N 124 
GLU HE2  H N N 125 
GLU HXT  H N N 126 
GLY N    N N N 127 
GLY CA   C N N 128 
GLY C    C N N 129 
GLY O    O N N 130 
GLY OXT  O N N 131 
GLY H    H N N 132 
GLY H2   H N N 133 
GLY HA2  H N N 134 
GLY HA3  H N N 135 
GLY HXT  H N N 136 
HIS N    N N N 137 
HIS CA   C N S 138 
HIS C    C N N 139 
HIS O    O N N 140 
HIS CB   C N N 141 
HIS CG   C Y N 142 
HIS ND1  N Y N 143 
HIS CD2  C Y N 144 
HIS CE1  C Y N 145 
HIS NE2  N Y N 146 
HIS OXT  O N N 147 
HIS H    H N N 148 
HIS H2   H N N 149 
HIS HA   H N N 150 
HIS HB2  H N N 151 
HIS HB3  H N N 152 
HIS HD1  H N N 153 
HIS HD2  H N N 154 
HIS HE1  H N N 155 
HIS HE2  H N N 156 
HIS HXT  H N N 157 
HOH O    O N N 158 
HOH H1   H N N 159 
HOH H2   H N N 160 
ILE N    N N N 161 
ILE CA   C N S 162 
ILE C    C N N 163 
ILE O    O N N 164 
ILE CB   C N S 165 
ILE CG1  C N N 166 
ILE CG2  C N N 167 
ILE CD1  C N N 168 
ILE OXT  O N N 169 
ILE H    H N N 170 
ILE H2   H N N 171 
ILE HA   H N N 172 
ILE HB   H N N 173 
ILE HG12 H N N 174 
ILE HG13 H N N 175 
ILE HG21 H N N 176 
ILE HG22 H N N 177 
ILE HG23 H N N 178 
ILE HD11 H N N 179 
ILE HD12 H N N 180 
ILE HD13 H N N 181 
ILE HXT  H N N 182 
LEU N    N N N 183 
LEU CA   C N S 184 
LEU C    C N N 185 
LEU O    O N N 186 
LEU CB   C N N 187 
LEU CG   C N N 188 
LEU CD1  C N N 189 
LEU CD2  C N N 190 
LEU OXT  O N N 191 
LEU H    H N N 192 
LEU H2   H N N 193 
LEU HA   H N N 194 
LEU HB2  H N N 195 
LEU HB3  H N N 196 
LEU HG   H N N 197 
LEU HD11 H N N 198 
LEU HD12 H N N 199 
LEU HD13 H N N 200 
LEU HD21 H N N 201 
LEU HD22 H N N 202 
LEU HD23 H N N 203 
LEU HXT  H N N 204 
LYS N    N N N 205 
LYS CA   C N S 206 
LYS C    C N N 207 
LYS O    O N N 208 
LYS CB   C N N 209 
LYS CG   C N N 210 
LYS CD   C N N 211 
LYS CE   C N N 212 
LYS NZ   N N N 213 
LYS OXT  O N N 214 
LYS H    H N N 215 
LYS H2   H N N 216 
LYS HA   H N N 217 
LYS HB2  H N N 218 
LYS HB3  H N N 219 
LYS HG2  H N N 220 
LYS HG3  H N N 221 
LYS HD2  H N N 222 
LYS HD3  H N N 223 
LYS HE2  H N N 224 
LYS HE3  H N N 225 
LYS HZ1  H N N 226 
LYS HZ2  H N N 227 
LYS HZ3  H N N 228 
LYS HXT  H N N 229 
MET N    N N N 230 
MET CA   C N S 231 
MET C    C N N 232 
MET O    O N N 233 
MET CB   C N N 234 
MET CG   C N N 235 
MET SD   S N N 236 
MET CE   C N N 237 
MET OXT  O N N 238 
MET H    H N N 239 
MET H2   H N N 240 
MET HA   H N N 241 
MET HB2  H N N 242 
MET HB3  H N N 243 
MET HG2  H N N 244 
MET HG3  H N N 245 
MET HE1  H N N 246 
MET HE2  H N N 247 
MET HE3  H N N 248 
MET HXT  H N N 249 
PHE N    N N N 250 
PHE CA   C N S 251 
PHE C    C N N 252 
PHE O    O N N 253 
PHE CB   C N N 254 
PHE CG   C Y N 255 
PHE CD1  C Y N 256 
PHE CD2  C Y N 257 
PHE CE1  C Y N 258 
PHE CE2  C Y N 259 
PHE CZ   C Y N 260 
PHE OXT  O N N 261 
PHE H    H N N 262 
PHE H2   H N N 263 
PHE HA   H N N 264 
PHE HB2  H N N 265 
PHE HB3  H N N 266 
PHE HD1  H N N 267 
PHE HD2  H N N 268 
PHE HE1  H N N 269 
PHE HE2  H N N 270 
PHE HZ   H N N 271 
PHE HXT  H N N 272 
PRO N    N N N 273 
PRO CA   C N S 274 
PRO C    C N N 275 
PRO O    O N N 276 
PRO CB   C N N 277 
PRO CG   C N N 278 
PRO CD   C N N 279 
PRO OXT  O N N 280 
PRO H    H N N 281 
PRO HA   H N N 282 
PRO HB2  H N N 283 
PRO HB3  H N N 284 
PRO HG2  H N N 285 
PRO HG3  H N N 286 
PRO HD2  H N N 287 
PRO HD3  H N N 288 
PRO HXT  H N N 289 
SER N    N N N 290 
SER CA   C N S 291 
SER C    C N N 292 
SER O    O N N 293 
SER CB   C N N 294 
SER OG   O N N 295 
SER OXT  O N N 296 
SER H    H N N 297 
SER H2   H N N 298 
SER HA   H N N 299 
SER HB2  H N N 300 
SER HB3  H N N 301 
SER HG   H N N 302 
SER HXT  H N N 303 
SO4 S    S N N 304 
SO4 O1   O N N 305 
SO4 O2   O N N 306 
SO4 O3   O N N 307 
SO4 O4   O N N 308 
THR N    N N N 309 
THR CA   C N S 310 
THR C    C N N 311 
THR O    O N N 312 
THR CB   C N R 313 
THR OG1  O N N 314 
THR CG2  C N N 315 
THR OXT  O N N 316 
THR H    H N N 317 
THR H2   H N N 318 
THR HA   H N N 319 
THR HB   H N N 320 
THR HG1  H N N 321 
THR HG21 H N N 322 
THR HG22 H N N 323 
THR HG23 H N N 324 
THR HXT  H N N 325 
TYR N    N N N 326 
TYR CA   C N S 327 
TYR C    C N N 328 
TYR O    O N N 329 
TYR CB   C N N 330 
TYR CG   C Y N 331 
TYR CD1  C Y N 332 
TYR CD2  C Y N 333 
TYR CE1  C Y N 334 
TYR CE2  C Y N 335 
TYR CZ   C Y N 336 
TYR OH   O N N 337 
TYR OXT  O N N 338 
TYR H    H N N 339 
TYR H2   H N N 340 
TYR HA   H N N 341 
TYR HB2  H N N 342 
TYR HB3  H N N 343 
TYR HD1  H N N 344 
TYR HD2  H N N 345 
TYR HE1  H N N 346 
TYR HE2  H N N 347 
TYR HH   H N N 348 
TYR HXT  H N N 349 
VAL N    N N N 350 
VAL CA   C N S 351 
VAL C    C N N 352 
VAL O    O N N 353 
VAL CB   C N N 354 
VAL CG1  C N N 355 
VAL CG2  C N N 356 
VAL OXT  O N N 357 
VAL H    H N N 358 
VAL H2   H N N 359 
VAL HA   H N N 360 
VAL HB   H N N 361 
VAL HG11 H N N 362 
VAL HG12 H N N 363 
VAL HG13 H N N 364 
VAL HG21 H N N 365 
VAL HG22 H N N 366 
VAL HG23 H N N 367 
VAL HXT  H N N 368 
# 
loop_
_chem_comp_bond.comp_id 
_chem_comp_bond.atom_id_1 
_chem_comp_bond.atom_id_2 
_chem_comp_bond.value_order 
_chem_comp_bond.pdbx_aromatic_flag 
_chem_comp_bond.pdbx_stereo_config 
_chem_comp_bond.pdbx_ordinal 
ALA N   CA   sing N N 1   
ALA N   H    sing N N 2   
ALA N   H2   sing N N 3   
ALA CA  C    sing N N 4   
ALA CA  CB   sing N N 5   
ALA CA  HA   sing N N 6   
ALA C   O    doub N N 7   
ALA C   OXT  sing N N 8   
ALA CB  HB1  sing N N 9   
ALA CB  HB2  sing N N 10  
ALA CB  HB3  sing N N 11  
ALA OXT HXT  sing N N 12  
ARG N   CA   sing N N 13  
ARG N   H    sing N N 14  
ARG N   H2   sing N N 15  
ARG CA  C    sing N N 16  
ARG CA  CB   sing N N 17  
ARG CA  HA   sing N N 18  
ARG C   O    doub N N 19  
ARG C   OXT  sing N N 20  
ARG CB  CG   sing N N 21  
ARG CB  HB2  sing N N 22  
ARG CB  HB3  sing N N 23  
ARG CG  CD   sing N N 24  
ARG CG  HG2  sing N N 25  
ARG CG  HG3  sing N N 26  
ARG CD  NE   sing N N 27  
ARG CD  HD2  sing N N 28  
ARG CD  HD3  sing N N 29  
ARG NE  CZ   sing N N 30  
ARG NE  HE   sing N N 31  
ARG CZ  NH1  sing N N 32  
ARG CZ  NH2  doub N N 33  
ARG NH1 HH11 sing N N 34  
ARG NH1 HH12 sing N N 35  
ARG NH2 HH21 sing N N 36  
ARG NH2 HH22 sing N N 37  
ARG OXT HXT  sing N N 38  
ASN N   CA   sing N N 39  
ASN N   H    sing N N 40  
ASN N   H2   sing N N 41  
ASN CA  C    sing N N 42  
ASN CA  CB   sing N N 43  
ASN CA  HA   sing N N 44  
ASN C   O    doub N N 45  
ASN C   OXT  sing N N 46  
ASN CB  CG   sing N N 47  
ASN CB  HB2  sing N N 48  
ASN CB  HB3  sing N N 49  
ASN CG  OD1  doub N N 50  
ASN CG  ND2  sing N N 51  
ASN ND2 HD21 sing N N 52  
ASN ND2 HD22 sing N N 53  
ASN OXT HXT  sing N N 54  
ASP N   CA   sing N N 55  
ASP N   H    sing N N 56  
ASP N   H2   sing N N 57  
ASP CA  C    sing N N 58  
ASP CA  CB   sing N N 59  
ASP CA  HA   sing N N 60  
ASP C   O    doub N N 61  
ASP C   OXT  sing N N 62  
ASP CB  CG   sing N N 63  
ASP CB  HB2  sing N N 64  
ASP CB  HB3  sing N N 65  
ASP CG  OD1  doub N N 66  
ASP CG  OD2  sing N N 67  
ASP OD2 HD2  sing N N 68  
ASP OXT HXT  sing N N 69  
CYS N   CA   sing N N 70  
CYS N   H    sing N N 71  
CYS N   H2   sing N N 72  
CYS CA  C    sing N N 73  
CYS CA  CB   sing N N 74  
CYS CA  HA   sing N N 75  
CYS C   O    doub N N 76  
CYS C   OXT  sing N N 77  
CYS CB  SG   sing N N 78  
CYS CB  HB2  sing N N 79  
CYS CB  HB3  sing N N 80  
CYS SG  HG   sing N N 81  
CYS OXT HXT  sing N N 82  
GLN N   CA   sing N N 83  
GLN N   H    sing N N 84  
GLN N   H2   sing N N 85  
GLN CA  C    sing N N 86  
GLN CA  CB   sing N N 87  
GLN CA  HA   sing N N 88  
GLN C   O    doub N N 89  
GLN C   OXT  sing N N 90  
GLN CB  CG   sing N N 91  
GLN CB  HB2  sing N N 92  
GLN CB  HB3  sing N N 93  
GLN CG  CD   sing N N 94  
GLN CG  HG2  sing N N 95  
GLN CG  HG3  sing N N 96  
GLN CD  OE1  doub N N 97  
GLN CD  NE2  sing N N 98  
GLN NE2 HE21 sing N N 99  
GLN NE2 HE22 sing N N 100 
GLN OXT HXT  sing N N 101 
GLU N   CA   sing N N 102 
GLU N   H    sing N N 103 
GLU N   H2   sing N N 104 
GLU CA  C    sing N N 105 
GLU CA  CB   sing N N 106 
GLU CA  HA   sing N N 107 
GLU C   O    doub N N 108 
GLU C   OXT  sing N N 109 
GLU CB  CG   sing N N 110 
GLU CB  HB2  sing N N 111 
GLU CB  HB3  sing N N 112 
GLU CG  CD   sing N N 113 
GLU CG  HG2  sing N N 114 
GLU CG  HG3  sing N N 115 
GLU CD  OE1  doub N N 116 
GLU CD  OE2  sing N N 117 
GLU OE2 HE2  sing N N 118 
GLU OXT HXT  sing N N 119 
GLY N   CA   sing N N 120 
GLY N   H    sing N N 121 
GLY N   H2   sing N N 122 
GLY CA  C    sing N N 123 
GLY CA  HA2  sing N N 124 
GLY CA  HA3  sing N N 125 
GLY C   O    doub N N 126 
GLY C   OXT  sing N N 127 
GLY OXT HXT  sing N N 128 
HIS N   CA   sing N N 129 
HIS N   H    sing N N 130 
HIS N   H2   sing N N 131 
HIS CA  C    sing N N 132 
HIS CA  CB   sing N N 133 
HIS CA  HA   sing N N 134 
HIS C   O    doub N N 135 
HIS C   OXT  sing N N 136 
HIS CB  CG   sing N N 137 
HIS CB  HB2  sing N N 138 
HIS CB  HB3  sing N N 139 
HIS CG  ND1  sing Y N 140 
HIS CG  CD2  doub Y N 141 
HIS ND1 CE1  doub Y N 142 
HIS ND1 HD1  sing N N 143 
HIS CD2 NE2  sing Y N 144 
HIS CD2 HD2  sing N N 145 
HIS CE1 NE2  sing Y N 146 
HIS CE1 HE1  sing N N 147 
HIS NE2 HE2  sing N N 148 
HIS OXT HXT  sing N N 149 
HOH O   H1   sing N N 150 
HOH O   H2   sing N N 151 
ILE N   CA   sing N N 152 
ILE N   H    sing N N 153 
ILE N   H2   sing N N 154 
ILE CA  C    sing N N 155 
ILE CA  CB   sing N N 156 
ILE CA  HA   sing N N 157 
ILE C   O    doub N N 158 
ILE C   OXT  sing N N 159 
ILE CB  CG1  sing N N 160 
ILE CB  CG2  sing N N 161 
ILE CB  HB   sing N N 162 
ILE CG1 CD1  sing N N 163 
ILE CG1 HG12 sing N N 164 
ILE CG1 HG13 sing N N 165 
ILE CG2 HG21 sing N N 166 
ILE CG2 HG22 sing N N 167 
ILE CG2 HG23 sing N N 168 
ILE CD1 HD11 sing N N 169 
ILE CD1 HD12 sing N N 170 
ILE CD1 HD13 sing N N 171 
ILE OXT HXT  sing N N 172 
LEU N   CA   sing N N 173 
LEU N   H    sing N N 174 
LEU N   H2   sing N N 175 
LEU CA  C    sing N N 176 
LEU CA  CB   sing N N 177 
LEU CA  HA   sing N N 178 
LEU C   O    doub N N 179 
LEU C   OXT  sing N N 180 
LEU CB  CG   sing N N 181 
LEU CB  HB2  sing N N 182 
LEU CB  HB3  sing N N 183 
LEU CG  CD1  sing N N 184 
LEU CG  CD2  sing N N 185 
LEU CG  HG   sing N N 186 
LEU CD1 HD11 sing N N 187 
LEU CD1 HD12 sing N N 188 
LEU CD1 HD13 sing N N 189 
LEU CD2 HD21 sing N N 190 
LEU CD2 HD22 sing N N 191 
LEU CD2 HD23 sing N N 192 
LEU OXT HXT  sing N N 193 
LYS N   CA   sing N N 194 
LYS N   H    sing N N 195 
LYS N   H2   sing N N 196 
LYS CA  C    sing N N 197 
LYS CA  CB   sing N N 198 
LYS CA  HA   sing N N 199 
LYS C   O    doub N N 200 
LYS C   OXT  sing N N 201 
LYS CB  CG   sing N N 202 
LYS CB  HB2  sing N N 203 
LYS CB  HB3  sing N N 204 
LYS CG  CD   sing N N 205 
LYS CG  HG2  sing N N 206 
LYS CG  HG3  sing N N 207 
LYS CD  CE   sing N N 208 
LYS CD  HD2  sing N N 209 
LYS CD  HD3  sing N N 210 
LYS CE  NZ   sing N N 211 
LYS CE  HE2  sing N N 212 
LYS CE  HE3  sing N N 213 
LYS NZ  HZ1  sing N N 214 
LYS NZ  HZ2  sing N N 215 
LYS NZ  HZ3  sing N N 216 
LYS OXT HXT  sing N N 217 
MET N   CA   sing N N 218 
MET N   H    sing N N 219 
MET N   H2   sing N N 220 
MET CA  C    sing N N 221 
MET CA  CB   sing N N 222 
MET CA  HA   sing N N 223 
MET C   O    doub N N 224 
MET C   OXT  sing N N 225 
MET CB  CG   sing N N 226 
MET CB  HB2  sing N N 227 
MET CB  HB3  sing N N 228 
MET CG  SD   sing N N 229 
MET CG  HG2  sing N N 230 
MET CG  HG3  sing N N 231 
MET SD  CE   sing N N 232 
MET CE  HE1  sing N N 233 
MET CE  HE2  sing N N 234 
MET CE  HE3  sing N N 235 
MET OXT HXT  sing N N 236 
PHE N   CA   sing N N 237 
PHE N   H    sing N N 238 
PHE N   H2   sing N N 239 
PHE CA  C    sing N N 240 
PHE CA  CB   sing N N 241 
PHE CA  HA   sing N N 242 
PHE C   O    doub N N 243 
PHE C   OXT  sing N N 244 
PHE CB  CG   sing N N 245 
PHE CB  HB2  sing N N 246 
PHE CB  HB3  sing N N 247 
PHE CG  CD1  doub Y N 248 
PHE CG  CD2  sing Y N 249 
PHE CD1 CE1  sing Y N 250 
PHE CD1 HD1  sing N N 251 
PHE CD2 CE2  doub Y N 252 
PHE CD2 HD2  sing N N 253 
PHE CE1 CZ   doub Y N 254 
PHE CE1 HE1  sing N N 255 
PHE CE2 CZ   sing Y N 256 
PHE CE2 HE2  sing N N 257 
PHE CZ  HZ   sing N N 258 
PHE OXT HXT  sing N N 259 
PRO N   CA   sing N N 260 
PRO N   CD   sing N N 261 
PRO N   H    sing N N 262 
PRO CA  C    sing N N 263 
PRO CA  CB   sing N N 264 
PRO CA  HA   sing N N 265 
PRO C   O    doub N N 266 
PRO C   OXT  sing N N 267 
PRO CB  CG   sing N N 268 
PRO CB  HB2  sing N N 269 
PRO CB  HB3  sing N N 270 
PRO CG  CD   sing N N 271 
PRO CG  HG2  sing N N 272 
PRO CG  HG3  sing N N 273 
PRO CD  HD2  sing N N 274 
PRO CD  HD3  sing N N 275 
PRO OXT HXT  sing N N 276 
SER N   CA   sing N N 277 
SER N   H    sing N N 278 
SER N   H2   sing N N 279 
SER CA  C    sing N N 280 
SER CA  CB   sing N N 281 
SER CA  HA   sing N N 282 
SER C   O    doub N N 283 
SER C   OXT  sing N N 284 
SER CB  OG   sing N N 285 
SER CB  HB2  sing N N 286 
SER CB  HB3  sing N N 287 
SER OG  HG   sing N N 288 
SER OXT HXT  sing N N 289 
SO4 S   O1   doub N N 290 
SO4 S   O2   doub N N 291 
SO4 S   O3   sing N N 292 
SO4 S   O4   sing N N 293 
THR N   CA   sing N N 294 
THR N   H    sing N N 295 
THR N   H2   sing N N 296 
THR CA  C    sing N N 297 
THR CA  CB   sing N N 298 
THR CA  HA   sing N N 299 
THR C   O    doub N N 300 
THR C   OXT  sing N N 301 
THR CB  OG1  sing N N 302 
THR CB  CG2  sing N N 303 
THR CB  HB   sing N N 304 
THR OG1 HG1  sing N N 305 
THR CG2 HG21 sing N N 306 
THR CG2 HG22 sing N N 307 
THR CG2 HG23 sing N N 308 
THR OXT HXT  sing N N 309 
TYR N   CA   sing N N 310 
TYR N   H    sing N N 311 
TYR N   H2   sing N N 312 
TYR CA  C    sing N N 313 
TYR CA  CB   sing N N 314 
TYR CA  HA   sing N N 315 
TYR C   O    doub N N 316 
TYR C   OXT  sing N N 317 
TYR CB  CG   sing N N 318 
TYR CB  HB2  sing N N 319 
TYR CB  HB3  sing N N 320 
TYR CG  CD1  doub Y N 321 
TYR CG  CD2  sing Y N 322 
TYR CD1 CE1  sing Y N 323 
TYR CD1 HD1  sing N N 324 
TYR CD2 CE2  doub Y N 325 
TYR CD2 HD2  sing N N 326 
TYR CE1 CZ   doub Y N 327 
TYR CE1 HE1  sing N N 328 
TYR CE2 CZ   sing Y N 329 
TYR CE2 HE2  sing N N 330 
TYR CZ  OH   sing N N 331 
TYR OH  HH   sing N N 332 
TYR OXT HXT  sing N N 333 
VAL N   CA   sing N N 334 
VAL N   H    sing N N 335 
VAL N   H2   sing N N 336 
VAL CA  C    sing N N 337 
VAL CA  CB   sing N N 338 
VAL CA  HA   sing N N 339 
VAL C   O    doub N N 340 
VAL C   OXT  sing N N 341 
VAL CB  CG1  sing N N 342 
VAL CB  CG2  sing N N 343 
VAL CB  HB   sing N N 344 
VAL CG1 HG11 sing N N 345 
VAL CG1 HG12 sing N N 346 
VAL CG1 HG13 sing N N 347 
VAL CG2 HG21 sing N N 348 
VAL CG2 HG22 sing N N 349 
VAL CG2 HG23 sing N N 350 
VAL OXT HXT  sing N N 351 
# 
loop_
_pdbx_entity_nonpoly.entity_id 
_pdbx_entity_nonpoly.name 
_pdbx_entity_nonpoly.comp_id 
2 'SULFATE ION' SO4 
3 water         HOH 
# 
_pdbx_initial_refinement_model.id               1 
_pdbx_initial_refinement_model.entity_id_list   ? 
_pdbx_initial_refinement_model.type             'experimental model' 
_pdbx_initial_refinement_model.source_name      PDB 
_pdbx_initial_refinement_model.accession_code   1VUB 
_pdbx_initial_refinement_model.details          'CcdB from monomer A (1VUB)' 
# 
